data_9FHZ
#
_entry.id   9FHZ
#
_cell.length_a   198.421
_cell.length_b   88.652
_cell.length_c   147.307
_cell.angle_alpha   90.000
_cell.angle_beta   120.419
_cell.angle_gamma   90.000
#
_symmetry.space_group_name_H-M   'C 1 2 1'
#
loop_
_entity.id
_entity.type
_entity.pdbx_description
1 polymer 'Alginate lyase family protein'
2 branched '4-deoxy-alpha-L-erythro-hex-4-enopyranuronic acid-(1-4)-alpha-L-gulopyranuronic acid-(1-4)-alpha-L-gulopyranuronic acid'
3 branched 'alpha-L-gulopyranuronic acid-(1-4)-alpha-L-gulopyranuronic acid-(1-4)-alpha-L-gulopyranuronic acid'
4 branched '4-deoxy-alpha-L-erythro-hex-4-enopyranuronic acid-(1-4)-alpha-L-gulopyranuronic acid'
5 non-polymer GLYCEROL
6 water water
#
_entity_poly.entity_id   1
_entity_poly.type   'polypeptide(L)'
_entity_poly.pdbx_seq_one_letter_code
;MGSSHHHHHHSSGLVPRGSHMASAPLGPFNATLLEQLKNDYQKGEKEVTRYIELQEKVAEKYIKMTPLSVTAKKKLPPSK
DPRDYMTLSPYWWPDSTKIDGLPYIRKDGERNPEVYEYPERENANRFGDAAYCLGVLYYITGKEVYAKACANHLRTWFTD
PKLGMNPNMTYAQAVPGMKKMRGSGFIDSRRFSRALGVAKLIEGSKSWTPSDKKKLDDWATAFCYWMENSTQGQRESHAA
NNHGLWYEAIHLMVLAYLDRTDRIREVAEQSILPKMGAQIADDGSLPQELKRTLSLHYSTFALEALMEANQITSQIGINL
WSTPASNGKVASQAVDYLYPFYLNPEDWKFKQIKPFDQSRAAILLYEAGTALGNQKYVDTAKRIGLKYSTSDVETIPYLV
LKKK
;
_entity_poly.pdbx_strand_id   A,B,C,D
#
loop_
_chem_comp.id
_chem_comp.type
_chem_comp.name
_chem_comp.formula
GOL non-polymer GLYCEROL 'C3 H8 O3'
LGU L-saccharide, alpha linking 'alpha-L-gulopyranuronic acid' 'C6 H10 O7'
MAW L-saccharide, alpha linking '4-deoxy-alpha-L-erythro-hex-4-enopyranuronic acid' 'C6 H8 O6'
#
# COMPACT_ATOMS: atom_id res chain seq x y z
N ALA A 24 43.00 -8.13 -39.07
CA ALA A 24 42.58 -9.22 -38.20
C ALA A 24 41.32 -9.84 -38.77
N PRO A 25 41.12 -11.14 -38.49
CA PRO A 25 39.86 -11.77 -38.89
C PRO A 25 38.68 -11.15 -38.14
N LEU A 26 37.52 -11.21 -38.77
CA LEU A 26 36.30 -10.72 -38.17
C LEU A 26 36.01 -11.46 -36.87
N GLY A 27 35.83 -10.71 -35.79
CA GLY A 27 35.53 -11.31 -34.50
C GLY A 27 35.20 -10.33 -33.40
N PRO A 28 34.94 -10.85 -32.19
CA PRO A 28 34.43 -10.04 -31.06
C PRO A 28 35.53 -9.40 -30.22
N PHE A 29 36.12 -8.33 -30.76
CA PHE A 29 37.25 -7.67 -30.12
C PHE A 29 37.47 -6.37 -30.86
N ASN A 30 38.18 -5.45 -30.22
CA ASN A 30 38.61 -4.24 -30.91
C ASN A 30 39.74 -4.62 -31.86
N ALA A 31 39.41 -4.76 -33.14
CA ALA A 31 40.40 -5.21 -34.11
C ALA A 31 41.54 -4.20 -34.28
N THR A 32 41.22 -2.90 -34.22
CA THR A 32 42.26 -1.88 -34.36
C THR A 32 43.29 -2.02 -33.25
N LEU A 33 42.83 -2.24 -32.01
CA LEU A 33 43.79 -2.40 -30.93
C LEU A 33 44.56 -3.71 -31.03
N LEU A 34 43.93 -4.80 -31.48
CA LEU A 34 44.67 -6.07 -31.61
C LEU A 34 45.73 -6.00 -32.70
N GLU A 35 45.37 -5.45 -33.86
CA GLU A 35 46.33 -5.26 -34.94
C GLU A 35 47.48 -4.40 -34.48
N GLN A 36 47.18 -3.34 -33.72
CA GLN A 36 48.22 -2.48 -33.20
C GLN A 36 49.15 -3.21 -32.26
N LEU A 37 48.60 -4.06 -31.38
CA LEU A 37 49.45 -4.82 -30.46
C LEU A 37 50.34 -5.80 -31.19
N LYS A 38 49.77 -6.53 -32.16
CA LYS A 38 50.55 -7.53 -32.90
C LYS A 38 51.70 -6.89 -33.66
N ASN A 39 51.42 -5.76 -34.31
CA ASN A 39 52.43 -5.07 -35.10
C ASN A 39 53.58 -4.58 -34.22
N ASP A 40 53.25 -3.89 -33.13
CA ASP A 40 54.30 -3.43 -32.21
C ASP A 40 55.08 -4.61 -31.61
N TYR A 41 54.39 -5.71 -31.27
CA TYR A 41 55.09 -6.88 -30.75
C TYR A 41 56.04 -7.46 -31.79
N GLN A 42 55.61 -7.51 -33.04
CA GLN A 42 56.47 -8.06 -34.08
C GLN A 42 57.66 -7.16 -34.39
N LYS A 43 57.51 -5.84 -34.25
CA LYS A 43 58.63 -4.91 -34.40
C LYS A 43 59.54 -4.88 -33.17
N GLY A 44 59.21 -5.61 -32.11
CA GLY A 44 60.02 -5.57 -30.91
C GLY A 44 59.84 -4.35 -30.05
N GLU A 45 58.73 -3.63 -30.21
CA GLU A 45 58.48 -2.44 -29.43
C GLU A 45 58.50 -2.79 -27.94
N LYS A 46 59.28 -2.05 -27.17
CA LYS A 46 59.62 -2.48 -25.82
C LYS A 46 58.41 -2.50 -24.89
N GLU A 47 57.64 -1.41 -24.89
CA GLU A 47 56.48 -1.31 -24.00
C GLU A 47 55.46 -2.40 -24.30
N VAL A 48 55.18 -2.66 -25.58
CA VAL A 48 54.21 -3.68 -25.95
C VAL A 48 54.80 -5.08 -25.71
N THR A 49 56.08 -5.27 -26.01
CA THR A 49 56.72 -6.56 -25.77
C THR A 49 56.65 -6.93 -24.30
N ARG A 50 56.97 -5.97 -23.42
CA ARG A 50 56.85 -6.20 -21.97
C ARG A 50 55.40 -6.48 -21.59
N TYR A 51 54.47 -5.69 -22.14
CA TYR A 51 53.05 -5.90 -21.83
C TYR A 51 52.61 -7.31 -22.24
N ILE A 52 52.94 -7.73 -23.46
CA ILE A 52 52.56 -9.08 -23.91
C ILE A 52 53.27 -10.16 -23.11
N GLU A 53 54.49 -9.90 -22.65
CA GLU A 53 55.18 -10.89 -21.82
C GLU A 53 54.48 -11.05 -20.46
N LEU A 54 53.98 -9.94 -19.89
CA LEU A 54 53.11 -10.05 -18.72
C LEU A 54 51.88 -10.91 -19.01
N GLN A 55 51.18 -10.64 -20.12
CA GLN A 55 50.00 -11.42 -20.49
C GLN A 55 50.33 -12.89 -20.67
N GLU A 56 51.52 -13.21 -21.17
CA GLU A 56 51.91 -14.61 -21.31
C GLU A 56 52.05 -15.27 -19.96
N LYS A 57 52.57 -14.53 -18.96
CA LYS A 57 52.62 -15.05 -17.59
C LYS A 57 51.22 -15.31 -17.05
N VAL A 58 50.30 -14.39 -17.33
CA VAL A 58 48.90 -14.57 -16.93
C VAL A 58 48.31 -15.80 -17.62
N ALA A 59 48.61 -15.98 -18.91
CA ALA A 59 47.96 -17.04 -19.68
C ALA A 59 48.48 -18.43 -19.35
N GLU A 60 49.56 -18.55 -18.57
CA GLU A 60 50.12 -19.87 -18.30
C GLU A 60 49.09 -20.77 -17.62
N LYS A 61 48.27 -20.22 -16.74
CA LYS A 61 47.29 -21.04 -16.05
C LYS A 61 46.29 -21.68 -17.03
N TYR A 62 46.01 -21.00 -18.14
CA TYR A 62 45.07 -21.55 -19.12
C TYR A 62 45.71 -22.64 -19.96
N ILE A 63 47.02 -22.63 -20.11
CA ILE A 63 47.68 -23.74 -20.76
C ILE A 63 47.53 -25.02 -19.93
N LYS A 64 47.59 -24.89 -18.60
CA LYS A 64 47.53 -26.02 -17.69
C LYS A 64 46.12 -26.45 -17.34
N MET A 65 45.16 -25.56 -17.49
CA MET A 65 43.79 -25.77 -17.06
C MET A 65 43.14 -26.92 -17.84
N THR A 66 42.57 -27.88 -17.10
CA THR A 66 41.79 -28.93 -17.75
C THR A 66 40.53 -28.35 -18.40
N PRO A 67 40.26 -28.68 -19.66
CA PRO A 67 39.05 -28.15 -20.32
C PRO A 67 37.78 -28.55 -19.61
N LEU A 68 36.88 -27.58 -19.49
CA LEU A 68 35.59 -27.75 -18.85
C LEU A 68 34.57 -28.22 -19.88
N SER A 69 33.51 -28.83 -19.37
CA SER A 69 32.39 -29.33 -20.16
C SER A 69 31.08 -29.04 -19.46
N VAL A 70 30.06 -28.68 -20.25
CA VAL A 70 28.73 -28.46 -19.70
C VAL A 70 28.18 -29.73 -19.05
N THR A 71 28.70 -30.91 -19.41
CA THR A 71 28.20 -32.17 -18.87
C THR A 71 28.63 -32.43 -17.43
N ALA A 72 29.48 -31.58 -16.84
CA ALA A 72 30.01 -31.84 -15.50
C ALA A 72 29.05 -31.37 -14.40
N LYS A 73 27.85 -31.97 -14.41
CA LYS A 73 26.82 -31.69 -13.42
C LYS A 73 26.21 -32.99 -12.95
N LYS A 74 25.65 -32.98 -11.74
CA LYS A 74 24.89 -34.11 -11.20
C LYS A 74 23.40 -33.99 -11.50
N LYS A 75 22.79 -32.85 -11.17
CA LYS A 75 21.36 -32.66 -11.42
C LYS A 75 21.15 -32.39 -12.91
N LEU A 76 20.45 -33.29 -13.59
CA LEU A 76 20.25 -33.18 -15.03
C LEU A 76 19.08 -32.27 -15.37
N PRO A 77 19.04 -31.74 -16.58
CA PRO A 77 17.88 -30.95 -17.00
C PRO A 77 16.70 -31.84 -17.34
N PRO A 78 15.51 -31.27 -17.55
CA PRO A 78 14.34 -32.10 -17.88
C PRO A 78 14.49 -32.93 -19.15
N SER A 79 15.45 -32.62 -20.02
CA SER A 79 15.70 -33.47 -21.18
C SER A 79 16.42 -34.76 -20.83
N LYS A 80 16.97 -34.87 -19.61
CA LYS A 80 17.83 -35.96 -19.18
C LYS A 80 19.16 -35.96 -19.91
N ASP A 81 19.54 -34.84 -20.54
CA ASP A 81 20.75 -34.81 -21.33
C ASP A 81 21.78 -33.92 -20.65
N PRO A 82 22.87 -34.47 -20.13
CA PRO A 82 23.90 -33.63 -19.50
C PRO A 82 24.52 -32.62 -20.47
N ARG A 83 24.38 -32.81 -21.78
CA ARG A 83 24.91 -31.86 -22.75
C ARG A 83 24.03 -30.63 -22.95
N ASP A 84 22.85 -30.58 -22.32
CA ASP A 84 22.01 -29.37 -22.35
C ASP A 84 22.46 -28.40 -21.26
N TYR A 85 22.76 -27.16 -21.67
CA TYR A 85 23.07 -26.11 -20.73
C TYR A 85 21.84 -25.80 -19.87
N MET A 86 22.03 -25.71 -18.55
CA MET A 86 20.94 -25.36 -17.64
C MET A 86 21.47 -24.49 -16.52
N THR A 87 20.78 -23.37 -16.26
CA THR A 87 21.09 -22.51 -15.12
C THR A 87 19.79 -22.05 -14.47
N LEU A 88 19.94 -21.51 -13.28
CA LEU A 88 18.84 -20.89 -12.56
C LEU A 88 18.84 -19.39 -12.85
N SER A 89 17.66 -18.85 -13.14
CA SER A 89 17.54 -17.42 -13.34
C SER A 89 17.90 -16.71 -12.04
N PRO A 90 18.86 -15.78 -12.05
CA PRO A 90 19.56 -15.43 -10.80
C PRO A 90 18.71 -14.70 -9.78
N TYR A 91 17.61 -14.03 -10.17
CA TYR A 91 16.85 -13.22 -9.23
C TYR A 91 15.62 -13.93 -8.67
N TRP A 92 15.53 -15.25 -8.83
CA TRP A 92 14.37 -16.04 -8.42
C TRP A 92 14.75 -16.91 -7.22
N TRP A 93 13.93 -16.83 -6.17
CA TRP A 93 14.16 -17.37 -4.84
C TRP A 93 12.99 -18.27 -4.41
N PRO A 94 13.24 -19.28 -3.57
CA PRO A 94 12.11 -20.03 -3.00
C PRO A 94 11.24 -19.10 -2.17
N ASP A 95 9.95 -19.36 -2.20
CA ASP A 95 8.97 -18.59 -1.44
C ASP A 95 8.78 -19.27 -0.07
N SER A 96 9.28 -18.63 0.98
CA SER A 96 9.26 -19.23 2.31
C SER A 96 7.85 -19.53 2.80
N THR A 97 6.83 -18.83 2.29
CA THR A 97 5.45 -19.08 2.68
C THR A 97 4.80 -20.24 1.95
N LYS A 98 5.53 -20.94 1.09
CA LYS A 98 5.03 -22.14 0.45
C LYS A 98 5.71 -23.35 1.04
N ILE A 99 4.96 -24.43 1.22
CA ILE A 99 5.49 -25.59 1.94
C ILE A 99 6.73 -26.14 1.23
N ASP A 100 6.70 -26.15 -0.11
CA ASP A 100 7.86 -26.61 -0.86
C ASP A 100 8.62 -25.44 -1.49
N GLY A 101 8.30 -24.21 -1.14
CA GLY A 101 9.00 -23.07 -1.67
C GLY A 101 8.64 -22.71 -3.10
N LEU A 102 7.72 -23.46 -3.74
CA LEU A 102 7.31 -23.35 -5.12
C LEU A 102 5.97 -22.61 -5.24
N PRO A 103 5.80 -21.78 -6.27
CA PRO A 103 6.80 -21.41 -7.27
C PRO A 103 7.76 -20.34 -6.76
N TYR A 104 8.99 -20.32 -7.28
CA TYR A 104 9.95 -19.29 -6.92
C TYR A 104 9.40 -17.90 -7.25
N ILE A 105 9.90 -16.89 -6.53
CA ILE A 105 9.45 -15.52 -6.69
C ILE A 105 10.66 -14.65 -6.99
N ARG A 106 10.38 -13.51 -7.59
CA ARG A 106 11.42 -12.64 -8.15
C ARG A 106 11.79 -11.53 -7.17
N LYS A 107 13.09 -11.33 -6.96
CA LYS A 107 13.63 -10.23 -6.16
C LYS A 107 14.67 -9.56 -7.06
N ASP A 108 14.24 -8.56 -7.83
CA ASP A 108 15.13 -7.97 -8.83
C ASP A 108 16.40 -7.45 -8.16
N GLY A 109 17.54 -7.85 -8.71
CA GLY A 109 18.83 -7.40 -8.23
C GLY A 109 19.45 -8.19 -7.10
N GLU A 110 18.76 -9.20 -6.58
CA GLU A 110 19.27 -10.03 -5.49
C GLU A 110 19.59 -11.40 -6.04
N ARG A 111 20.88 -11.68 -6.23
CA ARG A 111 21.30 -12.94 -6.83
C ARG A 111 21.11 -14.07 -5.81
N ASN A 112 20.30 -15.07 -6.17
CA ASN A 112 20.07 -16.24 -5.32
C ASN A 112 21.30 -17.15 -5.38
N PRO A 113 21.99 -17.40 -4.25
CA PRO A 113 23.20 -18.25 -4.28
C PRO A 113 22.96 -19.66 -4.79
N GLU A 114 21.71 -20.10 -4.87
CA GLU A 114 21.41 -21.36 -5.53
C GLU A 114 21.92 -21.40 -6.96
N VAL A 115 22.20 -20.24 -7.57
CA VAL A 115 22.73 -20.24 -8.94
C VAL A 115 24.02 -21.03 -9.02
N TYR A 116 24.81 -21.06 -7.93
CA TYR A 116 26.09 -21.77 -7.97
C TYR A 116 25.92 -23.28 -7.88
N GLU A 117 24.68 -23.78 -7.77
CA GLU A 117 24.42 -25.22 -7.84
C GLU A 117 24.45 -25.75 -9.27
N TYR A 118 24.45 -24.87 -10.27
CA TYR A 118 24.50 -25.27 -11.67
C TYR A 118 25.91 -25.00 -12.20
N PRO A 119 26.75 -26.02 -12.34
CA PRO A 119 28.19 -25.76 -12.58
C PRO A 119 28.45 -24.94 -13.84
N GLU A 120 27.61 -25.04 -14.88
CA GLU A 120 27.93 -24.33 -16.11
C GLU A 120 27.77 -22.82 -15.99
N ARG A 121 27.16 -22.31 -14.93
CA ARG A 121 27.10 -20.86 -14.78
C ARG A 121 28.51 -20.28 -14.68
N GLU A 122 29.33 -20.82 -13.79
CA GLU A 122 30.69 -20.33 -13.64
C GLU A 122 31.65 -21.01 -14.61
N ASN A 123 31.36 -22.26 -15.00
CA ASN A 123 32.30 -22.91 -15.92
C ASN A 123 32.25 -22.32 -17.32
N ALA A 124 31.08 -21.87 -17.79
CA ALA A 124 31.02 -21.18 -19.08
C ALA A 124 31.85 -19.90 -19.05
N ASN A 125 31.87 -19.21 -17.91
CA ASN A 125 32.71 -18.03 -17.74
C ASN A 125 34.19 -18.40 -17.76
N ARG A 126 34.56 -19.46 -17.02
CA ARG A 126 35.97 -19.88 -16.97
C ARG A 126 36.45 -20.36 -18.34
N PHE A 127 35.66 -21.18 -19.02
CA PHE A 127 35.96 -21.58 -20.39
C PHE A 127 36.12 -20.37 -21.31
N GLY A 128 35.14 -19.47 -21.31
CA GLY A 128 35.22 -18.31 -22.19
C GLY A 128 36.47 -17.48 -21.98
N ASP A 129 36.82 -17.21 -20.71
CA ASP A 129 38.05 -16.49 -20.41
C ASP A 129 39.27 -17.23 -20.95
N ALA A 130 39.37 -18.53 -20.67
CA ALA A 130 40.53 -19.29 -21.11
C ALA A 130 40.68 -19.24 -22.63
N ALA A 131 39.61 -19.55 -23.36
CA ALA A 131 39.70 -19.60 -24.83
C ALA A 131 39.94 -18.21 -25.41
N TYR A 132 39.33 -17.19 -24.82
CA TYR A 132 39.51 -15.84 -25.34
C TYR A 132 40.96 -15.40 -25.16
N CYS A 133 41.49 -15.56 -23.95
CA CYS A 133 42.89 -15.22 -23.69
C CYS A 133 43.81 -15.97 -24.63
N LEU A 134 43.64 -17.29 -24.74
CA LEU A 134 44.59 -18.09 -25.53
C LEU A 134 44.53 -17.75 -27.01
N GLY A 135 43.32 -17.58 -27.55
CA GLY A 135 43.19 -17.22 -28.97
C GLY A 135 43.78 -15.85 -29.29
N VAL A 136 43.51 -14.86 -28.44
CA VAL A 136 44.10 -13.53 -28.63
C VAL A 136 45.63 -13.58 -28.57
N LEU A 137 46.18 -14.34 -27.63
CA LEU A 137 47.64 -14.40 -27.51
C LEU A 137 48.27 -15.13 -28.69
N TYR A 138 47.56 -16.12 -29.26
CA TYR A 138 48.03 -16.72 -30.51
C TYR A 138 48.02 -15.72 -31.65
N TYR A 139 46.99 -14.89 -31.74
CA TYR A 139 46.96 -13.90 -32.80
C TYR A 139 48.12 -12.90 -32.65
N ILE A 140 48.44 -12.51 -31.42
CA ILE A 140 49.46 -11.49 -31.23
C ILE A 140 50.86 -12.08 -31.42
N THR A 141 51.12 -13.25 -30.83
CA THR A 141 52.48 -13.81 -30.79
C THR A 141 52.74 -14.83 -31.88
N GLY A 142 51.70 -15.50 -32.37
CA GLY A 142 51.91 -16.60 -33.29
C GLY A 142 52.41 -17.88 -32.66
N LYS A 143 52.50 -17.96 -31.33
CA LYS A 143 53.02 -19.16 -30.67
C LYS A 143 51.98 -20.27 -30.72
N GLU A 144 52.37 -21.40 -31.32
CA GLU A 144 51.48 -22.54 -31.48
C GLU A 144 50.96 -23.04 -30.14
N VAL A 145 51.74 -22.90 -29.06
CA VAL A 145 51.28 -23.39 -27.76
C VAL A 145 49.94 -22.77 -27.39
N TYR A 146 49.69 -21.53 -27.81
CA TYR A 146 48.44 -20.89 -27.45
C TYR A 146 47.28 -21.42 -28.28
N ALA A 147 47.50 -21.66 -29.57
CA ALA A 147 46.46 -22.24 -30.41
C ALA A 147 46.13 -23.66 -29.97
N LYS A 148 47.15 -24.45 -29.60
CA LYS A 148 46.92 -25.82 -29.16
C LYS A 148 46.02 -25.86 -27.94
N ALA A 149 46.33 -25.03 -26.94
CA ALA A 149 45.50 -24.95 -25.74
C ALA A 149 44.13 -24.35 -26.04
N CYS A 150 44.06 -23.29 -26.87
CA CYS A 150 42.76 -22.77 -27.23
C CYS A 150 41.89 -23.86 -27.84
N ALA A 151 42.48 -24.64 -28.76
CA ALA A 151 41.75 -25.70 -29.46
C ALA A 151 41.22 -26.75 -28.49
N ASN A 152 42.02 -27.09 -27.47
CA ASN A 152 41.58 -28.09 -26.50
C ASN A 152 40.34 -27.60 -25.75
N HIS A 153 40.33 -26.33 -25.35
CA HIS A 153 39.15 -25.79 -24.68
C HIS A 153 37.94 -25.77 -25.62
N LEU A 154 38.16 -25.32 -26.86
CA LEU A 154 37.07 -25.21 -27.84
C LEU A 154 36.46 -26.56 -28.19
N ARG A 155 37.30 -27.55 -28.48
CA ARG A 155 36.79 -28.87 -28.85
C ARG A 155 35.93 -29.46 -27.75
N THR A 156 36.38 -29.33 -26.51
CA THR A 156 35.70 -29.93 -25.37
C THR A 156 34.39 -29.23 -25.05
N TRP A 157 34.37 -27.89 -25.11
CA TRP A 157 33.16 -27.16 -24.76
C TRP A 157 32.10 -27.28 -25.85
N PHE A 158 32.51 -27.21 -27.13
CA PHE A 158 31.57 -27.11 -28.25
C PHE A 158 31.31 -28.43 -28.97
N THR A 159 32.35 -29.11 -29.48
CA THR A 159 32.14 -30.10 -30.54
C THR A 159 32.28 -31.56 -30.10
N ASP A 160 32.89 -31.85 -28.96
CA ASP A 160 33.12 -33.24 -28.57
C ASP A 160 31.79 -34.00 -28.51
N PRO A 161 31.69 -35.19 -29.14
CA PRO A 161 30.40 -35.89 -29.21
C PRO A 161 29.89 -36.37 -27.86
N LYS A 162 30.72 -36.37 -26.83
CA LYS A 162 30.28 -36.70 -25.48
C LYS A 162 30.28 -35.50 -24.54
N LEU A 163 31.30 -34.64 -24.61
CA LEU A 163 31.47 -33.56 -23.64
C LEU A 163 30.96 -32.20 -24.13
N GLY A 164 30.77 -32.01 -25.42
CA GLY A 164 30.36 -30.72 -25.93
C GLY A 164 28.88 -30.45 -25.68
N MET A 165 28.55 -29.17 -25.52
CA MET A 165 27.17 -28.78 -25.25
C MET A 165 26.28 -28.87 -26.50
N ASN A 166 25.02 -29.21 -26.29
CA ASN A 166 24.06 -29.14 -27.39
C ASN A 166 23.88 -27.68 -27.81
N PRO A 167 23.72 -27.43 -29.10
CA PRO A 167 23.60 -26.05 -29.61
C PRO A 167 22.20 -25.48 -29.38
N ASN A 168 21.84 -25.27 -28.11
CA ASN A 168 20.56 -24.66 -27.75
C ASN A 168 20.74 -23.97 -26.40
N MET A 169 19.79 -23.09 -26.04
CA MET A 169 19.74 -22.58 -24.66
C MET A 169 18.35 -22.81 -24.05
N THR A 170 17.79 -23.99 -24.32
CA THR A 170 16.45 -24.31 -23.85
C THR A 170 16.30 -24.15 -22.35
N TYR A 171 17.28 -24.63 -21.57
CA TYR A 171 17.13 -24.68 -20.12
C TYR A 171 17.95 -23.61 -19.42
N ALA A 172 18.40 -22.60 -20.16
CA ALA A 172 19.12 -21.51 -19.54
C ALA A 172 18.16 -20.66 -18.73
N GLN A 173 18.59 -20.29 -17.51
CA GLN A 173 17.81 -19.50 -16.55
C GLN A 173 16.39 -20.05 -16.40
N ALA A 174 16.31 -21.37 -16.24
CA ALA A 174 15.06 -21.99 -15.81
C ALA A 174 14.70 -21.47 -14.42
N VAL A 175 13.40 -21.57 -14.09
CA VAL A 175 12.89 -21.10 -12.81
C VAL A 175 11.99 -22.19 -12.23
N PRO A 176 12.29 -22.72 -11.05
CA PRO A 176 11.44 -23.76 -10.46
C PRO A 176 10.02 -23.29 -10.24
N GLY A 177 9.06 -24.12 -10.69
CA GLY A 177 7.66 -23.81 -10.58
C GLY A 177 7.11 -22.92 -11.67
N MET A 178 7.97 -22.27 -12.46
CA MET A 178 7.45 -21.40 -13.51
C MET A 178 6.76 -22.23 -14.58
N LYS A 179 5.59 -21.77 -15.00
CA LYS A 179 4.77 -22.56 -15.92
C LYS A 179 5.18 -22.29 -17.37
N LYS A 180 5.43 -21.03 -17.70
CA LYS A 180 5.74 -20.61 -19.06
C LYS A 180 7.22 -20.77 -19.40
N MET A 181 7.46 -21.07 -20.67
CA MET A 181 8.79 -21.04 -21.23
C MET A 181 9.27 -19.60 -21.40
N ARG A 182 10.55 -19.35 -21.15
CA ARG A 182 11.10 -18.04 -21.39
C ARG A 182 12.39 -18.15 -22.19
N GLY A 183 12.70 -17.09 -22.93
CA GLY A 183 13.96 -17.00 -23.62
C GLY A 183 14.99 -16.15 -22.91
N SER A 184 14.66 -15.64 -21.71
CA SER A 184 15.54 -14.70 -21.02
C SER A 184 16.90 -15.31 -20.70
N GLY A 185 16.99 -16.64 -20.56
CA GLY A 185 18.28 -17.23 -20.25
C GLY A 185 19.28 -17.15 -21.39
N PHE A 186 18.84 -16.80 -22.60
CA PHE A 186 19.75 -16.75 -23.74
C PHE A 186 20.93 -15.82 -23.49
N ILE A 187 20.73 -14.77 -22.69
CA ILE A 187 21.79 -13.81 -22.40
C ILE A 187 23.02 -14.48 -21.79
N ASP A 188 22.84 -15.67 -21.18
CA ASP A 188 23.99 -16.42 -20.68
C ASP A 188 24.97 -16.80 -21.80
N SER A 189 24.51 -16.82 -23.05
CA SER A 189 25.36 -17.25 -24.17
C SER A 189 26.56 -16.33 -24.40
N ARG A 190 26.49 -15.06 -23.97
CA ARG A 190 27.58 -14.15 -24.26
C ARG A 190 28.89 -14.62 -23.65
N ARG A 191 28.80 -15.46 -22.63
CA ARG A 191 30.00 -15.94 -21.96
CA ARG A 191 30.01 -15.94 -21.98
C ARG A 191 30.78 -16.94 -22.82
N PHE A 192 30.09 -17.71 -23.67
CA PHE A 192 30.81 -18.61 -24.58
C PHE A 192 30.74 -18.20 -26.05
N SER A 193 29.86 -17.26 -26.43
CA SER A 193 29.85 -16.86 -27.83
C SER A 193 31.08 -16.01 -28.19
N ARG A 194 31.67 -15.32 -27.21
CA ARG A 194 32.95 -14.63 -27.45
C ARG A 194 34.05 -15.64 -27.74
N ALA A 195 34.02 -16.79 -27.06
CA ALA A 195 35.01 -17.82 -27.33
C ALA A 195 34.81 -18.42 -28.71
N LEU A 196 33.55 -18.59 -29.14
CA LEU A 196 33.30 -19.06 -30.50
C LEU A 196 33.96 -18.12 -31.51
N GLY A 197 33.77 -16.83 -31.34
CA GLY A 197 34.32 -15.86 -32.28
C GLY A 197 35.83 -15.86 -32.33
N VAL A 198 36.49 -16.01 -31.18
CA VAL A 198 37.96 -15.98 -31.14
C VAL A 198 38.54 -17.23 -31.80
N ALA A 199 37.76 -18.31 -31.94
CA ALA A 199 38.23 -19.48 -32.66
C ALA A 199 38.70 -19.15 -34.06
N LYS A 200 38.12 -18.13 -34.68
CA LYS A 200 38.58 -17.67 -35.99
C LYS A 200 40.05 -17.29 -35.95
N LEU A 201 40.55 -16.84 -34.79
CA LEU A 201 41.94 -16.42 -34.68
C LEU A 201 42.92 -17.59 -34.73
N ILE A 202 42.48 -18.81 -34.42
CA ILE A 202 43.39 -19.95 -34.44
C ILE A 202 43.28 -20.77 -35.70
N GLU A 203 42.45 -20.34 -36.66
CA GLU A 203 42.45 -20.99 -37.95
C GLU A 203 43.80 -20.75 -38.63
N GLY A 204 44.30 -21.79 -39.30
CA GLY A 204 45.60 -21.73 -39.91
C GLY A 204 46.72 -22.23 -39.04
N SER A 205 46.49 -22.36 -37.73
CA SER A 205 47.45 -23.01 -36.86
C SER A 205 47.55 -24.51 -37.19
N LYS A 206 48.62 -25.13 -36.71
CA LYS A 206 48.75 -26.56 -36.90
C LYS A 206 47.77 -27.34 -36.03
N SER A 207 47.38 -26.76 -34.89
CA SER A 207 46.56 -27.46 -33.89
C SER A 207 45.07 -27.47 -34.28
N TRP A 208 44.61 -26.48 -35.04
CA TRP A 208 43.20 -26.37 -35.43
C TRP A 208 43.04 -26.94 -36.84
N THR A 209 42.64 -28.22 -36.93
CA THR A 209 42.60 -28.90 -38.21
C THR A 209 41.36 -28.51 -39.01
N PRO A 210 41.34 -28.82 -40.31
CA PRO A 210 40.10 -28.63 -41.08
C PRO A 210 38.93 -29.38 -40.50
N SER A 211 39.18 -30.56 -39.91
CA SER A 211 38.12 -31.31 -39.25
C SER A 211 37.61 -30.58 -37.99
N ASP A 212 38.51 -29.96 -37.22
CA ASP A 212 38.06 -29.15 -36.08
C ASP A 212 37.16 -28.00 -36.56
N LYS A 213 37.61 -27.28 -37.60
CA LYS A 213 36.86 -26.15 -38.12
C LYS A 213 35.50 -26.58 -38.66
N LYS A 214 35.45 -27.70 -39.39
CA LYS A 214 34.17 -28.12 -39.95
C LYS A 214 33.16 -28.40 -38.84
N LYS A 215 33.59 -29.13 -37.78
CA LYS A 215 32.69 -29.44 -36.68
C LYS A 215 32.21 -28.17 -35.97
N LEU A 216 33.10 -27.20 -35.77
CA LEU A 216 32.70 -25.96 -35.10
C LEU A 216 31.85 -25.08 -36.02
N ASP A 217 32.16 -25.04 -37.32
CA ASP A 217 31.25 -24.41 -38.27
C ASP A 217 29.86 -25.05 -38.16
N ASP A 218 29.80 -26.38 -38.07
CA ASP A 218 28.49 -27.05 -38.03
C ASP A 218 27.76 -26.78 -36.73
N TRP A 219 28.49 -26.76 -35.61
CA TRP A 219 27.89 -26.40 -34.33
C TRP A 219 27.30 -25.00 -34.38
N ALA A 220 28.10 -24.04 -34.85
CA ALA A 220 27.67 -22.64 -34.87
C ALA A 220 26.48 -22.44 -35.80
N THR A 221 26.46 -23.17 -36.92
CA THR A 221 25.30 -23.16 -37.80
C THR A 221 24.04 -23.66 -37.10
N ALA A 222 24.16 -24.75 -36.34
CA ALA A 222 23.04 -25.25 -35.54
C ALA A 222 22.69 -24.30 -34.40
N PHE A 223 23.69 -23.69 -33.75
CA PHE A 223 23.36 -22.74 -32.71
C PHE A 223 22.66 -21.51 -33.31
N CYS A 224 23.14 -21.05 -34.47
CA CYS A 224 22.51 -19.92 -35.12
C CYS A 224 21.08 -20.25 -35.53
N TYR A 225 20.86 -21.48 -36.03
CA TYR A 225 19.51 -21.91 -36.38
C TYR A 225 18.58 -21.88 -35.18
N TRP A 226 19.01 -22.47 -34.05
CA TRP A 226 18.20 -22.48 -32.83
C TRP A 226 17.89 -21.04 -32.37
N MET A 227 18.91 -20.16 -32.36
CA MET A 227 18.80 -18.74 -31.99
C MET A 227 17.72 -18.01 -32.76
N GLU A 228 17.68 -18.27 -34.07
CA GLU A 228 16.83 -17.51 -34.97
C GLU A 228 15.43 -18.10 -35.09
N ASN A 229 15.27 -19.41 -34.92
CA ASN A 229 14.00 -20.08 -35.23
C ASN A 229 13.28 -20.68 -34.02
N SER A 230 13.99 -21.04 -32.94
CA SER A 230 13.26 -21.49 -31.78
C SER A 230 12.39 -20.33 -31.24
N THR A 231 11.29 -20.70 -30.58
CA THR A 231 10.43 -19.71 -29.96
C THR A 231 11.17 -18.88 -28.94
N GLN A 232 11.98 -19.52 -28.10
CA GLN A 232 12.75 -18.79 -27.10
C GLN A 232 13.69 -17.81 -27.77
N GLY A 233 14.35 -18.25 -28.84
CA GLY A 233 15.20 -17.35 -29.60
C GLY A 233 14.43 -16.20 -30.20
N GLN A 234 13.26 -16.50 -30.81
CA GLN A 234 12.43 -15.45 -31.38
C GLN A 234 12.01 -14.43 -30.32
N ARG A 235 11.48 -14.92 -29.19
CA ARG A 235 11.03 -14.00 -28.14
C ARG A 235 12.17 -13.13 -27.64
N GLU A 236 13.36 -13.71 -27.45
CA GLU A 236 14.49 -12.92 -26.97
C GLU A 236 14.94 -11.90 -27.99
N SER A 237 14.81 -12.22 -29.29
CA SER A 237 15.16 -11.27 -30.34
C SER A 237 14.26 -10.02 -30.34
N HIS A 238 13.06 -10.12 -29.76
CA HIS A 238 12.11 -9.01 -29.69
C HIS A 238 12.04 -8.37 -28.31
N ALA A 239 12.93 -8.71 -27.37
CA ALA A 239 12.84 -8.16 -26.03
C ALA A 239 13.10 -6.65 -26.04
N ALA A 240 12.33 -5.91 -25.25
CA ALA A 240 12.34 -4.45 -25.31
C ALA A 240 13.39 -3.79 -24.43
N ASN A 241 14.28 -4.55 -23.80
CA ASN A 241 15.30 -3.97 -22.92
C ASN A 241 16.68 -4.51 -23.34
N ASN A 242 17.63 -4.50 -22.41
CA ASN A 242 18.98 -4.93 -22.76
C ASN A 242 19.05 -6.39 -23.22
N HIS A 243 18.04 -7.21 -22.91
CA HIS A 243 18.03 -8.59 -23.43
C HIS A 243 18.03 -8.63 -24.95
N GLY A 244 17.27 -7.72 -25.58
CA GLY A 244 17.24 -7.68 -27.03
C GLY A 244 18.55 -7.18 -27.60
N LEU A 245 19.17 -6.18 -26.95
CA LEU A 245 20.48 -5.69 -27.37
C LEU A 245 21.57 -6.77 -27.23
N TRP A 246 21.59 -7.49 -26.09
CA TRP A 246 22.56 -8.57 -25.90
C TRP A 246 22.33 -9.73 -26.87
N TYR A 247 21.06 -10.04 -27.17
CA TYR A 247 20.74 -11.09 -28.14
C TYR A 247 21.40 -10.79 -29.48
N GLU A 248 21.30 -9.54 -29.94
CA GLU A 248 21.93 -9.22 -31.21
C GLU A 248 23.44 -9.14 -31.11
N ALA A 249 23.97 -8.73 -29.96
CA ALA A 249 25.43 -8.82 -29.81
C ALA A 249 25.90 -10.26 -29.99
N ILE A 250 25.21 -11.21 -29.34
CA ILE A 250 25.53 -12.63 -29.46
C ILE A 250 25.31 -13.11 -30.90
N HIS A 251 24.19 -12.72 -31.48
CA HIS A 251 23.87 -13.02 -32.87
C HIS A 251 25.01 -12.58 -33.80
N LEU A 252 25.53 -11.38 -33.58
CA LEU A 252 26.59 -10.89 -34.44
C LEU A 252 27.87 -11.69 -34.26
N MET A 253 28.15 -12.14 -33.04
CA MET A 253 29.32 -12.98 -32.81
C MET A 253 29.22 -14.28 -33.58
N VAL A 254 28.05 -14.92 -33.54
CA VAL A 254 27.82 -16.17 -34.26
C VAL A 254 27.92 -15.94 -35.77
N LEU A 255 27.26 -14.88 -36.26
CA LEU A 255 27.28 -14.55 -37.68
C LEU A 255 28.69 -14.19 -38.17
N ALA A 256 29.45 -13.43 -37.37
CA ALA A 256 30.82 -13.11 -37.77
C ALA A 256 31.70 -14.36 -37.79
N TYR A 257 31.54 -15.23 -36.79
CA TYR A 257 32.25 -16.51 -36.82
C TYR A 257 32.00 -17.21 -38.15
N LEU A 258 30.74 -17.22 -38.59
CA LEU A 258 30.35 -17.90 -39.81
C LEU A 258 30.57 -17.07 -41.08
N ASP A 259 31.13 -15.86 -40.98
CA ASP A 259 31.49 -15.00 -42.12
C ASP A 259 30.28 -14.52 -42.90
N ARG A 260 29.13 -14.43 -42.23
CA ARG A 260 27.89 -13.97 -42.84
C ARG A 260 27.78 -12.44 -42.68
N THR A 261 28.64 -11.75 -43.45
CA THR A 261 28.71 -10.30 -43.34
C THR A 261 27.44 -9.63 -43.85
N ASP A 262 26.78 -10.22 -44.84
CA ASP A 262 25.48 -9.74 -45.29
C ASP A 262 24.46 -9.77 -44.15
N ARG A 263 24.47 -10.83 -43.36
CA ARG A 263 23.54 -10.93 -42.24
C ARG A 263 23.86 -9.89 -41.15
N ILE A 264 25.14 -9.60 -40.93
CA ILE A 264 25.50 -8.57 -39.96
C ILE A 264 24.91 -7.22 -40.35
N ARG A 265 24.98 -6.87 -41.63
CA ARG A 265 24.37 -5.62 -42.09
C ARG A 265 22.88 -5.61 -41.81
N GLU A 266 22.21 -6.70 -42.16
CA GLU A 266 20.76 -6.77 -41.99
C GLU A 266 20.37 -6.68 -40.52
N VAL A 267 21.10 -7.39 -39.64
CA VAL A 267 20.81 -7.37 -38.21
C VAL A 267 20.94 -5.96 -37.65
N ALA A 268 22.02 -5.26 -38.02
CA ALA A 268 22.23 -3.91 -37.53
C ALA A 268 21.10 -2.99 -37.98
N GLU A 269 20.72 -3.09 -39.26
CA GLU A 269 19.75 -2.16 -39.81
C GLU A 269 18.33 -2.50 -39.43
N GLN A 270 18.00 -3.78 -39.31
CA GLN A 270 16.62 -4.18 -39.06
C GLN A 270 16.32 -4.54 -37.61
N SER A 271 17.34 -4.79 -36.78
CA SER A 271 17.09 -5.10 -35.37
C SER A 271 17.78 -4.13 -34.42
N ILE A 272 19.10 -3.96 -34.53
CA ILE A 272 19.82 -3.21 -33.50
C ILE A 272 19.43 -1.74 -33.53
N LEU A 273 19.50 -1.10 -34.70
CA LEU A 273 19.17 0.32 -34.79
C LEU A 273 17.73 0.60 -34.41
N PRO A 274 16.72 -0.14 -34.89
CA PRO A 274 15.36 0.08 -34.36
C PRO A 274 15.27 -0.08 -32.86
N LYS A 275 15.99 -1.04 -32.28
CA LYS A 275 15.96 -1.25 -30.83
C LYS A 275 16.50 -0.02 -30.09
N MET A 276 17.64 0.54 -30.55
CA MET A 276 18.14 1.75 -29.94
C MET A 276 17.14 2.90 -30.08
N GLY A 277 16.51 3.00 -31.24
CA GLY A 277 15.54 4.07 -31.43
C GLY A 277 14.37 3.97 -30.47
N ALA A 278 13.96 2.75 -30.15
CA ALA A 278 12.84 2.57 -29.23
C ALA A 278 13.29 2.65 -27.77
N GLN A 279 14.52 2.27 -27.43
CA GLN A 279 14.92 2.13 -26.03
C GLN A 279 15.61 3.37 -25.47
N ILE A 280 16.05 4.29 -26.32
CA ILE A 280 16.65 5.54 -25.89
C ILE A 280 15.54 6.59 -25.87
N ALA A 281 15.38 7.27 -24.74
CA ALA A 281 14.37 8.31 -24.66
C ALA A 281 14.91 9.60 -25.28
N ASP A 282 14.07 10.63 -25.34
CA ASP A 282 14.53 11.87 -25.97
C ASP A 282 15.68 12.49 -25.19
N ASP A 283 15.74 12.30 -23.86
CA ASP A 283 16.84 12.85 -23.09
C ASP A 283 18.04 11.92 -23.05
N GLY A 284 18.00 10.79 -23.76
CA GLY A 284 19.09 9.85 -23.78
C GLY A 284 19.05 8.79 -22.68
N SER A 285 18.06 8.83 -21.81
CA SER A 285 18.01 7.79 -20.79
C SER A 285 17.45 6.52 -21.41
N LEU A 286 17.64 5.40 -20.71
CA LEU A 286 17.11 4.12 -21.17
C LEU A 286 16.00 3.75 -20.20
N PRO A 287 14.75 4.16 -20.48
CA PRO A 287 13.67 3.96 -19.49
C PRO A 287 13.49 2.52 -19.04
N GLN A 288 13.70 1.53 -19.93
CA GLN A 288 13.57 0.13 -19.52
C GLN A 288 14.56 -0.24 -18.43
N GLU A 289 15.76 0.35 -18.47
CA GLU A 289 16.75 0.05 -17.44
C GLU A 289 16.54 0.88 -16.18
N LEU A 290 15.91 2.05 -16.29
CA LEU A 290 15.70 2.93 -15.15
C LEU A 290 14.75 2.34 -14.12
N LYS A 291 13.85 1.44 -14.51
CA LYS A 291 12.95 0.81 -13.56
C LYS A 291 13.56 -0.41 -12.87
N ARG A 292 14.83 -0.73 -13.11
CA ARG A 292 15.45 -1.85 -12.44
C ARG A 292 16.03 -1.42 -11.08
N THR A 293 16.22 -2.41 -10.21
CA THR A 293 16.81 -2.08 -8.90
C THR A 293 18.30 -1.80 -9.02
N LEU A 294 18.93 -2.25 -10.09
CA LEU A 294 20.32 -1.91 -10.37
C LEU A 294 20.37 -1.11 -11.67
N SER A 295 19.75 0.08 -11.65
CA SER A 295 19.46 0.82 -12.87
C SER A 295 20.70 1.43 -13.51
N LEU A 296 21.69 1.84 -12.73
CA LEU A 296 22.91 2.35 -13.37
C LEU A 296 23.74 1.21 -13.95
N HIS A 297 23.74 0.06 -13.28
CA HIS A 297 24.36 -1.13 -13.84
C HIS A 297 23.66 -1.57 -15.14
N TYR A 298 22.32 -1.60 -15.14
CA TYR A 298 21.64 -2.10 -16.32
C TYR A 298 21.65 -1.10 -17.49
N SER A 299 21.68 0.21 -17.21
CA SER A 299 21.95 1.18 -18.27
C SER A 299 23.31 0.92 -18.91
N THR A 300 24.33 0.70 -18.07
CA THR A 300 25.65 0.37 -18.56
C THR A 300 25.66 -0.94 -19.33
N PHE A 301 25.00 -1.98 -18.81
CA PHE A 301 24.95 -3.29 -19.45
C PHE A 301 24.33 -3.21 -20.84
N ALA A 302 23.28 -2.41 -21.00
CA ALA A 302 22.71 -2.16 -22.32
C ALA A 302 23.75 -1.59 -23.27
N LEU A 303 24.51 -0.58 -22.83
CA LEU A 303 25.47 0.03 -23.74
C LEU A 303 26.66 -0.88 -24.00
N GLU A 304 26.97 -1.76 -23.04
CA GLU A 304 28.02 -2.75 -23.26
C GLU A 304 27.60 -3.74 -24.34
N ALA A 305 26.31 -4.08 -24.40
CA ALA A 305 25.81 -4.89 -25.50
C ALA A 305 26.01 -4.18 -26.85
N LEU A 306 25.68 -2.89 -26.90
CA LEU A 306 25.92 -2.10 -28.11
C LEU A 306 27.41 -2.01 -28.41
N MET A 307 28.23 -1.85 -27.37
CA MET A 307 29.68 -1.77 -27.54
C MET A 307 30.26 -3.04 -28.19
N GLU A 308 29.83 -4.24 -27.72
CA GLU A 308 30.33 -5.48 -28.32
C GLU A 308 29.77 -5.67 -29.73
N ALA A 309 28.50 -5.32 -29.95
CA ALA A 309 27.95 -5.35 -31.31
C ALA A 309 28.76 -4.46 -32.24
N ASN A 310 29.07 -3.24 -31.80
CA ASN A 310 29.80 -2.29 -32.63
C ASN A 310 31.20 -2.77 -32.97
N GLN A 311 31.87 -3.46 -32.05
CA GLN A 311 33.19 -3.98 -32.38
C GLN A 311 33.14 -4.80 -33.66
N ILE A 312 32.04 -5.53 -33.85
CA ILE A 312 31.88 -6.35 -35.04
C ILE A 312 31.35 -5.53 -36.21
N THR A 313 30.29 -4.73 -36.00
CA THR A 313 29.75 -3.97 -37.13
C THR A 313 30.78 -3.00 -37.68
N SER A 314 31.60 -2.39 -36.81
CA SER A 314 32.56 -1.42 -37.34
C SER A 314 33.70 -2.07 -38.12
N GLN A 315 33.90 -3.38 -37.96
CA GLN A 315 34.86 -4.07 -38.80
C GLN A 315 34.39 -4.23 -40.24
N ILE A 316 33.09 -3.98 -40.50
CA ILE A 316 32.59 -3.92 -41.87
C ILE A 316 31.99 -2.54 -42.19
N GLY A 317 32.40 -1.51 -41.47
CA GLY A 317 32.11 -0.14 -41.84
C GLY A 317 30.85 0.44 -41.28
N ILE A 318 30.24 -0.18 -40.28
CA ILE A 318 29.03 0.33 -39.66
C ILE A 318 29.34 0.73 -38.22
N ASN A 319 29.24 2.03 -37.93
CA ASN A 319 29.51 2.58 -36.61
C ASN A 319 28.18 2.68 -35.87
N LEU A 320 27.97 1.80 -34.87
CA LEU A 320 26.70 1.81 -34.14
C LEU A 320 26.60 2.95 -33.13
N TRP A 321 27.71 3.60 -32.78
CA TRP A 321 27.62 4.71 -31.85
C TRP A 321 27.06 5.97 -32.51
N SER A 322 27.27 6.15 -33.81
CA SER A 322 26.87 7.38 -34.49
C SER A 322 25.83 7.19 -35.58
N THR A 323 25.46 5.96 -35.94
CA THR A 323 24.48 5.75 -37.01
C THR A 323 23.08 5.90 -36.44
N PRO A 324 22.26 6.79 -36.98
CA PRO A 324 20.93 7.03 -36.39
C PRO A 324 19.93 5.92 -36.65
N ALA A 325 18.97 5.79 -35.73
CA ALA A 325 17.79 5.03 -36.03
C ALA A 325 16.93 5.82 -37.00
N SER A 326 15.83 5.20 -37.45
CA SER A 326 14.98 5.90 -38.39
C SER A 326 14.33 7.14 -37.77
N ASN A 327 14.32 7.26 -36.43
CA ASN A 327 13.81 8.44 -35.74
C ASN A 327 14.91 9.43 -35.36
N GLY A 328 16.13 9.23 -35.83
CA GLY A 328 17.19 10.17 -35.55
C GLY A 328 17.93 9.96 -34.25
N LYS A 329 17.43 9.11 -33.35
CA LYS A 329 18.15 8.88 -32.10
C LYS A 329 19.44 8.11 -32.36
N VAL A 330 20.48 8.44 -31.60
CA VAL A 330 21.79 7.84 -31.76
C VAL A 330 22.30 7.39 -30.41
N ALA A 331 23.05 6.27 -30.44
CA ALA A 331 23.51 5.67 -29.19
C ALA A 331 24.40 6.62 -28.39
N SER A 332 25.13 7.52 -29.06
CA SER A 332 25.91 8.52 -28.34
C SER A 332 25.05 9.31 -27.35
N GLN A 333 23.75 9.50 -27.63
CA GLN A 333 22.88 10.21 -26.69
C GLN A 333 22.74 9.47 -25.37
N ALA A 334 22.81 8.14 -25.42
CA ALA A 334 22.76 7.35 -24.19
C ALA A 334 24.04 7.51 -23.39
N VAL A 335 25.20 7.56 -24.07
CA VAL A 335 26.46 7.82 -23.37
C VAL A 335 26.44 9.21 -22.74
N ASP A 336 25.94 10.19 -23.49
CA ASP A 336 25.89 11.56 -22.97
C ASP A 336 25.10 11.62 -21.68
N TYR A 337 23.94 10.97 -21.67
CA TYR A 337 23.10 10.99 -20.48
C TYR A 337 23.82 10.39 -19.28
N LEU A 338 24.56 9.31 -19.48
CA LEU A 338 25.18 8.62 -18.35
C LEU A 338 26.55 9.18 -17.98
N TYR A 339 27.21 9.93 -18.88
CA TYR A 339 28.58 10.38 -18.61
C TYR A 339 28.77 11.07 -17.25
N PRO A 340 27.99 12.08 -16.86
CA PRO A 340 28.21 12.69 -15.53
C PRO A 340 28.06 11.69 -14.40
N PHE A 341 27.24 10.65 -14.59
CA PHE A 341 27.10 9.62 -13.58
C PHE A 341 28.25 8.62 -13.60
N TYR A 342 29.00 8.53 -14.71
CA TYR A 342 30.25 7.78 -14.66
C TYR A 342 31.31 8.57 -13.89
N LEU A 343 31.29 9.90 -14.03
CA LEU A 343 32.16 10.76 -13.23
C LEU A 343 31.82 10.69 -11.75
N ASN A 344 30.53 10.72 -11.42
CA ASN A 344 30.06 10.77 -10.03
C ASN A 344 28.86 9.85 -9.87
N PRO A 345 29.08 8.55 -9.64
CA PRO A 345 27.95 7.63 -9.47
C PRO A 345 27.06 8.00 -8.30
N GLU A 346 27.58 8.75 -7.33
CA GLU A 346 26.76 9.16 -6.20
C GLU A 346 25.64 10.08 -6.62
N ASP A 347 25.76 10.73 -7.78
CA ASP A 347 24.70 11.60 -8.25
C ASP A 347 23.56 10.84 -8.96
N TRP A 348 23.66 9.52 -9.14
CA TRP A 348 22.60 8.77 -9.81
C TRP A 348 21.31 8.77 -8.98
N LYS A 349 20.18 9.13 -9.60
CA LYS A 349 18.93 9.36 -8.88
C LYS A 349 17.92 8.23 -9.02
N PHE A 350 18.32 7.08 -9.57
CA PHE A 350 17.39 5.97 -9.71
C PHE A 350 17.89 4.79 -8.89
N LYS A 351 17.02 3.80 -8.70
CA LYS A 351 17.32 2.70 -7.80
C LYS A 351 18.59 1.98 -8.22
N GLN A 352 19.52 1.82 -7.26
CA GLN A 352 20.82 1.18 -7.46
C GLN A 352 21.20 0.56 -6.11
N ILE A 353 20.67 -0.64 -5.86
CA ILE A 353 20.69 -1.26 -4.54
C ILE A 353 21.99 -1.98 -4.21
N LYS A 354 22.96 -1.94 -5.09
CA LYS A 354 24.32 -2.34 -4.81
C LYS A 354 25.21 -1.26 -5.39
N PRO A 355 26.42 -1.08 -4.88
CA PRO A 355 27.29 -0.02 -5.41
C PRO A 355 27.65 -0.29 -6.86
N PHE A 356 27.74 0.79 -7.64
CA PHE A 356 28.10 0.73 -9.04
C PHE A 356 29.63 0.77 -9.17
N ASP A 357 30.16 -0.16 -9.95
CA ASP A 357 31.59 -0.24 -10.21
C ASP A 357 31.95 0.72 -11.35
N GLN A 358 32.51 1.89 -11.00
CA GLN A 358 32.90 2.88 -11.99
C GLN A 358 33.86 2.33 -13.02
N SER A 359 34.65 1.32 -12.65
CA SER A 359 35.65 0.79 -13.57
C SER A 359 35.01 0.18 -14.82
N ARG A 360 33.77 -0.31 -14.72
CA ARG A 360 33.12 -0.84 -15.93
C ARG A 360 32.90 0.23 -16.98
N ALA A 361 32.91 1.50 -16.59
CA ALA A 361 32.82 2.59 -17.56
C ALA A 361 34.08 2.77 -18.40
N ALA A 362 35.22 2.24 -17.97
CA ALA A 362 36.49 2.58 -18.61
C ALA A 362 36.55 2.12 -20.07
N ILE A 363 36.34 0.81 -20.32
CA ILE A 363 36.36 0.29 -21.68
C ILE A 363 35.20 0.88 -22.49
N LEU A 364 34.03 1.02 -21.86
CA LEU A 364 32.86 1.58 -22.53
C LEU A 364 33.15 2.99 -23.03
N LEU A 365 33.59 3.87 -22.14
CA LEU A 365 33.87 5.24 -22.56
C LEU A 365 35.04 5.30 -23.54
N TYR A 366 36.01 4.40 -23.44
CA TYR A 366 37.06 4.38 -24.47
C TYR A 366 36.47 3.95 -25.82
N GLU A 367 35.67 2.89 -25.82
CA GLU A 367 35.05 2.42 -27.04
C GLU A 367 34.18 3.49 -27.69
N ALA A 368 33.27 4.08 -26.91
CA ALA A 368 32.37 5.09 -27.47
C ALA A 368 33.13 6.36 -27.85
N GLY A 369 34.12 6.74 -27.07
CA GLY A 369 34.85 7.97 -27.35
C GLY A 369 35.64 7.92 -28.64
N THR A 370 36.37 6.83 -28.87
CA THR A 370 37.13 6.71 -30.11
C THR A 370 36.21 6.62 -31.31
N ALA A 371 35.12 5.87 -31.19
CA ALA A 371 34.16 5.76 -32.28
C ALA A 371 33.51 7.10 -32.62
N LEU A 372 33.40 8.00 -31.64
CA LEU A 372 32.73 9.29 -31.82
C LEU A 372 33.69 10.46 -31.97
N GLY A 373 34.99 10.24 -31.85
CA GLY A 373 35.92 11.36 -31.80
C GLY A 373 35.71 12.25 -30.59
N ASN A 374 35.21 11.69 -29.49
CA ASN A 374 34.92 12.47 -28.28
C ASN A 374 36.12 12.34 -27.36
N GLN A 375 36.98 13.36 -27.38
CA GLN A 375 38.21 13.29 -26.62
C GLN A 375 37.97 13.35 -25.12
N LYS A 376 36.90 14.02 -24.71
CA LYS A 376 36.56 14.03 -23.29
C LYS A 376 36.28 12.62 -22.79
N TYR A 377 35.56 11.81 -23.60
CA TYR A 377 35.29 10.43 -23.21
C TYR A 377 36.58 9.62 -23.10
N VAL A 378 37.47 9.78 -24.08
CA VAL A 378 38.71 9.00 -24.07
C VAL A 378 39.56 9.39 -22.86
N ASP A 379 39.68 10.69 -22.59
CA ASP A 379 40.46 11.15 -21.44
C ASP A 379 39.92 10.56 -20.16
N THR A 380 38.60 10.63 -19.98
CA THR A 380 37.99 10.04 -18.79
C THR A 380 38.23 8.53 -18.73
N ALA A 381 38.16 7.84 -19.86
CA ALA A 381 38.43 6.40 -19.86
C ALA A 381 39.84 6.12 -19.35
N LYS A 382 40.83 6.94 -19.74
CA LYS A 382 42.19 6.76 -19.26
C LYS A 382 42.38 7.20 -17.81
N ARG A 383 41.69 8.25 -17.37
CA ARG A 383 41.80 8.69 -15.98
C ARG A 383 41.20 7.66 -15.02
N ILE A 384 40.03 7.12 -15.35
CA ILE A 384 39.53 5.96 -14.63
C ILE A 384 40.52 4.80 -14.75
N GLY A 385 40.84 4.41 -15.98
CA GLY A 385 41.87 3.43 -16.25
C GLY A 385 41.57 1.99 -15.88
N LEU A 386 42.48 1.09 -16.27
CA LEU A 386 42.50 -0.30 -15.83
C LEU A 386 43.88 -0.61 -15.24
N LYS A 387 43.92 -1.56 -14.31
CA LYS A 387 45.18 -1.88 -13.65
C LYS A 387 46.12 -2.56 -14.63
N TYR A 388 47.38 -2.11 -14.64
CA TYR A 388 48.33 -2.58 -15.64
C TYR A 388 48.48 -4.09 -15.61
N SER A 389 48.49 -4.70 -14.42
CA SER A 389 48.78 -6.13 -14.33
C SER A 389 47.53 -6.96 -14.12
N THR A 390 46.34 -6.41 -14.32
CA THR A 390 45.13 -7.18 -14.07
C THR A 390 45.11 -8.42 -14.96
N SER A 391 44.54 -9.50 -14.42
CA SER A 391 44.36 -10.73 -15.17
C SER A 391 42.99 -10.81 -15.83
N ASP A 392 42.17 -9.77 -15.71
CA ASP A 392 40.84 -9.78 -16.34
C ASP A 392 41.01 -9.90 -17.85
N VAL A 393 40.54 -11.00 -18.43
CA VAL A 393 40.89 -11.28 -19.83
C VAL A 393 40.26 -10.28 -20.79
N GLU A 394 39.14 -9.65 -20.44
CA GLU A 394 38.57 -8.74 -21.43
C GLU A 394 39.42 -7.48 -21.58
N THR A 395 40.32 -7.19 -20.64
CA THR A 395 41.13 -5.99 -20.74
C THR A 395 42.42 -6.20 -21.52
N ILE A 396 42.64 -7.39 -22.09
CA ILE A 396 43.89 -7.67 -22.81
C ILE A 396 44.17 -6.66 -23.94
N PRO A 397 43.21 -6.29 -24.79
CA PRO A 397 43.53 -5.33 -25.87
C PRO A 397 43.82 -3.91 -25.39
N TYR A 398 43.49 -3.57 -24.15
CA TYR A 398 43.43 -2.16 -23.74
C TYR A 398 44.67 -1.72 -22.99
N LEU A 399 45.86 -2.03 -23.51
CA LEU A 399 47.07 -1.40 -22.99
C LEU A 399 46.92 0.11 -22.98
N VAL A 400 46.16 0.66 -23.93
CA VAL A 400 45.95 2.10 -24.00
C VAL A 400 45.33 2.64 -22.73
N LEU A 401 44.69 1.79 -21.93
CA LEU A 401 44.08 2.17 -20.65
C LEU A 401 44.93 1.75 -19.45
N LYS A 402 46.04 1.06 -19.67
CA LYS A 402 46.88 0.55 -18.58
C LYS A 402 48.27 1.19 -18.56
N SER B 23 8.77 -26.43 33.40
CA SER B 23 9.65 -25.44 32.80
C SER B 23 10.48 -26.07 31.69
N ALA B 24 10.67 -25.34 30.59
CA ALA B 24 11.48 -25.87 29.50
C ALA B 24 12.91 -26.10 29.98
N PRO B 25 13.63 -27.03 29.38
CA PRO B 25 15.06 -27.14 29.67
C PRO B 25 15.81 -25.89 29.25
N LEU B 26 16.94 -25.65 29.91
CA LEU B 26 17.80 -24.52 29.57
C LEU B 26 18.33 -24.67 28.14
N GLY B 27 18.13 -23.66 27.31
CA GLY B 27 18.63 -23.73 25.95
C GLY B 27 18.48 -22.45 25.16
N PRO B 28 18.90 -22.47 23.88
CA PRO B 28 18.94 -21.25 23.04
C PRO B 28 17.64 -20.95 22.30
N PHE B 29 16.67 -20.44 23.07
CA PHE B 29 15.32 -20.17 22.59
C PHE B 29 14.64 -19.38 23.68
N ASN B 30 13.56 -18.69 23.30
CA ASN B 30 12.71 -18.02 24.26
C ASN B 30 11.90 -19.08 24.98
N ALA B 31 12.33 -19.41 26.21
CA ALA B 31 11.67 -20.49 26.94
C ALA B 31 10.23 -20.15 27.28
N THR B 32 9.92 -18.89 27.57
CA THR B 32 8.55 -18.51 27.90
C THR B 32 7.60 -18.81 26.74
N LEU B 33 7.98 -18.48 25.51
CA LEU B 33 7.11 -18.74 24.38
C LEU B 33 7.01 -20.21 24.07
N LEU B 34 8.11 -20.95 24.25
CA LEU B 34 8.09 -22.38 23.98
C LEU B 34 7.19 -23.11 24.98
N GLU B 35 7.32 -22.75 26.27
CA GLU B 35 6.45 -23.32 27.31
C GLU B 35 4.99 -23.02 27.04
N GLN B 36 4.70 -21.80 26.61
CA GLN B 36 3.32 -21.42 26.33
C GLN B 36 2.77 -22.19 25.13
N LEU B 37 3.61 -22.43 24.11
CA LEU B 37 3.17 -23.24 22.98
C LEU B 37 2.89 -24.68 23.39
N LYS B 38 3.76 -25.28 24.21
CA LYS B 38 3.55 -26.67 24.62
C LYS B 38 2.28 -26.82 25.46
N ASN B 39 2.07 -25.90 26.41
CA ASN B 39 0.86 -25.95 27.24
C ASN B 39 -0.41 -25.79 26.41
N ASP B 40 -0.47 -24.74 25.59
CA ASP B 40 -1.64 -24.54 24.76
C ASP B 40 -1.87 -25.72 23.83
N TYR B 41 -0.79 -26.25 23.24
CA TYR B 41 -0.95 -27.41 22.35
C TYR B 41 -1.51 -28.60 23.10
N GLN B 42 -1.03 -28.85 24.33
CA GLN B 42 -1.52 -29.99 25.08
C GLN B 42 -2.96 -29.80 25.53
N LYS B 43 -3.39 -28.56 25.74
CA LYS B 43 -4.77 -28.26 26.10
C LYS B 43 -5.71 -28.28 24.91
N GLY B 44 -5.20 -28.44 23.70
CA GLY B 44 -6.05 -28.45 22.53
C GLY B 44 -6.53 -27.10 22.07
N GLU B 45 -5.87 -26.01 22.45
CA GLU B 45 -6.28 -24.69 22.01
C GLU B 45 -6.15 -24.56 20.49
N LYS B 46 -7.21 -24.05 19.87
CA LYS B 46 -7.38 -24.10 18.41
C LYS B 46 -6.29 -23.33 17.68
N GLU B 47 -6.04 -22.09 18.10
CA GLU B 47 -5.09 -21.25 17.39
C GLU B 47 -3.70 -21.90 17.37
N VAL B 48 -3.28 -22.45 18.52
CA VAL B 48 -1.96 -23.06 18.63
C VAL B 48 -1.92 -24.39 17.90
N THR B 49 -2.96 -25.22 18.03
CA THR B 49 -2.99 -26.50 17.35
C THR B 49 -2.88 -26.34 15.84
N ARG B 50 -3.60 -25.37 15.27
CA ARG B 50 -3.46 -25.10 13.85
C ARG B 50 -2.05 -24.67 13.50
N TYR B 51 -1.47 -23.76 14.29
CA TYR B 51 -0.12 -23.29 14.03
C TYR B 51 0.89 -24.44 14.06
N ILE B 52 0.82 -25.28 15.09
CA ILE B 52 1.76 -26.38 15.20
C ILE B 52 1.55 -27.39 14.09
N GLU B 53 0.31 -27.56 13.64
CA GLU B 53 0.08 -28.48 12.51
C GLU B 53 0.72 -27.94 11.22
N LEU B 54 0.70 -26.62 11.02
CA LEU B 54 1.49 -26.06 9.93
C LEU B 54 2.98 -26.35 10.11
N GLN B 55 3.51 -26.12 11.32
CA GLN B 55 4.92 -26.37 11.58
C GLN B 55 5.27 -27.83 11.34
N GLU B 56 4.36 -28.76 11.65
CA GLU B 56 4.60 -30.17 11.42
C GLU B 56 4.66 -30.47 9.92
N LYS B 57 3.79 -29.82 9.14
CA LYS B 57 3.87 -29.97 7.69
C LYS B 57 5.18 -29.42 7.16
N VAL B 58 5.64 -28.30 7.72
CA VAL B 58 6.93 -27.74 7.36
C VAL B 58 8.07 -28.69 7.71
N ALA B 59 8.01 -29.33 8.88
CA ALA B 59 9.11 -30.16 9.37
C ALA B 59 9.23 -31.49 8.64
N GLU B 60 8.26 -31.83 7.79
CA GLU B 60 8.27 -33.13 7.13
C GLU B 60 9.53 -33.31 6.27
N LYS B 61 9.97 -32.24 5.58
CA LYS B 61 11.18 -32.36 4.76
C LYS B 61 12.40 -32.70 5.61
N TYR B 62 12.42 -32.30 6.88
CA TYR B 62 13.55 -32.64 7.72
C TYR B 62 13.51 -34.09 8.20
N ILE B 63 12.32 -34.68 8.30
CA ILE B 63 12.23 -36.10 8.60
C ILE B 63 12.80 -36.95 7.47
N LYS B 64 12.59 -36.52 6.23
CA LYS B 64 13.09 -37.26 5.07
C LYS B 64 14.54 -36.92 4.75
N MET B 65 15.01 -35.75 5.21
CA MET B 65 16.30 -35.21 4.82
C MET B 65 17.44 -36.12 5.27
N THR B 66 18.30 -36.47 4.34
CA THR B 66 19.49 -37.25 4.68
C THR B 66 20.41 -36.41 5.56
N PRO B 67 20.83 -36.92 6.72
CA PRO B 67 21.71 -36.14 7.61
C PRO B 67 23.01 -35.75 6.90
N LEU B 68 23.39 -34.49 7.07
CA LEU B 68 24.60 -33.94 6.50
C LEU B 68 25.80 -34.12 7.43
N SER B 69 26.98 -34.04 6.83
CA SER B 69 28.23 -34.23 7.55
C SER B 69 29.27 -33.25 7.02
N VAL B 70 30.10 -32.73 7.93
CA VAL B 70 31.19 -31.86 7.52
C VAL B 70 32.19 -32.58 6.60
N THR B 71 32.24 -33.92 6.64
CA THR B 71 33.17 -34.68 5.81
C THR B 71 32.77 -34.71 4.34
N ALA B 72 31.63 -34.15 3.97
CA ALA B 72 31.18 -34.21 2.58
C ALA B 72 31.82 -33.08 1.76
N LYS B 73 33.17 -33.10 1.73
CA LYS B 73 33.95 -32.14 0.96
C LYS B 73 34.98 -32.90 0.15
N LYS B 74 35.39 -32.30 -0.98
CA LYS B 74 36.47 -32.81 -1.82
C LYS B 74 37.81 -32.14 -1.48
N LYS B 75 37.88 -30.81 -1.45
CA LYS B 75 39.12 -30.12 -1.07
C LYS B 75 39.33 -30.28 0.43
N LEU B 76 40.40 -30.96 0.82
CA LEU B 76 40.63 -31.21 2.24
C LEU B 76 41.32 -30.01 2.89
N PRO B 77 41.19 -29.86 4.21
CA PRO B 77 41.89 -28.78 4.92
C PRO B 77 43.34 -29.16 5.15
N PRO B 78 44.18 -28.20 5.58
CA PRO B 78 45.62 -28.49 5.75
C PRO B 78 45.93 -29.62 6.71
N SER B 79 44.99 -30.00 7.60
CA SER B 79 45.20 -31.16 8.45
C SER B 79 45.07 -32.49 7.70
N LYS B 80 44.57 -32.48 6.47
CA LYS B 80 44.19 -33.66 5.71
C LYS B 80 43.01 -34.41 6.33
N ASP B 81 42.27 -33.80 7.25
CA ASP B 81 41.21 -34.49 7.96
C ASP B 81 39.87 -33.96 7.47
N PRO B 82 39.08 -34.75 6.74
CA PRO B 82 37.78 -34.26 6.29
C PRO B 82 36.83 -33.89 7.44
N ARG B 83 37.11 -34.33 8.67
CA ARG B 83 36.23 -34.00 9.80
C ARG B 83 36.50 -32.62 10.39
N ASP B 84 37.53 -31.91 9.90
CA ASP B 84 37.76 -30.52 10.31
C ASP B 84 36.89 -29.59 9.49
N TYR B 85 36.13 -28.75 10.18
CA TYR B 85 35.36 -27.72 9.53
C TYR B 85 36.29 -26.72 8.84
N MET B 86 36.01 -26.40 7.57
CA MET B 86 36.78 -25.39 6.86
C MET B 86 35.85 -24.56 5.97
N THR B 87 35.97 -23.23 6.06
CA THR B 87 35.27 -22.33 5.15
C THR B 87 36.21 -21.20 4.76
N LEU B 88 35.79 -20.45 3.75
CA LEU B 88 36.49 -19.24 3.31
C LEU B 88 35.86 -18.02 3.97
N SER B 89 36.71 -17.11 4.48
CA SER B 89 36.22 -15.87 5.06
C SER B 89 35.53 -15.07 3.96
N PRO B 90 34.28 -14.67 4.15
CA PRO B 90 33.42 -14.36 2.98
C PRO B 90 33.81 -13.10 2.23
N TYR B 91 34.55 -12.17 2.84
CA TYR B 91 34.86 -10.90 2.20
C TYR B 91 36.25 -10.85 1.58
N TRP B 92 36.90 -11.99 1.40
CA TRP B 92 38.26 -12.06 0.89
C TRP B 92 38.26 -12.64 -0.52
N TRP B 93 38.90 -11.93 -1.45
CA TRP B 93 38.82 -12.19 -2.87
C TRP B 93 40.21 -12.36 -3.49
N PRO B 94 40.32 -13.11 -4.59
CA PRO B 94 41.59 -13.11 -5.33
C PRO B 94 41.95 -11.70 -5.75
N ASP B 95 43.24 -11.42 -5.74
CA ASP B 95 43.79 -10.14 -6.20
C ASP B 95 44.16 -10.30 -7.68
N SER B 96 43.36 -9.73 -8.59
CA SER B 96 43.59 -9.92 -10.03
C SER B 96 44.93 -9.36 -10.48
N THR B 97 45.51 -8.40 -9.76
CA THR B 97 46.81 -7.88 -10.14
C THR B 97 47.97 -8.77 -9.73
N LYS B 98 47.70 -9.93 -9.12
CA LYS B 98 48.72 -10.92 -8.80
C LYS B 98 48.52 -12.12 -9.73
N ILE B 99 49.62 -12.72 -10.18
CA ILE B 99 49.55 -13.77 -11.20
C ILE B 99 48.73 -14.95 -10.71
N ASP B 100 48.88 -15.31 -9.43
CA ASP B 100 48.11 -16.39 -8.86
C ASP B 100 46.97 -15.90 -7.97
N GLY B 101 46.71 -14.60 -7.97
CA GLY B 101 45.63 -14.02 -7.21
C GLY B 101 45.86 -13.91 -5.72
N LEU B 102 47.02 -14.36 -5.22
CA LEU B 102 47.48 -14.47 -3.85
C LEU B 102 48.39 -13.31 -3.48
N PRO B 103 48.27 -12.80 -2.25
CA PRO B 103 47.31 -13.21 -1.23
C PRO B 103 45.97 -12.57 -1.48
N TYR B 104 44.88 -13.20 -1.06
CA TYR B 104 43.56 -12.59 -1.17
C TYR B 104 43.52 -11.25 -0.45
N ILE B 105 42.58 -10.41 -0.90
CA ILE B 105 42.38 -9.08 -0.35
C ILE B 105 40.92 -8.92 0.07
N ARG B 106 40.69 -7.98 0.97
CA ARG B 106 39.39 -7.84 1.63
C ARG B 106 38.54 -6.78 0.97
N LYS B 107 37.27 -7.12 0.73
CA LYS B 107 36.26 -6.16 0.25
C LYS B 107 35.06 -6.29 1.18
N ASP B 108 35.02 -5.45 2.22
CA ASP B 108 34.03 -5.58 3.27
C ASP B 108 32.61 -5.50 2.71
N GLY B 109 31.78 -6.47 3.10
CA GLY B 109 30.40 -6.52 2.69
C GLY B 109 30.14 -7.16 1.35
N GLU B 110 31.16 -7.49 0.59
CA GLU B 110 30.97 -8.11 -0.71
C GLU B 110 31.35 -9.57 -0.56
N ARG B 111 30.34 -10.44 -0.54
CA ARG B 111 30.57 -11.86 -0.37
C ARG B 111 31.12 -12.49 -1.65
N ASN B 112 32.31 -13.08 -1.54
CA ASN B 112 32.95 -13.78 -2.65
C ASN B 112 32.27 -15.12 -2.88
N PRO B 113 31.72 -15.38 -4.08
CA PRO B 113 31.01 -16.65 -4.34
C PRO B 113 31.84 -17.89 -4.17
N GLU B 114 33.17 -17.78 -4.13
CA GLU B 114 34.00 -18.93 -3.81
C GLU B 114 33.65 -19.55 -2.46
N VAL B 115 32.96 -18.83 -1.57
CA VAL B 115 32.57 -19.42 -0.28
C VAL B 115 31.77 -20.71 -0.48
N TYR B 116 31.01 -20.80 -1.58
CA TYR B 116 30.16 -21.99 -1.79
C TYR B 116 30.95 -23.20 -2.26
N GLU B 117 32.27 -23.09 -2.42
CA GLU B 117 33.12 -24.24 -2.68
C GLU B 117 33.39 -25.05 -1.42
N TYR B 118 33.06 -24.52 -0.24
CA TYR B 118 33.27 -25.24 1.01
C TYR B 118 31.90 -25.70 1.51
N PRO B 119 31.51 -26.96 1.29
CA PRO B 119 30.10 -27.35 1.48
C PRO B 119 29.58 -27.10 2.90
N GLU B 120 30.43 -27.15 3.92
CA GLU B 120 29.89 -27.00 5.28
C GLU B 120 29.42 -25.60 5.57
N ARG B 121 29.75 -24.60 4.74
CA ARG B 121 29.19 -23.27 5.00
C ARG B 121 27.67 -23.31 4.99
N GLU B 122 27.10 -23.87 3.93
CA GLU B 122 25.67 -23.98 3.84
C GLU B 122 25.14 -25.23 4.50
N ASN B 123 25.95 -26.30 4.57
CA ASN B 123 25.48 -27.53 5.21
C ASN B 123 25.36 -27.39 6.73
N ALA B 124 26.25 -26.61 7.38
CA ALA B 124 26.06 -26.35 8.80
C ALA B 124 24.77 -25.57 9.05
N ASN B 125 24.39 -24.69 8.11
CA ASN B 125 23.12 -23.98 8.17
C ASN B 125 21.94 -24.94 8.04
N ARG B 126 21.98 -25.84 7.04
CA ARG B 126 20.88 -26.77 6.81
C ARG B 126 20.72 -27.72 7.98
N PHE B 127 21.84 -28.28 8.47
CA PHE B 127 21.82 -29.10 9.68
C PHE B 127 21.21 -28.35 10.86
N GLY B 128 21.72 -27.14 11.12
CA GLY B 128 21.21 -26.37 12.24
C GLY B 128 19.72 -26.13 12.16
N ASP B 129 19.21 -25.79 10.98
CA ASP B 129 17.77 -25.63 10.78
C ASP B 129 17.02 -26.92 11.07
N ALA B 130 17.46 -28.04 10.46
CA ALA B 130 16.76 -29.31 10.64
C ALA B 130 16.72 -29.71 12.11
N ALA B 131 17.87 -29.69 12.79
CA ALA B 131 17.91 -30.14 14.17
C ALA B 131 17.11 -29.22 15.08
N TYR B 132 17.14 -27.92 14.84
CA TYR B 132 16.42 -26.98 15.71
C TYR B 132 14.92 -27.20 15.60
N CYS B 133 14.41 -27.22 14.36
CA CYS B 133 12.99 -27.45 14.12
C CYS B 133 12.53 -28.76 14.74
N LEU B 134 13.24 -29.86 14.45
CA LEU B 134 12.77 -31.16 14.92
C LEU B 134 12.80 -31.23 16.44
N GLY B 135 13.86 -30.69 17.07
CA GLY B 135 13.94 -30.71 18.52
C GLY B 135 12.86 -29.89 19.19
N VAL B 136 12.60 -28.68 18.66
CA VAL B 136 11.55 -27.83 19.21
C VAL B 136 10.19 -28.49 19.04
N LEU B 137 9.96 -29.17 17.90
CA LEU B 137 8.68 -29.82 17.68
C LEU B 137 8.50 -31.05 18.56
N TYR B 138 9.59 -31.76 18.87
CA TYR B 138 9.46 -32.83 19.85
C TYR B 138 9.10 -32.29 21.23
N TYR B 139 9.70 -31.17 21.63
CA TYR B 139 9.37 -30.58 22.92
C TYR B 139 7.91 -30.14 22.95
N ILE B 140 7.40 -29.59 21.86
CA ILE B 140 6.04 -29.07 21.89
C ILE B 140 5.02 -30.20 21.84
N THR B 141 5.23 -31.19 20.95
CA THR B 141 4.24 -32.21 20.66
C THR B 141 4.44 -33.51 21.41
N GLY B 142 5.68 -33.83 21.80
CA GLY B 142 5.97 -35.11 22.39
C GLY B 142 6.03 -36.29 21.44
N LYS B 143 5.91 -36.06 20.12
CA LYS B 143 5.91 -37.14 19.12
C LYS B 143 7.32 -37.67 18.95
N GLU B 144 7.48 -38.99 19.18
CA GLU B 144 8.80 -39.59 19.13
C GLU B 144 9.43 -39.45 17.76
N VAL B 145 8.63 -39.38 16.70
CA VAL B 145 9.18 -39.27 15.35
C VAL B 145 10.06 -38.03 15.24
N TYR B 146 9.76 -36.97 15.99
CA TYR B 146 10.60 -35.78 15.87
C TYR B 146 11.92 -35.97 16.59
N ALA B 147 11.88 -36.61 17.76
CA ALA B 147 13.12 -36.89 18.48
C ALA B 147 14.01 -37.83 17.69
N LYS B 148 13.42 -38.86 17.05
CA LYS B 148 14.20 -39.82 16.27
C LYS B 148 14.90 -39.16 15.09
N ALA B 149 14.20 -38.29 14.35
CA ALA B 149 14.86 -37.58 13.26
C ALA B 149 15.88 -36.58 13.79
N CYS B 150 15.55 -35.82 14.84
CA CYS B 150 16.50 -34.88 15.41
C CYS B 150 17.79 -35.59 15.78
N ALA B 151 17.66 -36.73 16.46
CA ALA B 151 18.80 -37.52 16.90
C ALA B 151 19.65 -38.00 15.73
N ASN B 152 19.02 -38.35 14.60
CA ASN B 152 19.79 -38.82 13.45
CA ASN B 152 19.79 -38.82 13.46
C ASN B 152 20.68 -37.71 12.92
N HIS B 153 20.17 -36.49 12.87
CA HIS B 153 20.97 -35.35 12.41
C HIS B 153 22.09 -35.04 13.40
N LEU B 154 21.77 -35.05 14.70
CA LEU B 154 22.76 -34.76 15.74
C LEU B 154 23.91 -35.75 15.73
N ARG B 155 23.60 -37.04 15.68
CA ARG B 155 24.64 -38.07 15.68
C ARG B 155 25.58 -37.92 14.50
N THR B 156 25.04 -37.67 13.32
CA THR B 156 25.85 -37.60 12.12
C THR B 156 26.73 -36.37 12.11
N TRP B 157 26.17 -35.22 12.54
CA TRP B 157 26.92 -33.97 12.50
C TRP B 157 27.99 -33.91 13.59
N PHE B 158 27.68 -34.37 14.81
CA PHE B 158 28.55 -34.17 15.96
C PHE B 158 29.37 -35.39 16.35
N THR B 159 28.74 -36.54 16.63
CA THR B 159 29.47 -37.57 17.35
C THR B 159 29.93 -38.76 16.52
N ASP B 160 29.41 -38.94 15.32
CA ASP B 160 29.74 -40.14 14.54
C ASP B 160 31.25 -40.26 14.35
N PRO B 161 31.84 -41.43 14.63
CA PRO B 161 33.31 -41.54 14.59
C PRO B 161 33.88 -41.39 13.22
N LYS B 162 33.05 -41.44 12.17
CA LYS B 162 33.48 -41.16 10.81
C LYS B 162 32.93 -39.87 10.24
N LEU B 163 31.65 -39.56 10.48
CA LEU B 163 30.99 -38.43 9.85
C LEU B 163 30.94 -37.18 10.72
N GLY B 164 31.14 -37.32 12.03
CA GLY B 164 30.98 -36.20 12.93
C GLY B 164 32.15 -35.23 12.88
N MET B 165 31.87 -33.95 13.10
CA MET B 165 32.93 -32.97 12.99
C MET B 165 33.88 -33.03 14.20
N ASN B 166 35.16 -32.75 13.96
CA ASN B 166 36.08 -32.57 15.07
C ASN B 166 35.70 -31.32 15.86
N PRO B 167 35.81 -31.36 17.20
CA PRO B 167 35.37 -30.22 18.02
C PRO B 167 36.39 -29.07 18.04
N ASN B 168 36.55 -28.41 16.91
CA ASN B 168 37.41 -27.23 16.83
C ASN B 168 36.90 -26.37 15.69
N MET B 169 37.38 -25.13 15.60
CA MET B 169 37.14 -24.30 14.41
C MET B 169 38.45 -23.74 13.85
N THR B 170 39.48 -24.58 13.82
CA THR B 170 40.81 -24.18 13.39
C THR B 170 40.81 -23.60 11.97
N TYR B 171 40.08 -24.22 11.05
CA TYR B 171 40.12 -23.81 9.66
C TYR B 171 38.87 -23.07 9.22
N ALA B 172 38.06 -22.60 10.17
CA ALA B 172 36.91 -21.80 9.82
C ALA B 172 37.35 -20.42 9.35
N GLN B 173 36.75 -19.95 8.25
CA GLN B 173 37.05 -18.66 7.58
C GLN B 173 38.55 -18.46 7.36
N ALA B 174 39.21 -19.50 6.86
CA ALA B 174 40.58 -19.33 6.37
C ALA B 174 40.59 -18.37 5.17
N VAL B 175 41.77 -17.83 4.88
CA VAL B 175 41.96 -16.91 3.77
C VAL B 175 43.19 -17.37 3.00
N PRO B 176 43.07 -17.70 1.71
CA PRO B 176 44.24 -18.13 0.93
C PRO B 176 45.31 -17.05 0.94
N GLY B 177 46.55 -17.46 1.25
CA GLY B 177 47.67 -16.54 1.28
C GLY B 177 47.84 -15.78 2.58
N MET B 178 46.85 -15.79 3.46
CA MET B 178 47.01 -15.08 4.72
C MET B 178 48.04 -15.81 5.57
N LYS B 179 48.97 -15.06 6.15
CA LYS B 179 50.06 -15.66 6.90
C LYS B 179 49.68 -15.95 8.35
N LYS B 180 48.97 -15.04 9.02
CA LYS B 180 48.68 -15.23 10.43
C LYS B 180 47.43 -16.09 10.60
N MET B 181 47.40 -16.81 11.71
CA MET B 181 46.20 -17.48 12.17
C MET B 181 45.18 -16.45 12.70
N ARG B 182 43.89 -16.67 12.42
CA ARG B 182 42.84 -15.80 12.97
C ARG B 182 41.75 -16.64 13.64
N GLY B 183 41.05 -16.02 14.58
CA GLY B 183 39.93 -16.68 15.21
C GLY B 183 38.60 -16.23 14.69
N SER B 184 38.59 -15.33 13.68
CA SER B 184 37.35 -14.71 13.21
C SER B 184 36.35 -15.73 12.68
N GLY B 185 36.81 -16.89 12.23
CA GLY B 185 35.89 -17.87 11.72
C GLY B 185 35.04 -18.53 12.77
N PHE B 186 35.38 -18.33 14.05
CA PHE B 186 34.60 -18.95 15.12
C PHE B 186 33.12 -18.57 15.06
N ILE B 187 32.81 -17.37 14.55
CA ILE B 187 31.43 -16.91 14.43
C ILE B 187 30.58 -17.89 13.61
N ASP B 188 31.21 -18.68 12.73
CA ASP B 188 30.48 -19.72 11.98
C ASP B 188 29.82 -20.73 12.91
N SER B 189 30.28 -20.85 14.17
CA SER B 189 29.75 -21.89 15.07
C SER B 189 28.28 -21.70 15.43
N ARG B 190 27.76 -20.47 15.33
CA ARG B 190 26.42 -20.19 15.84
C ARG B 190 25.34 -21.01 15.12
N ARG B 191 25.61 -21.45 13.89
CA ARG B 191 24.61 -22.26 13.18
C ARG B 191 24.49 -23.67 13.78
N PHE B 192 25.59 -24.28 14.19
CA PHE B 192 25.43 -25.58 14.83
C PHE B 192 25.40 -25.53 16.35
N SER B 193 25.80 -24.43 17.00
CA SER B 193 25.76 -24.45 18.46
C SER B 193 24.32 -24.33 18.97
N ARG B 194 23.45 -23.71 18.19
CA ARG B 194 22.02 -23.71 18.49
C ARG B 194 21.44 -25.12 18.38
N ALA B 195 21.93 -25.93 17.44
CA ALA B 195 21.44 -27.30 17.35
C ALA B 195 21.92 -28.12 18.54
N LEU B 196 23.17 -27.90 18.96
CA LEU B 196 23.69 -28.54 20.17
C LEU B 196 22.78 -28.25 21.36
N GLY B 197 22.39 -26.99 21.53
CA GLY B 197 21.58 -26.62 22.68
C GLY B 197 20.22 -27.30 22.67
N VAL B 198 19.60 -27.41 21.49
CA VAL B 198 18.29 -28.03 21.38
C VAL B 198 18.32 -29.53 21.63
N ALA B 199 19.49 -30.18 21.51
CA ALA B 199 19.60 -31.60 21.86
C ALA B 199 19.13 -31.86 23.29
N LYS B 200 19.27 -30.87 24.17
CA LYS B 200 18.68 -30.97 25.50
C LYS B 200 17.19 -31.28 25.45
N LEU B 201 16.48 -30.81 24.42
CA LEU B 201 15.04 -31.00 24.32
C LEU B 201 14.66 -32.44 24.03
N ILE B 202 15.56 -33.24 23.45
CA ILE B 202 15.20 -34.63 23.16
C ILE B 202 15.71 -35.59 24.20
N GLU B 203 16.35 -35.10 25.27
CA GLU B 203 16.68 -36.00 26.36
C GLU B 203 15.38 -36.52 26.96
N GLY B 204 15.38 -37.78 27.30
CA GLY B 204 14.18 -38.42 27.79
C GLY B 204 13.34 -39.10 26.73
N SER B 205 13.55 -38.77 25.45
CA SER B 205 12.94 -39.54 24.38
C SER B 205 13.53 -40.95 24.35
N LYS B 206 12.82 -41.84 23.67
CA LYS B 206 13.31 -43.20 23.50
C LYS B 206 14.46 -43.26 22.50
N SER B 207 14.51 -42.30 21.56
CA SER B 207 15.51 -42.34 20.50
C SER B 207 16.88 -41.85 20.98
N TRP B 208 16.92 -40.96 21.95
CA TRP B 208 18.18 -40.39 22.42
C TRP B 208 18.63 -41.23 23.61
N THR B 209 19.56 -42.15 23.37
CA THR B 209 19.96 -43.12 24.39
C THR B 209 20.91 -42.47 25.38
N PRO B 210 21.12 -43.09 26.55
CA PRO B 210 22.16 -42.57 27.45
C PRO B 210 23.53 -42.54 26.80
N SER B 211 23.80 -43.51 25.92
CA SER B 211 25.06 -43.50 25.22
C SER B 211 25.16 -42.33 24.25
N ASP B 212 24.05 -41.98 23.56
CA ASP B 212 24.07 -40.79 22.69
C ASP B 212 24.36 -39.53 23.49
N LYS B 213 23.69 -39.37 24.61
CA LYS B 213 23.91 -38.15 25.40
C LYS B 213 25.35 -38.05 25.86
N LYS B 214 25.93 -39.17 26.31
CA LYS B 214 27.29 -39.14 26.81
C LYS B 214 28.27 -38.72 25.73
N LYS B 215 28.12 -39.28 24.53
CA LYS B 215 29.01 -38.89 23.43
C LYS B 215 28.88 -37.40 23.10
N LEU B 216 27.65 -36.88 23.10
CA LEU B 216 27.45 -35.46 22.78
C LEU B 216 27.96 -34.58 23.92
N ASP B 217 27.73 -35.00 25.17
CA ASP B 217 28.35 -34.33 26.32
C ASP B 217 29.87 -34.27 26.18
N ASP B 218 30.49 -35.38 25.75
CA ASP B 218 31.95 -35.42 25.57
C ASP B 218 32.38 -34.54 24.41
N TRP B 219 31.62 -34.55 23.30
CA TRP B 219 31.93 -33.63 22.21
C TRP B 219 31.88 -32.18 22.69
N ALA B 220 30.78 -31.80 23.34
CA ALA B 220 30.59 -30.42 23.78
C ALA B 220 31.65 -30.00 24.80
N THR B 221 32.03 -30.91 25.69
CA THR B 221 33.12 -30.64 26.62
C THR B 221 34.43 -30.35 25.87
N ALA B 222 34.74 -31.15 24.84
CA ALA B 222 35.93 -30.90 24.03
C ALA B 222 35.81 -29.62 23.22
N PHE B 223 34.63 -29.33 22.68
CA PHE B 223 34.47 -28.07 21.94
C PHE B 223 34.61 -26.89 22.89
N CYS B 224 34.08 -27.01 24.10
CA CYS B 224 34.19 -25.94 25.08
C CYS B 224 35.65 -25.71 25.46
N TYR B 225 36.41 -26.79 25.64
CA TYR B 225 37.83 -26.65 25.94
C TYR B 225 38.55 -25.93 24.81
N TRP B 226 38.30 -26.35 23.57
CA TRP B 226 38.95 -25.70 22.43
C TRP B 226 38.61 -24.22 22.36
N MET B 227 37.31 -23.87 22.51
CA MET B 227 36.83 -22.48 22.52
C MET B 227 37.58 -21.62 23.52
N GLU B 228 37.83 -22.17 24.70
CA GLU B 228 38.34 -21.41 25.83
C GLU B 228 39.87 -21.35 25.88
N ASN B 229 40.54 -22.38 25.37
CA ASN B 229 41.98 -22.51 25.57
C ASN B 229 42.81 -22.42 24.30
N SER B 230 42.26 -22.73 23.13
CA SER B 230 43.02 -22.52 21.90
C SER B 230 43.31 -21.03 21.75
N THR B 231 44.40 -20.74 21.05
CA THR B 231 44.74 -19.36 20.75
C THR B 231 43.64 -18.66 19.96
N GLN B 232 43.10 -19.35 18.94
CA GLN B 232 42.03 -18.76 18.14
C GLN B 232 40.81 -18.45 19.00
N GLY B 233 40.42 -19.36 19.89
CA GLY B 233 39.33 -19.06 20.81
C GLY B 233 39.61 -17.89 21.74
N GLN B 234 40.81 -17.85 22.34
CA GLN B 234 41.16 -16.74 23.23
C GLN B 234 41.05 -15.41 22.51
N ARG B 235 41.65 -15.33 21.31
CA ARG B 235 41.59 -14.10 20.51
C ARG B 235 40.16 -13.71 20.19
N GLU B 236 39.33 -14.67 19.77
CA GLU B 236 37.93 -14.31 19.48
C GLU B 236 37.21 -13.89 20.76
N SER B 237 37.56 -14.47 21.90
CA SER B 237 36.95 -14.03 23.14
C SER B 237 37.29 -12.58 23.46
N HIS B 238 38.36 -12.03 22.88
CA HIS B 238 38.75 -10.66 23.18
C HIS B 238 38.29 -9.68 22.12
N ALA B 239 37.52 -10.12 21.12
CA ALA B 239 37.20 -9.22 20.02
C ALA B 239 36.32 -8.08 20.50
N ALA B 240 36.61 -6.87 20.01
CA ALA B 240 35.99 -5.62 20.47
C ALA B 240 34.75 -5.23 19.68
N ASN B 241 34.25 -6.11 18.80
CA ASN B 241 33.06 -5.81 18.03
C ASN B 241 32.06 -6.96 18.20
N ASN B 242 31.16 -7.11 17.24
CA ASN B 242 30.12 -8.15 17.34
C ASN B 242 30.72 -9.56 17.39
N HIS B 243 31.96 -9.76 16.94
CA HIS B 243 32.59 -11.06 17.07
C HIS B 243 32.71 -11.49 18.52
N GLY B 244 33.03 -10.55 19.42
CA GLY B 244 33.13 -10.89 20.83
C GLY B 244 31.78 -11.23 21.44
N LEU B 245 30.74 -10.50 21.03
CA LEU B 245 29.39 -10.78 21.50
C LEU B 245 28.89 -12.13 21.00
N TRP B 246 29.12 -12.45 19.73
CA TRP B 246 28.73 -13.76 19.20
C TRP B 246 29.54 -14.88 19.83
N TYR B 247 30.83 -14.64 20.10
CA TYR B 247 31.65 -15.64 20.79
C TYR B 247 31.03 -16.03 22.11
N GLU B 248 30.58 -15.05 22.90
CA GLU B 248 29.97 -15.38 24.18
C GLU B 248 28.55 -15.93 24.03
N ALA B 249 27.80 -15.49 23.02
CA ALA B 249 26.50 -16.14 22.77
C ALA B 249 26.69 -17.63 22.48
N ILE B 250 27.65 -17.95 21.61
CA ILE B 250 27.97 -19.36 21.34
C ILE B 250 28.45 -20.04 22.62
N HIS B 251 29.32 -19.35 23.37
CA HIS B 251 29.84 -19.87 24.63
C HIS B 251 28.71 -20.27 25.58
N LEU B 252 27.70 -19.40 25.73
CA LEU B 252 26.59 -19.72 26.64
C LEU B 252 25.79 -20.93 26.15
N MET B 253 25.63 -21.08 24.85
CA MET B 253 24.93 -22.25 24.32
C MET B 253 25.65 -23.53 24.72
N VAL B 254 26.98 -23.56 24.55
CA VAL B 254 27.76 -24.73 24.93
C VAL B 254 27.66 -24.96 26.44
N LEU B 255 27.83 -23.90 27.23
CA LEU B 255 27.76 -24.03 28.68
C LEU B 255 26.36 -24.44 29.14
N ALA B 256 25.31 -23.90 28.53
CA ALA B 256 23.94 -24.29 28.90
C ALA B 256 23.66 -25.74 28.54
N TYR B 257 24.10 -26.17 27.35
CA TYR B 257 24.00 -27.58 27.00
C TYR B 257 24.63 -28.44 28.10
N LEU B 258 25.78 -28.02 28.61
CA LEU B 258 26.52 -28.76 29.63
C LEU B 258 26.02 -28.51 31.06
N ASP B 259 24.97 -27.71 31.24
CA ASP B 259 24.37 -27.43 32.55
C ASP B 259 25.32 -26.70 33.49
N ARG B 260 26.27 -25.94 32.94
CA ARG B 260 27.21 -25.21 33.77
C ARG B 260 26.65 -23.82 34.07
N THR B 261 25.62 -23.81 34.91
CA THR B 261 24.95 -22.54 35.23
C THR B 261 25.88 -21.59 35.96
N ASP B 262 26.83 -22.13 36.73
CA ASP B 262 27.85 -21.28 37.36
C ASP B 262 28.65 -20.49 36.34
N ARG B 263 29.10 -21.15 35.27
CA ARG B 263 29.86 -20.44 34.25
C ARG B 263 28.99 -19.45 33.49
N ILE B 264 27.70 -19.77 33.31
CA ILE B 264 26.79 -18.85 32.62
C ILE B 264 26.72 -17.53 33.36
N ARG B 265 26.53 -17.60 34.68
CA ARG B 265 26.53 -16.38 35.49
C ARG B 265 27.85 -15.64 35.35
N GLU B 266 28.98 -16.35 35.50
CA GLU B 266 30.28 -15.69 35.43
C GLU B 266 30.52 -15.08 34.06
N VAL B 267 30.20 -15.80 32.99
CA VAL B 267 30.42 -15.28 31.65
C VAL B 267 29.59 -14.02 31.43
N ALA B 268 28.34 -14.03 31.88
CA ALA B 268 27.48 -12.87 31.73
C ALA B 268 28.04 -11.67 32.48
N GLU B 269 28.43 -11.89 33.75
CA GLU B 269 28.82 -10.77 34.59
C GLU B 269 30.23 -10.28 34.25
N GLN B 270 31.13 -11.17 33.84
CA GLN B 270 32.52 -10.77 33.67
C GLN B 270 32.93 -10.59 32.21
N SER B 271 32.16 -11.10 31.24
CA SER B 271 32.55 -10.87 29.85
C SER B 271 31.49 -10.16 29.04
N ILE B 272 30.25 -10.67 29.01
CA ILE B 272 29.23 -10.13 28.09
C ILE B 272 28.87 -8.70 28.44
N LEU B 273 28.50 -8.44 29.70
CA LEU B 273 28.12 -7.08 30.07
C LEU B 273 29.28 -6.09 29.91
N PRO B 274 30.50 -6.37 30.38
CA PRO B 274 31.62 -5.46 30.07
C PRO B 274 31.89 -5.25 28.59
N LYS B 275 31.81 -6.31 27.76
CA LYS B 275 31.98 -6.13 26.32
C LYS B 275 30.88 -5.28 25.74
N MET B 276 29.62 -5.57 26.12
CA MET B 276 28.49 -4.79 25.66
C MET B 276 28.62 -3.33 26.10
N GLY B 277 29.02 -3.10 27.34
CA GLY B 277 29.20 -1.74 27.80
C GLY B 277 30.31 -1.01 27.07
N ALA B 278 31.36 -1.74 26.70
CA ALA B 278 32.50 -1.10 26.05
C ALA B 278 32.20 -0.74 24.58
N GLN B 279 31.22 -1.39 23.97
CA GLN B 279 30.91 -1.20 22.56
C GLN B 279 29.83 -0.14 22.32
N ILE B 280 29.15 0.33 23.35
CA ILE B 280 28.07 1.29 23.23
C ILE B 280 28.60 2.70 23.49
N ALA B 281 28.39 3.60 22.54
CA ALA B 281 28.83 4.97 22.67
C ALA B 281 27.81 5.79 23.47
N ASP B 282 28.11 7.08 23.67
CA ASP B 282 27.25 7.91 24.51
C ASP B 282 25.84 8.10 23.92
N ASP B 283 25.70 8.07 22.59
CA ASP B 283 24.39 8.20 21.96
C ASP B 283 23.70 6.84 21.74
N GLY B 284 24.30 5.76 22.21
CA GLY B 284 23.74 4.45 22.03
C GLY B 284 24.17 3.76 20.77
N SER B 285 24.98 4.40 19.94
CA SER B 285 25.45 3.78 18.72
C SER B 285 26.61 2.81 19.01
N LEU B 286 26.88 1.94 18.05
CA LEU B 286 27.94 0.95 18.16
C LEU B 286 29.04 1.32 17.17
N PRO B 287 30.04 2.11 17.58
CA PRO B 287 31.04 2.63 16.62
C PRO B 287 31.76 1.54 15.85
N GLN B 288 32.04 0.39 16.48
CA GLN B 288 32.70 -0.70 15.76
C GLN B 288 31.87 -1.15 14.56
N GLU B 289 30.54 -1.14 14.69
CA GLU B 289 29.69 -1.54 13.58
C GLU B 289 29.42 -0.40 12.62
N LEU B 290 29.48 0.86 13.09
CA LEU B 290 29.19 1.99 12.21
C LEU B 290 30.22 2.15 11.10
N LYS B 291 31.45 1.66 11.29
CA LYS B 291 32.49 1.76 10.29
C LYS B 291 32.44 0.66 9.23
N ARG B 292 31.49 -0.26 9.30
CA ARG B 292 31.38 -1.32 8.33
C ARG B 292 30.57 -0.86 7.10
N THR B 293 30.79 -1.54 5.97
CA THR B 293 30.03 -1.21 4.76
C THR B 293 28.58 -1.61 4.88
N LEU B 294 28.25 -2.52 5.80
CA LEU B 294 26.88 -2.90 6.10
C LEU B 294 26.57 -2.57 7.56
N SER B 295 26.63 -1.28 7.88
CA SER B 295 26.64 -0.82 9.27
C SER B 295 25.29 -1.01 9.97
N LEU B 296 24.19 -0.88 9.25
CA LEU B 296 22.90 -1.14 9.89
C LEU B 296 22.69 -2.63 10.10
N HIS B 297 23.16 -3.46 9.15
CA HIS B 297 23.15 -4.90 9.36
C HIS B 297 24.04 -5.28 10.56
N TYR B 298 25.26 -4.75 10.62
CA TYR B 298 26.17 -5.18 11.69
C TYR B 298 25.80 -4.57 13.04
N SER B 299 25.16 -3.40 13.06
CA SER B 299 24.56 -2.91 14.31
C SER B 299 23.48 -3.89 14.79
N THR B 300 22.60 -4.33 13.89
CA THR B 300 21.58 -5.32 14.22
C THR B 300 22.21 -6.65 14.62
N PHE B 301 23.20 -7.11 13.85
CA PHE B 301 23.84 -8.39 14.13
C PHE B 301 24.47 -8.40 15.53
N ALA B 302 25.10 -7.29 15.92
CA ALA B 302 25.67 -7.19 17.26
C ALA B 302 24.61 -7.43 18.33
N LEU B 303 23.45 -6.79 18.18
CA LEU B 303 22.38 -6.95 19.17
C LEU B 303 21.72 -8.32 19.08
N GLU B 304 21.76 -8.98 17.91
CA GLU B 304 21.21 -10.32 17.84
C GLU B 304 22.05 -11.30 18.67
N ALA B 305 23.36 -11.09 18.70
CA ALA B 305 24.21 -11.89 19.58
C ALA B 305 23.79 -11.70 21.04
N LEU B 306 23.56 -10.45 21.44
CA LEU B 306 23.13 -10.19 22.80
C LEU B 306 21.75 -10.78 23.06
N MET B 307 20.86 -10.69 22.07
CA MET B 307 19.53 -11.28 22.21
C MET B 307 19.58 -12.79 22.45
N GLU B 308 20.38 -13.53 21.67
CA GLU B 308 20.46 -14.97 21.85
C GLU B 308 21.16 -15.32 23.16
N ALA B 309 22.19 -14.55 23.52
CA ALA B 309 22.81 -14.67 24.84
C ALA B 309 21.78 -14.46 25.96
N ASN B 310 20.95 -13.41 25.85
CA ASN B 310 19.97 -13.12 26.89
C ASN B 310 18.93 -14.23 27.04
N GLN B 311 18.55 -14.88 25.94
CA GLN B 311 17.60 -15.99 26.06
C GLN B 311 18.11 -17.02 27.06
N ILE B 312 19.43 -17.22 27.11
CA ILE B 312 20.01 -18.18 28.03
C ILE B 312 20.21 -17.58 29.43
N THR B 313 20.78 -16.38 29.51
CA THR B 313 21.03 -15.79 30.84
C THR B 313 19.73 -15.52 31.58
N SER B 314 18.69 -15.06 30.89
CA SER B 314 17.45 -14.71 31.60
C SER B 314 16.71 -15.94 32.10
N GLN B 315 17.05 -17.14 31.60
CA GLN B 315 16.53 -18.37 32.16
C GLN B 315 17.14 -18.72 33.52
N ILE B 316 18.21 -18.02 33.92
CA ILE B 316 18.71 -18.12 35.28
C ILE B 316 18.71 -16.74 35.96
N GLY B 317 17.88 -15.83 35.48
CA GLY B 317 17.60 -14.58 36.16
C GLY B 317 18.46 -13.39 35.81
N ILE B 318 19.26 -13.46 34.75
CA ILE B 318 20.12 -12.34 34.37
C ILE B 318 19.59 -11.73 33.08
N ASN B 319 19.09 -10.50 33.19
CA ASN B 319 18.50 -9.77 32.06
C ASN B 319 19.58 -8.89 31.43
N LEU B 320 20.05 -9.26 30.24
CA LEU B 320 21.13 -8.52 29.60
C LEU B 320 20.68 -7.21 28.94
N TRP B 321 19.38 -7.06 28.68
CA TRP B 321 18.91 -5.82 28.06
C TRP B 321 18.86 -4.66 29.04
N SER B 322 18.62 -4.94 30.33
CA SER B 322 18.42 -3.89 31.33
C SER B 322 19.50 -3.85 32.41
N THR B 323 20.41 -4.83 32.48
CA THR B 323 21.45 -4.80 33.48
C THR B 323 22.60 -3.91 33.01
N PRO B 324 22.93 -2.83 33.71
CA PRO B 324 24.01 -1.95 33.25
C PRO B 324 25.38 -2.60 33.42
N ALA B 325 26.29 -2.26 32.52
CA ALA B 325 27.66 -2.62 32.76
C ALA B 325 28.22 -1.69 33.84
N SER B 326 29.43 -2.02 34.29
CA SER B 326 30.03 -1.23 35.34
C SER B 326 30.38 0.17 34.88
N ASN B 327 30.38 0.43 33.58
CA ASN B 327 30.63 1.80 33.11
C ASN B 327 29.33 2.58 32.93
N GLY B 328 28.21 2.04 33.41
CA GLY B 328 26.92 2.71 33.34
C GLY B 328 26.14 2.49 32.06
N LYS B 329 26.78 1.96 31.02
CA LYS B 329 26.08 1.70 29.75
C LYS B 329 25.18 0.47 29.87
N VAL B 330 24.04 0.50 29.20
CA VAL B 330 23.10 -0.62 29.24
C VAL B 330 22.63 -0.90 27.81
N ALA B 331 22.37 -2.18 27.53
CA ALA B 331 22.06 -2.59 26.16
C ALA B 331 20.80 -1.93 25.60
N SER B 332 19.83 -1.64 26.47
CA SER B 332 18.64 -0.90 26.03
C SER B 332 18.99 0.39 25.29
N GLN B 333 20.12 1.01 25.63
CA GLN B 333 20.52 2.24 24.94
C GLN B 333 20.82 1.98 23.46
N ALA B 334 21.35 0.80 23.13
CA ALA B 334 21.64 0.50 21.73
C ALA B 334 20.36 0.33 20.92
N VAL B 335 19.36 -0.33 21.50
CA VAL B 335 18.07 -0.46 20.83
C VAL B 335 17.44 0.90 20.60
N ASP B 336 17.53 1.78 21.61
CA ASP B 336 16.96 3.13 21.51
C ASP B 336 17.54 3.86 20.32
N TYR B 337 18.87 3.81 20.18
CA TYR B 337 19.50 4.47 19.04
C TYR B 337 18.98 3.91 17.73
N LEU B 338 18.85 2.58 17.63
CA LEU B 338 18.50 1.97 16.35
C LEU B 338 17.02 1.97 16.06
N TYR B 339 16.16 2.13 17.08
CA TYR B 339 14.71 2.03 16.88
C TYR B 339 14.19 2.89 15.73
N PRO B 340 14.50 4.20 15.64
CA PRO B 340 13.96 4.98 14.51
C PRO B 340 14.36 4.45 13.15
N PHE B 341 15.55 3.87 13.03
CA PHE B 341 16.00 3.29 11.76
C PHE B 341 15.37 1.94 11.48
N TYR B 342 14.82 1.26 12.48
CA TYR B 342 13.98 0.10 12.17
C TYR B 342 12.62 0.55 11.63
N LEU B 343 12.10 1.67 12.16
CA LEU B 343 10.89 2.26 11.62
C LEU B 343 11.11 2.70 10.18
N ASN B 344 12.25 3.35 9.91
CA ASN B 344 12.57 3.86 8.58
C ASN B 344 14.04 3.57 8.26
N PRO B 345 14.35 2.40 7.70
CA PRO B 345 15.75 2.10 7.40
C PRO B 345 16.42 3.08 6.45
N GLU B 346 15.66 3.76 5.59
CA GLU B 346 16.27 4.68 4.64
C GLU B 346 16.86 5.91 5.30
N ASP B 347 16.47 6.21 6.53
CA ASP B 347 17.07 7.35 7.20
C ASP B 347 18.45 7.04 7.76
N TRP B 348 18.93 5.81 7.58
CA TRP B 348 20.24 5.42 8.08
C TRP B 348 21.30 6.20 7.34
N LYS B 349 22.18 6.85 8.11
CA LYS B 349 23.13 7.82 7.60
C LYS B 349 24.54 7.27 7.49
N PHE B 350 24.72 5.96 7.65
CA PHE B 350 26.03 5.33 7.52
C PHE B 350 26.00 4.31 6.39
N LYS B 351 27.19 3.83 6.03
CA LYS B 351 27.31 2.99 4.84
C LYS B 351 26.50 1.71 4.99
N GLN B 352 25.70 1.42 3.96
CA GLN B 352 24.86 0.25 3.92
C GLN B 352 24.72 -0.08 2.43
N ILE B 353 25.72 -0.78 1.89
CA ILE B 353 25.87 -0.97 0.45
C ILE B 353 25.03 -2.10 -0.10
N LYS B 354 24.23 -2.75 0.73
CA LYS B 354 23.17 -3.64 0.29
C LYS B 354 21.94 -3.30 1.12
N PRO B 355 20.73 -3.57 0.62
CA PRO B 355 19.54 -3.16 1.36
C PRO B 355 19.40 -3.89 2.71
N PHE B 356 18.90 -3.17 3.71
CA PHE B 356 18.63 -3.74 5.03
C PHE B 356 17.22 -4.34 5.08
N ASP B 357 17.12 -5.56 5.58
CA ASP B 357 15.86 -6.29 5.75
C ASP B 357 15.17 -5.84 7.04
N GLN B 358 14.13 -5.00 6.92
CA GLN B 358 13.41 -4.55 8.12
C GLN B 358 12.85 -5.71 8.94
N SER B 359 12.54 -6.85 8.31
CA SER B 359 11.92 -7.95 9.04
C SER B 359 12.83 -8.51 10.13
N ARG B 360 14.15 -8.36 9.99
CA ARG B 360 15.04 -8.82 11.06
C ARG B 360 14.86 -8.00 12.34
N ALA B 361 14.27 -6.81 12.23
CA ALA B 361 13.97 -6.05 13.45
C ALA B 361 12.83 -6.66 14.26
N ALA B 362 12.03 -7.54 13.66
CA ALA B 362 10.81 -7.99 14.33
C ALA B 362 11.11 -8.76 15.62
N ILE B 363 11.85 -9.85 15.50
CA ILE B 363 12.14 -10.67 16.69
C ILE B 363 13.01 -9.90 17.68
N LEU B 364 13.96 -9.12 17.17
CA LEU B 364 14.86 -8.36 18.03
C LEU B 364 14.06 -7.40 18.93
N LEU B 365 13.17 -6.62 18.32
CA LEU B 365 12.37 -5.68 19.09
C LEU B 365 11.39 -6.39 20.01
N TYR B 366 10.90 -7.57 19.65
CA TYR B 366 10.04 -8.29 20.58
C TYR B 366 10.83 -8.75 21.81
N GLU B 367 11.99 -9.35 21.57
CA GLU B 367 12.84 -9.82 22.65
C GLU B 367 13.23 -8.67 23.57
N ALA B 368 13.80 -7.60 23.00
CA ALA B 368 14.24 -6.48 23.83
C ALA B 368 13.05 -5.78 24.45
N GLY B 369 11.94 -5.69 23.71
CA GLY B 369 10.76 -5.03 24.23
C GLY B 369 10.18 -5.76 25.43
N THR B 370 10.07 -7.08 25.33
CA THR B 370 9.53 -7.88 26.42
C THR B 370 10.46 -7.84 27.64
N ALA B 371 11.77 -7.91 27.40
CA ALA B 371 12.73 -7.87 28.50
C ALA B 371 12.71 -6.53 29.23
N LEU B 372 12.41 -5.44 28.52
CA LEU B 372 12.46 -4.10 29.06
C LEU B 372 11.10 -3.55 29.44
N GLY B 373 10.02 -4.28 29.18
CA GLY B 373 8.70 -3.72 29.42
C GLY B 373 8.38 -2.54 28.54
N ASN B 374 8.96 -2.47 27.37
CA ASN B 374 8.77 -1.34 26.48
C ASN B 374 7.68 -1.73 25.47
N GLN B 375 6.46 -1.26 25.71
CA GLN B 375 5.34 -1.65 24.85
C GLN B 375 5.45 -1.01 23.47
N LYS B 376 6.14 0.12 23.34
CA LYS B 376 6.33 0.68 22.01
C LYS B 376 7.12 -0.27 21.13
N TYR B 377 8.16 -0.90 21.69
CA TYR B 377 8.97 -1.85 20.92
C TYR B 377 8.16 -3.06 20.49
N VAL B 378 7.39 -3.63 21.42
CA VAL B 378 6.62 -4.84 21.13
C VAL B 378 5.58 -4.55 20.05
N ASP B 379 4.92 -3.40 20.15
CA ASP B 379 3.94 -3.01 19.13
C ASP B 379 4.58 -2.94 17.76
N THR B 380 5.71 -2.24 17.67
CA THR B 380 6.42 -2.17 16.39
C THR B 380 6.82 -3.56 15.92
N ALA B 381 7.21 -4.44 16.85
CA ALA B 381 7.60 -5.79 16.47
C ALA B 381 6.46 -6.52 15.79
N LYS B 382 5.25 -6.38 16.32
CA LYS B 382 4.09 -7.04 15.74
C LYS B 382 3.63 -6.36 14.45
N ARG B 383 3.81 -5.04 14.36
CA ARG B 383 3.40 -4.30 13.17
C ARG B 383 4.30 -4.65 11.99
N ILE B 384 5.61 -4.66 12.20
CA ILE B 384 6.52 -5.24 11.20
C ILE B 384 6.15 -6.70 10.97
N GLY B 385 6.11 -7.48 12.05
CA GLY B 385 5.60 -8.84 12.00
C GLY B 385 6.45 -9.86 11.27
N LEU B 386 6.04 -11.13 11.34
CA LEU B 386 6.60 -12.20 10.54
C LEU B 386 5.44 -12.89 9.83
N LYS B 387 5.74 -13.50 8.70
CA LYS B 387 4.70 -14.12 7.89
C LYS B 387 4.18 -15.39 8.57
N TYR B 388 2.86 -15.53 8.67
CA TYR B 388 2.27 -16.62 9.44
C TYR B 388 2.77 -17.99 8.97
N SER B 389 2.97 -18.16 7.66
CA SER B 389 3.24 -19.48 7.11
C SER B 389 4.70 -19.68 6.77
N THR B 390 5.58 -18.80 7.23
CA THR B 390 6.99 -18.91 6.87
C THR B 390 7.57 -20.22 7.38
N SER B 391 8.50 -20.77 6.59
CA SER B 391 9.21 -21.99 6.98
C SER B 391 10.54 -21.71 7.67
N ASP B 392 10.88 -20.44 7.92
CA ASP B 392 12.10 -20.06 8.63
C ASP B 392 12.11 -20.64 10.04
N VAL B 393 13.02 -21.56 10.34
CA VAL B 393 12.90 -22.27 11.60
C VAL B 393 13.13 -21.36 12.81
N GLU B 394 13.86 -20.26 12.66
CA GLU B 394 14.11 -19.43 13.83
C GLU B 394 12.84 -18.73 14.32
N THR B 395 11.80 -18.63 13.48
CA THR B 395 10.56 -17.97 13.86
C THR B 395 9.55 -18.91 14.51
N ILE B 396 9.88 -20.19 14.68
CA ILE B 396 8.89 -21.14 15.20
C ILE B 396 8.30 -20.70 16.54
N PRO B 397 9.07 -20.23 17.53
CA PRO B 397 8.44 -19.82 18.80
C PRO B 397 7.58 -18.57 18.69
N TYR B 398 7.62 -17.84 17.58
CA TYR B 398 7.06 -16.48 17.53
C TYR B 398 5.69 -16.43 16.85
N LEU B 399 4.77 -17.33 17.26
CA LEU B 399 3.38 -17.18 16.87
C LEU B 399 2.83 -15.80 17.28
N VAL B 400 3.33 -15.24 18.39
CA VAL B 400 2.89 -13.92 18.82
C VAL B 400 3.19 -12.85 17.79
N LEU B 401 4.11 -13.10 16.87
CA LEU B 401 4.39 -12.14 15.81
C LEU B 401 3.71 -12.51 14.50
N LYS B 402 3.07 -13.67 14.44
CA LYS B 402 2.45 -14.19 13.22
C LYS B 402 0.93 -14.21 13.33
N SER C 23 -29.28 -25.57 17.97
CA SER C 23 -29.87 -24.96 16.79
C SER C 23 -30.41 -23.58 17.12
N ALA C 24 -29.98 -22.57 16.38
CA ALA C 24 -30.45 -21.21 16.66
C ALA C 24 -31.91 -21.06 16.24
N PRO C 25 -32.64 -20.16 16.88
CA PRO C 25 -34.00 -19.87 16.41
C PRO C 25 -33.98 -19.31 15.00
N LEU C 26 -35.07 -19.54 14.28
CA LEU C 26 -35.25 -18.96 12.95
C LEU C 26 -35.27 -17.43 13.03
N GLY C 27 -34.38 -16.78 12.26
CA GLY C 27 -34.33 -15.33 12.29
C GLY C 27 -33.40 -14.71 11.27
N PRO C 28 -33.30 -13.37 11.29
CA PRO C 28 -32.59 -12.63 10.22
C PRO C 28 -31.09 -12.48 10.50
N PHE C 29 -30.37 -13.59 10.32
CA PHE C 29 -28.95 -13.68 10.61
C PHE C 29 -28.44 -14.97 9.99
N ASN C 30 -27.13 -15.04 9.83
CA ASN C 30 -26.48 -16.28 9.43
C ASN C 30 -26.49 -17.22 10.63
N ALA C 31 -27.43 -18.17 10.63
CA ALA C 31 -27.58 -19.05 11.79
C ALA C 31 -26.34 -19.94 11.98
N THR C 32 -25.69 -20.33 10.89
CA THR C 32 -24.50 -21.18 10.98
C THR C 32 -23.38 -20.46 11.73
N LEU C 33 -23.15 -19.18 11.40
CA LEU C 33 -22.09 -18.43 12.08
C LEU C 33 -22.48 -18.10 13.52
N LEU C 34 -23.76 -17.83 13.76
CA LEU C 34 -24.20 -17.50 15.13
C LEU C 34 -24.08 -18.71 16.06
N GLU C 35 -24.51 -19.89 15.61
CA GLU C 35 -24.35 -21.11 16.39
C GLU C 35 -22.89 -21.39 16.69
N GLN C 36 -22.03 -21.23 15.68
CA GLN C 36 -20.61 -21.52 15.82
C GLN C 36 -19.94 -20.55 16.79
N LEU C 37 -20.37 -19.28 16.80
CA LEU C 37 -19.86 -18.35 17.80
C LEU C 37 -20.31 -18.75 19.20
N LYS C 38 -21.60 -19.11 19.35
CA LYS C 38 -22.11 -19.50 20.66
C LYS C 38 -21.41 -20.74 21.19
N ASN C 39 -21.26 -21.76 20.36
CA ASN C 39 -20.59 -22.98 20.79
C ASN C 39 -19.15 -22.70 21.20
N ASP C 40 -18.40 -21.99 20.34
CA ASP C 40 -17.00 -21.68 20.64
C ASP C 40 -16.87 -20.84 21.90
N TYR C 41 -17.74 -19.84 22.08
CA TYR C 41 -17.71 -19.05 23.31
C TYR C 41 -17.99 -19.94 24.52
N GLN C 42 -18.93 -20.87 24.37
CA GLN C 42 -19.19 -21.80 25.46
C GLN C 42 -18.05 -22.80 25.62
N LYS C 43 -17.32 -23.13 24.53
CA LYS C 43 -16.12 -23.95 24.71
C LYS C 43 -14.94 -23.16 25.21
N GLY C 44 -15.08 -21.85 25.39
CA GLY C 44 -13.97 -21.09 25.90
C GLY C 44 -12.85 -20.90 24.92
N GLU C 45 -13.10 -21.10 23.63
CA GLU C 45 -12.05 -20.91 22.66
C GLU C 45 -11.59 -19.46 22.72
N LYS C 46 -10.28 -19.29 22.85
CA LYS C 46 -9.74 -17.99 23.24
C LYS C 46 -9.99 -16.94 22.17
N GLU C 47 -9.79 -17.30 20.89
CA GLU C 47 -9.99 -16.37 19.78
C GLU C 47 -11.41 -15.81 19.77
N VAL C 48 -12.41 -16.69 19.95
CA VAL C 48 -13.80 -16.25 19.93
C VAL C 48 -14.11 -15.48 21.19
N THR C 49 -13.61 -15.96 22.34
CA THR C 49 -13.79 -15.26 23.61
C THR C 49 -13.23 -13.84 23.53
N ARG C 50 -12.06 -13.67 22.90
CA ARG C 50 -11.48 -12.35 22.72
C ARG C 50 -12.38 -11.49 21.84
N TYR C 51 -12.87 -12.05 20.74
CA TYR C 51 -13.79 -11.31 19.86
C TYR C 51 -15.06 -10.91 20.61
N ILE C 52 -15.67 -11.85 21.32
CA ILE C 52 -16.95 -11.56 21.99
C ILE C 52 -16.76 -10.53 23.10
N GLU C 53 -15.60 -10.53 23.76
CA GLU C 53 -15.36 -9.55 24.82
C GLU C 53 -15.27 -8.15 24.22
N LEU C 54 -14.68 -8.03 23.03
CA LEU C 54 -14.70 -6.77 22.30
C LEU C 54 -16.14 -6.33 21.99
N GLN C 55 -16.96 -7.27 21.48
CA GLN C 55 -18.35 -6.94 21.16
C GLN C 55 -19.11 -6.46 22.39
N GLU C 56 -18.83 -7.05 23.55
CA GLU C 56 -19.53 -6.65 24.78
C GLU C 56 -19.17 -5.23 25.19
N LYS C 57 -17.91 -4.85 25.03
CA LYS C 57 -17.52 -3.47 25.35
C LYS C 57 -18.12 -2.51 24.33
N VAL C 58 -18.16 -2.89 23.05
CA VAL C 58 -18.88 -2.09 22.05
C VAL C 58 -20.35 -1.96 22.42
N ALA C 59 -20.96 -3.04 22.91
CA ALA C 59 -22.38 -3.06 23.23
C ALA C 59 -22.71 -2.23 24.47
N GLU C 60 -21.69 -1.81 25.23
CA GLU C 60 -21.95 -1.09 26.47
C GLU C 60 -22.79 0.16 26.25
N LYS C 61 -22.55 0.87 25.14
CA LYS C 61 -23.34 2.07 24.86
C LYS C 61 -24.82 1.74 24.68
N TYR C 62 -25.14 0.54 24.22
CA TYR C 62 -26.55 0.17 24.05
C TYR C 62 -27.23 -0.20 25.36
N ILE C 63 -26.47 -0.69 26.34
CA ILE C 63 -27.04 -0.92 27.67
C ILE C 63 -27.41 0.40 28.33
N LYS C 64 -26.63 1.45 28.07
CA LYS C 64 -26.86 2.78 28.64
C LYS C 64 -27.85 3.62 27.84
N MET C 65 -28.08 3.29 26.57
CA MET C 65 -28.89 4.11 25.68
C MET C 65 -30.36 4.15 26.12
N THR C 66 -30.92 5.35 26.17
CA THR C 66 -32.35 5.49 26.42
C THR C 66 -33.12 4.91 25.24
N PRO C 67 -34.11 4.05 25.47
CA PRO C 67 -34.90 3.52 24.36
C PRO C 67 -35.56 4.63 23.56
N LEU C 68 -35.49 4.51 22.24
CA LEU C 68 -36.11 5.48 21.34
C LEU C 68 -37.55 5.11 21.02
N SER C 69 -38.32 6.13 20.60
CA SER C 69 -39.72 5.97 20.23
C SER C 69 -40.05 6.82 19.01
N VAL C 70 -40.86 6.25 18.11
CA VAL C 70 -41.31 6.94 16.91
C VAL C 70 -42.09 8.21 17.25
N THR C 71 -42.59 8.32 18.46
CA THR C 71 -43.35 9.50 18.89
C THR C 71 -42.48 10.72 19.17
N ALA C 72 -41.15 10.61 19.12
CA ALA C 72 -40.29 11.75 19.48
C ALA C 72 -40.09 12.69 18.28
N LYS C 73 -41.20 13.24 17.79
CA LYS C 73 -41.19 14.18 16.68
C LYS C 73 -42.04 15.39 17.02
N LYS C 74 -41.74 16.52 16.36
CA LYS C 74 -42.56 17.72 16.54
C LYS C 74 -43.69 17.80 15.51
N LYS C 75 -43.34 17.70 14.22
CA LYS C 75 -44.36 17.77 13.18
C LYS C 75 -45.12 16.44 13.10
N LEU C 76 -46.43 16.48 13.34
CA LEU C 76 -47.22 15.27 13.35
C LEU C 76 -47.56 14.87 11.92
N PRO C 77 -47.84 13.59 11.68
CA PRO C 77 -48.23 13.15 10.33
C PRO C 77 -49.67 13.53 10.03
N PRO C 78 -50.10 13.41 8.77
CA PRO C 78 -51.47 13.82 8.43
C PRO C 78 -52.54 13.10 9.24
N SER C 79 -52.23 11.96 9.86
CA SER C 79 -53.18 11.32 10.76
C SER C 79 -53.31 12.02 12.11
N LYS C 80 -52.44 12.95 12.44
CA LYS C 80 -52.32 13.58 13.75
C LYS C 80 -51.84 12.61 14.84
N ASP C 81 -51.26 11.46 14.45
CA ASP C 81 -50.91 10.45 15.44
C ASP C 81 -49.40 10.36 15.55
N PRO C 82 -48.79 10.78 16.65
CA PRO C 82 -47.33 10.67 16.77
C PRO C 82 -46.81 9.24 16.67
N ARG C 83 -47.65 8.23 16.90
CA ARG C 83 -47.22 6.84 16.77
C ARG C 83 -47.19 6.36 15.32
N ASP C 84 -47.59 7.17 14.34
CA ASP C 84 -47.43 6.82 12.93
C ASP C 84 -46.03 7.19 12.48
N TYR C 85 -45.30 6.21 11.94
CA TYR C 85 -44.00 6.45 11.35
C TYR C 85 -44.13 7.37 10.14
N MET C 86 -43.29 8.40 10.06
CA MET C 86 -43.32 9.28 8.90
C MET C 86 -41.92 9.72 8.56
N THR C 87 -41.55 9.60 7.28
CA THR C 87 -40.27 10.13 6.79
C THR C 87 -40.51 10.79 5.45
N LEU C 88 -39.50 11.53 5.01
CA LEU C 88 -39.46 12.15 3.69
C LEU C 88 -38.70 11.26 2.72
N SER C 89 -39.25 11.06 1.53
CA SER C 89 -38.55 10.28 0.52
C SER C 89 -37.27 11.01 0.14
N PRO C 90 -36.10 10.35 0.23
CA PRO C 90 -34.82 11.10 0.34
C PRO C 90 -34.40 11.85 -0.91
N TYR C 91 -34.92 11.51 -2.09
CA TYR C 91 -34.46 12.13 -3.34
C TYR C 91 -35.40 13.22 -3.84
N TRP C 92 -36.29 13.71 -3.00
CA TRP C 92 -37.29 14.69 -3.39
C TRP C 92 -36.97 16.02 -2.72
N TRP C 93 -36.89 17.08 -3.54
CA TRP C 93 -36.39 18.38 -3.13
C TRP C 93 -37.40 19.48 -3.43
N PRO C 94 -37.37 20.59 -2.69
CA PRO C 94 -38.23 21.74 -3.04
C PRO C 94 -37.89 22.24 -4.44
N ASP C 95 -38.91 22.72 -5.13
CA ASP C 95 -38.75 23.29 -6.46
C ASP C 95 -38.54 24.79 -6.30
N SER C 96 -37.29 25.25 -6.50
CA SER C 96 -36.96 26.66 -6.28
C SER C 96 -37.67 27.58 -7.25
N THR C 97 -38.08 27.08 -8.42
CA THR C 97 -38.81 27.91 -9.38
C THR C 97 -40.29 28.02 -9.05
N LYS C 98 -40.75 27.39 -7.97
CA LYS C 98 -42.10 27.56 -7.47
C LYS C 98 -42.01 28.34 -6.16
N ILE C 99 -42.94 29.28 -5.99
CA ILE C 99 -42.80 30.25 -4.90
C ILE C 99 -42.80 29.57 -3.53
N ASP C 100 -43.60 28.51 -3.36
CA ASP C 100 -43.62 27.78 -2.10
C ASP C 100 -42.88 26.45 -2.18
N GLY C 101 -42.17 26.18 -3.28
CA GLY C 101 -41.37 24.99 -3.44
C GLY C 101 -42.10 23.71 -3.80
N LEU C 102 -43.43 23.74 -3.95
CA LEU C 102 -44.34 22.63 -4.25
C LEU C 102 -44.72 22.60 -5.73
N PRO C 103 -44.85 21.39 -6.30
CA PRO C 103 -44.61 20.09 -5.68
C PRO C 103 -43.13 19.76 -5.67
N TYR C 104 -42.63 19.00 -4.70
CA TYR C 104 -41.23 18.60 -4.74
C TYR C 104 -40.92 17.87 -6.04
N ILE C 105 -39.64 17.91 -6.42
CA ILE C 105 -39.14 17.29 -7.64
C ILE C 105 -38.06 16.30 -7.24
N ARG C 106 -37.86 15.30 -8.09
CA ARG C 106 -37.00 14.18 -7.76
C ARG C 106 -35.61 14.39 -8.35
N LYS C 107 -34.58 14.18 -7.52
CA LYS C 107 -33.19 14.16 -7.99
C LYS C 107 -32.53 12.86 -7.50
N ASP C 108 -32.62 11.85 -8.35
CA ASP C 108 -32.21 10.50 -7.98
C ASP C 108 -30.77 10.46 -7.49
N GLY C 109 -30.57 9.85 -6.34
CA GLY C 109 -29.24 9.71 -5.78
C GLY C 109 -28.76 10.92 -5.00
N GLU C 110 -29.51 12.01 -4.99
CA GLU C 110 -29.12 13.21 -4.24
C GLU C 110 -30.05 13.34 -3.03
N ARG C 111 -29.51 12.98 -1.86
CA ARG C 111 -30.27 12.98 -0.62
C ARG C 111 -30.49 14.39 -0.10
N ASN C 112 -31.76 14.75 0.02
CA ASN C 112 -32.19 16.03 0.53
C ASN C 112 -32.01 16.06 2.04
N PRO C 113 -31.17 16.95 2.58
CA PRO C 113 -30.96 17.00 4.04
C PRO C 113 -32.22 17.25 4.84
N GLU C 114 -33.31 17.67 4.21
CA GLU C 114 -34.57 17.76 4.93
C GLU C 114 -35.00 16.43 5.54
N VAL C 115 -34.45 15.30 5.06
CA VAL C 115 -34.83 14.00 5.64
C VAL C 115 -34.57 13.98 7.15
N TYR C 116 -33.56 14.72 7.61
CA TYR C 116 -33.21 14.68 9.02
C TYR C 116 -34.18 15.47 9.89
N GLU C 117 -35.22 16.13 9.32
CA GLU C 117 -36.29 16.73 10.09
C GLU C 117 -37.28 15.70 10.63
N TYR C 118 -37.23 14.48 10.12
CA TYR C 118 -38.12 13.41 10.55
C TYR C 118 -37.29 12.50 11.46
N PRO C 119 -37.44 12.60 12.79
CA PRO C 119 -36.48 11.92 13.68
C PRO C 119 -36.41 10.41 13.51
N GLU C 120 -37.51 9.74 13.13
CA GLU C 120 -37.51 8.27 13.03
C GLU C 120 -36.69 7.75 11.88
N ARG C 121 -36.26 8.61 10.93
CA ARG C 121 -35.38 8.12 9.89
C ARG C 121 -34.13 7.53 10.52
N GLU C 122 -33.49 8.31 11.38
CA GLU C 122 -32.28 7.86 12.06
C GLU C 122 -32.58 7.12 13.35
N ASN C 123 -33.68 7.42 14.03
CA ASN C 123 -33.98 6.70 15.27
C ASN C 123 -34.38 5.25 15.01
N ALA C 124 -35.06 4.96 13.91
CA ALA C 124 -35.33 3.56 13.59
C ALA C 124 -34.02 2.82 13.32
N ASN C 125 -33.06 3.51 12.69
CA ASN C 125 -31.73 2.96 12.47
C ASN C 125 -31.00 2.70 13.79
N ARG C 126 -31.00 3.69 14.70
CA ARG C 126 -30.32 3.49 15.98
C ARG C 126 -31.01 2.42 16.82
N PHE C 127 -32.36 2.42 16.85
CA PHE C 127 -33.09 1.36 17.53
C PHE C 127 -32.70 -0.03 17.01
N GLY C 128 -32.75 -0.22 15.69
CA GLY C 128 -32.44 -1.52 15.11
C GLY C 128 -31.05 -2.02 15.45
N ASP C 129 -30.05 -1.13 15.38
CA ASP C 129 -28.70 -1.52 15.76
C ASP C 129 -28.64 -1.96 17.22
N ALA C 130 -29.21 -1.16 18.13
CA ALA C 130 -29.20 -1.51 19.55
C ALA C 130 -29.87 -2.87 19.78
N ALA C 131 -31.06 -3.07 19.22
CA ALA C 131 -31.79 -4.30 19.48
C ALA C 131 -31.06 -5.50 18.91
N TYR C 132 -30.47 -5.34 17.72
CA TYR C 132 -29.79 -6.46 17.08
C TYR C 132 -28.54 -6.87 17.86
N CYS C 133 -27.69 -5.88 18.18
CA CYS C 133 -26.49 -6.17 18.95
C CYS C 133 -26.80 -6.86 20.26
N LEU C 134 -27.74 -6.32 21.04
CA LEU C 134 -28.03 -6.86 22.36
C LEU C 134 -28.64 -8.27 22.26
N GLY C 135 -29.58 -8.48 21.33
CA GLY C 135 -30.17 -9.79 21.19
C GLY C 135 -29.17 -10.86 20.76
N VAL C 136 -28.31 -10.54 19.79
CA VAL C 136 -27.26 -11.48 19.37
C VAL C 136 -26.32 -11.79 20.52
N LEU C 137 -25.95 -10.78 21.32
CA LEU C 137 -25.04 -11.00 22.43
C LEU C 137 -25.68 -11.81 23.55
N TYR C 138 -26.98 -11.63 23.79
CA TYR C 138 -27.62 -12.53 24.75
C TYR C 138 -27.63 -13.95 24.24
N TYR C 139 -27.90 -14.14 22.94
CA TYR C 139 -27.93 -15.49 22.40
C TYR C 139 -26.55 -16.14 22.53
N ILE C 140 -25.49 -15.37 22.30
CA ILE C 140 -24.15 -15.95 22.32
C ILE C 140 -23.71 -16.20 23.76
N THR C 141 -23.90 -15.21 24.64
CA THR C 141 -23.33 -15.26 25.98
C THR C 141 -24.28 -15.79 27.03
N GLY C 142 -25.59 -15.66 26.82
CA GLY C 142 -26.54 -16.04 27.85
C GLY C 142 -26.64 -15.08 29.01
N LYS C 143 -25.95 -13.94 28.96
CA LYS C 143 -25.96 -13.01 30.07
C LYS C 143 -27.27 -12.23 30.09
N GLU C 144 -27.98 -12.29 31.22
CA GLU C 144 -29.31 -11.69 31.32
C GLU C 144 -29.29 -10.19 31.03
N VAL C 145 -28.18 -9.50 31.32
CA VAL C 145 -28.11 -8.04 31.13
C VAL C 145 -28.42 -7.67 29.67
N TYR C 146 -28.09 -8.53 28.71
CA TYR C 146 -28.33 -8.20 27.30
C TYR C 146 -29.80 -8.38 26.93
N ALA C 147 -30.44 -9.43 27.43
CA ALA C 147 -31.85 -9.61 27.19
C ALA C 147 -32.67 -8.49 27.83
N LYS C 148 -32.27 -8.05 29.03
CA LYS C 148 -33.03 -6.99 29.69
C LYS C 148 -32.97 -5.69 28.88
N ALA C 149 -31.77 -5.33 28.41
CA ALA C 149 -31.64 -4.12 27.60
C ALA C 149 -32.33 -4.29 26.26
N CYS C 150 -32.12 -5.42 25.59
CA CYS C 150 -32.79 -5.66 24.32
C CYS C 150 -34.30 -5.49 24.49
N ALA C 151 -34.85 -6.10 25.53
CA ALA C 151 -36.29 -6.05 25.77
C ALA C 151 -36.79 -4.62 25.98
N ASN C 152 -36.04 -3.81 26.73
CA ASN C 152 -36.47 -2.43 26.97
C ASN C 152 -36.62 -1.67 25.64
N HIS C 153 -35.65 -1.84 24.74
CA HIS C 153 -35.73 -1.21 23.42
C HIS C 153 -36.92 -1.74 22.62
N LEU C 154 -37.14 -3.06 22.63
CA LEU C 154 -38.24 -3.69 21.89
C LEU C 154 -39.60 -3.21 22.39
N ARG C 155 -39.78 -3.20 23.72
CA ARG C 155 -41.03 -2.75 24.30
C ARG C 155 -41.34 -1.32 23.90
N THR C 156 -40.33 -0.45 23.96
CA THR C 156 -40.56 0.97 23.69
C THR C 156 -40.81 1.21 22.21
N TRP C 157 -40.07 0.56 21.33
CA TRP C 157 -40.22 0.81 19.90
C TRP C 157 -41.51 0.20 19.37
N PHE C 158 -41.86 -1.02 19.80
CA PHE C 158 -42.93 -1.78 19.16
C PHE C 158 -44.24 -1.74 19.93
N THR C 159 -44.27 -2.18 21.19
CA THR C 159 -45.54 -2.52 21.82
C THR C 159 -46.06 -1.52 22.85
N ASP C 160 -45.23 -0.60 23.33
CA ASP C 160 -45.68 0.32 24.38
C ASP C 160 -46.94 1.07 23.93
N PRO C 161 -48.01 1.09 24.75
CA PRO C 161 -49.28 1.67 24.29
C PRO C 161 -49.24 3.18 24.07
N LYS C 162 -48.20 3.89 24.53
CA LYS C 162 -48.01 5.30 24.23
C LYS C 162 -46.82 5.53 23.31
N LEU C 163 -45.72 4.81 23.51
CA LEU C 163 -44.47 5.05 22.81
C LEU C 163 -44.29 4.18 21.57
N GLY C 164 -45.02 3.07 21.48
CA GLY C 164 -44.81 2.12 20.41
C GLY C 164 -45.40 2.58 19.09
N MET C 165 -44.75 2.18 17.99
CA MET C 165 -45.19 2.61 16.68
C MET C 165 -46.47 1.87 16.29
N ASN C 166 -47.32 2.56 15.54
CA ASN C 166 -48.44 1.88 14.91
C ASN C 166 -47.92 0.89 13.86
N PRO C 167 -48.54 -0.30 13.73
CA PRO C 167 -48.03 -1.31 12.77
C PRO C 167 -48.46 -1.02 11.33
N ASN C 168 -47.92 0.05 10.76
CA ASN C 168 -48.17 0.40 9.36
C ASN C 168 -46.99 1.23 8.86
N MET C 169 -46.92 1.42 7.54
CA MET C 169 -45.99 2.40 6.97
C MET C 169 -46.71 3.36 6.04
N THR C 170 -47.90 3.78 6.44
CA THR C 170 -48.72 4.67 5.62
C THR C 170 -47.96 5.93 5.22
N TYR C 171 -47.20 6.52 6.14
CA TYR C 171 -46.58 7.81 5.89
C TYR C 171 -45.08 7.73 5.68
N ALA C 172 -44.55 6.52 5.43
CA ALA C 172 -43.13 6.36 5.15
C ALA C 172 -42.80 6.92 3.77
N GLN C 173 -41.70 7.67 3.70
CA GLN C 173 -41.23 8.36 2.49
C GLN C 173 -42.35 9.12 1.80
N ALA C 174 -43.14 9.86 2.59
CA ALA C 174 -44.05 10.84 2.01
C ALA C 174 -43.27 11.91 1.26
N VAL C 175 -43.97 12.58 0.34
CA VAL C 175 -43.37 13.62 -0.49
C VAL C 175 -44.32 14.81 -0.47
N PRO C 176 -43.88 16.00 -0.04
CA PRO C 176 -44.77 17.17 -0.02
C PRO C 176 -45.27 17.53 -1.41
N GLY C 177 -46.59 17.73 -1.52
CA GLY C 177 -47.19 18.09 -2.79
C GLY C 177 -47.53 16.92 -3.70
N MET C 178 -46.99 15.72 -3.44
CA MET C 178 -47.34 14.59 -4.28
C MET C 178 -48.80 14.22 -4.05
N LYS C 179 -49.53 13.97 -5.14
CA LYS C 179 -50.95 13.64 -5.02
C LYS C 179 -51.19 12.16 -4.78
N LYS C 180 -50.42 11.29 -5.43
CA LYS C 180 -50.68 9.87 -5.34
C LYS C 180 -50.08 9.29 -4.05
N MET C 181 -50.77 8.32 -3.49
CA MET C 181 -50.22 7.49 -2.43
C MET C 181 -49.16 6.57 -3.03
N ARG C 182 -48.07 6.32 -2.30
CA ARG C 182 -47.06 5.37 -2.76
C ARG C 182 -46.69 4.39 -1.65
N GLY C 183 -46.20 3.22 -2.07
CA GLY C 183 -45.69 2.23 -1.15
C GLY C 183 -44.18 2.20 -1.07
N SER C 184 -43.48 3.07 -1.79
CA SER C 184 -42.03 3.00 -1.84
C SER C 184 -41.39 3.19 -0.46
N GLY C 185 -42.10 3.85 0.46
CA GLY C 185 -41.56 4.06 1.81
C GLY C 185 -41.49 2.79 2.65
N PHE C 186 -42.14 1.72 2.22
CA PHE C 186 -42.11 0.48 2.98
C PHE C 186 -40.68 -0.02 3.22
N ILE C 187 -39.76 0.28 2.30
CA ILE C 187 -38.38 -0.18 2.41
C ILE C 187 -37.70 0.30 3.69
N ASP C 188 -38.17 1.42 4.27
CA ASP C 188 -37.65 1.89 5.55
C ASP C 188 -37.83 0.83 6.65
N SER C 189 -38.74 -0.13 6.45
CA SER C 189 -39.03 -1.11 7.49
C SER C 189 -37.85 -2.01 7.80
N ARG C 190 -36.89 -2.16 6.88
CA ARG C 190 -35.83 -3.13 7.09
C ARG C 190 -34.98 -2.81 8.31
N ARG C 191 -34.94 -1.54 8.72
CA ARG C 191 -34.18 -1.15 9.90
C ARG C 191 -34.78 -1.78 11.16
N PHE C 192 -36.10 -1.70 11.33
CA PHE C 192 -36.66 -2.31 12.52
C PHE C 192 -37.15 -3.76 12.32
N SER C 193 -37.31 -4.23 11.08
CA SER C 193 -37.79 -5.62 10.93
C SER C 193 -36.71 -6.61 11.32
N ARG C 194 -35.44 -6.24 11.15
CA ARG C 194 -34.35 -7.08 11.63
C ARG C 194 -34.38 -7.19 13.15
N ALA C 195 -34.71 -6.09 13.84
CA ALA C 195 -34.81 -6.13 15.28
C ALA C 195 -36.00 -6.96 15.73
N LEU C 196 -37.11 -6.87 14.97
CA LEU C 196 -38.25 -7.72 15.28
C LEU C 196 -37.84 -9.19 15.28
N GLY C 197 -37.10 -9.61 14.26
CA GLY C 197 -36.70 -11.00 14.15
C GLY C 197 -35.79 -11.45 15.28
N VAL C 198 -34.89 -10.55 15.71
CA VAL C 198 -33.95 -10.91 16.77
C VAL C 198 -34.64 -11.07 18.13
N ALA C 199 -35.84 -10.51 18.32
CA ALA C 199 -36.55 -10.73 19.59
C ALA C 199 -36.75 -12.21 19.88
N LYS C 200 -36.87 -13.04 18.83
CA LYS C 200 -36.90 -14.49 19.04
C LYS C 200 -35.70 -14.98 19.85
N LEU C 201 -34.54 -14.33 19.70
CA LEU C 201 -33.33 -14.77 20.40
C LEU C 201 -33.40 -14.55 21.90
N ILE C 202 -34.21 -13.61 22.39
CA ILE C 202 -34.29 -13.37 23.82
C ILE C 202 -35.48 -14.07 24.46
N GLU C 203 -36.26 -14.82 23.68
CA GLU C 203 -37.30 -15.64 24.28
C GLU C 203 -36.66 -16.67 25.21
N GLY C 204 -37.31 -16.91 26.35
CA GLY C 204 -36.75 -17.75 27.38
C GLY C 204 -35.93 -17.01 28.42
N SER C 205 -35.49 -15.79 28.13
CA SER C 205 -34.86 -14.98 29.16
C SER C 205 -35.87 -14.64 30.24
N LYS C 206 -35.34 -14.23 31.39
CA LYS C 206 -36.20 -13.77 32.46
C LYS C 206 -36.80 -12.40 32.14
N SER C 207 -36.12 -11.61 31.30
CA SER C 207 -36.54 -10.23 31.03
C SER C 207 -37.67 -10.16 29.99
N TRP C 208 -37.71 -11.09 29.04
CA TRP C 208 -38.73 -11.10 28.00
C TRP C 208 -39.84 -12.03 28.49
N THR C 209 -40.91 -11.46 29.04
CA THR C 209 -41.96 -12.22 29.68
C THR C 209 -42.89 -12.84 28.64
N PRO C 210 -43.70 -13.82 29.04
CA PRO C 210 -44.76 -14.29 28.14
C PRO C 210 -45.68 -13.18 27.67
N SER C 211 -45.93 -12.20 28.53
CA SER C 211 -46.75 -11.05 28.16
C SER C 211 -46.04 -10.17 27.14
N ASP C 212 -44.73 -10.00 27.27
CA ASP C 212 -43.96 -9.28 26.26
C ASP C 212 -44.10 -9.96 24.91
N LYS C 213 -43.93 -11.28 24.89
CA LYS C 213 -43.98 -12.03 23.64
C LYS C 213 -45.37 -11.95 22.98
N LYS C 214 -46.44 -12.07 23.78
CA LYS C 214 -47.79 -11.97 23.23
C LYS C 214 -48.03 -10.62 22.58
N LYS C 215 -47.64 -9.53 23.26
CA LYS C 215 -47.86 -8.20 22.70
C LYS C 215 -47.09 -8.02 21.40
N LEU C 216 -45.83 -8.50 21.35
CA LEU C 216 -45.05 -8.36 20.12
C LEU C 216 -45.55 -9.31 19.03
N ASP C 217 -46.01 -10.51 19.39
CA ASP C 217 -46.68 -11.37 18.41
C ASP C 217 -47.88 -10.66 17.79
N ASP C 218 -48.69 -9.96 18.62
CA ASP C 218 -49.88 -9.27 18.11
C ASP C 218 -49.50 -8.09 17.22
N TRP C 219 -48.48 -7.32 17.64
CA TRP C 219 -47.98 -6.25 16.79
C TRP C 219 -47.51 -6.80 15.44
N ALA C 220 -46.70 -7.85 15.48
CA ALA C 220 -46.17 -8.40 14.23
C ALA C 220 -47.29 -8.96 13.36
N THR C 221 -48.29 -9.60 13.99
CA THR C 221 -49.44 -10.08 13.23
C THR C 221 -50.15 -8.93 12.51
N ALA C 222 -50.32 -7.80 13.19
CA ALA C 222 -50.96 -6.61 12.61
C ALA C 222 -50.08 -5.98 11.53
N PHE C 223 -48.77 -5.95 11.75
CA PHE C 223 -47.89 -5.39 10.74
C PHE C 223 -47.88 -6.26 9.48
N CYS C 224 -47.92 -7.59 9.67
CA CYS C 224 -47.95 -8.51 8.54
C CYS C 224 -49.24 -8.33 7.74
N TYR C 225 -50.37 -8.19 8.44
CA TYR C 225 -51.64 -7.90 7.78
C TYR C 225 -51.55 -6.61 6.98
N TRP C 226 -51.00 -5.55 7.57
CA TRP C 226 -50.88 -4.28 6.85
C TRP C 226 -50.02 -4.45 5.60
N MET C 227 -48.87 -5.12 5.76
CA MET C 227 -47.95 -5.43 4.65
C MET C 227 -48.64 -6.10 3.48
N GLU C 228 -49.50 -7.06 3.79
CA GLU C 228 -50.07 -7.95 2.79
C GLU C 228 -51.36 -7.39 2.20
N ASN C 229 -52.11 -6.61 2.97
CA ASN C 229 -53.44 -6.23 2.52
C ASN C 229 -53.64 -4.76 2.24
N SER C 230 -52.87 -3.85 2.84
CA SER C 230 -53.00 -2.44 2.48
C SER C 230 -52.60 -2.25 1.01
N THR C 231 -53.18 -1.23 0.40
CA THR C 231 -52.86 -0.93 -0.99
C THR C 231 -51.36 -0.65 -1.15
N GLN C 232 -50.78 0.11 -0.22
CA GLN C 232 -49.34 0.43 -0.30
C GLN C 232 -48.50 -0.82 -0.21
N GLY C 233 -48.85 -1.74 0.71
CA GLY C 233 -48.14 -3.02 0.77
C GLY C 233 -48.27 -3.85 -0.50
N GLN C 234 -49.48 -3.95 -1.06
CA GLN C 234 -49.71 -4.71 -2.29
C GLN C 234 -48.88 -4.16 -3.44
N ARG C 235 -48.91 -2.84 -3.64
CA ARG C 235 -48.12 -2.21 -4.70
C ARG C 235 -46.63 -2.48 -4.50
N GLU C 236 -46.14 -2.33 -3.27
CA GLU C 236 -44.72 -2.57 -3.03
C GLU C 236 -44.35 -4.04 -3.24
N SER C 237 -45.28 -4.97 -2.96
CA SER C 237 -45.03 -6.38 -3.23
C SER C 237 -44.89 -6.65 -4.73
N HIS C 238 -45.41 -5.76 -5.58
CA HIS C 238 -45.37 -5.95 -7.02
C HIS C 238 -44.25 -5.16 -7.69
N ALA C 239 -43.40 -4.48 -6.91
CA ALA C 239 -42.35 -3.66 -7.52
C ALA C 239 -41.32 -4.54 -8.24
N ALA C 240 -40.88 -4.10 -9.42
CA ALA C 240 -40.01 -4.86 -10.31
C ALA C 240 -38.52 -4.58 -10.13
N ASN C 241 -38.12 -3.82 -9.10
CA ASN C 241 -36.70 -3.54 -8.88
C ASN C 241 -36.32 -3.98 -7.47
N ASN C 242 -35.29 -3.36 -6.87
CA ASN C 242 -34.87 -3.81 -5.55
C ASN C 242 -35.95 -3.61 -4.46
N HIS C 243 -36.94 -2.73 -4.70
CA HIS C 243 -38.04 -2.54 -3.76
C HIS C 243 -38.85 -3.81 -3.54
N GLY C 244 -39.08 -4.59 -4.59
CA GLY C 244 -39.79 -5.86 -4.42
C GLY C 244 -38.96 -6.87 -3.67
N LEU C 245 -37.66 -6.90 -3.92
CA LEU C 245 -36.79 -7.83 -3.20
C LEU C 245 -36.73 -7.51 -1.71
N TRP C 246 -36.58 -6.22 -1.34
CA TRP C 246 -36.58 -5.84 0.08
C TRP C 246 -37.95 -6.04 0.71
N TYR C 247 -39.01 -5.76 -0.04
CA TYR C 247 -40.34 -6.05 0.47
C TYR C 247 -40.43 -7.50 0.92
N GLU C 248 -39.98 -8.44 0.09
CA GLU C 248 -40.06 -9.84 0.51
C GLU C 248 -39.01 -10.23 1.54
N ALA C 249 -37.83 -9.62 1.53
CA ALA C 249 -36.90 -9.87 2.65
C ALA C 249 -37.54 -9.47 3.97
N ILE C 250 -38.16 -8.28 4.00
CA ILE C 250 -38.86 -7.82 5.22
C ILE C 250 -40.01 -8.75 5.55
N HIS C 251 -40.76 -9.15 4.53
CA HIS C 251 -41.87 -10.10 4.70
C HIS C 251 -41.36 -11.35 5.43
N LEU C 252 -40.24 -11.91 4.97
CA LEU C 252 -39.71 -13.14 5.56
C LEU C 252 -39.30 -12.95 7.02
N MET C 253 -38.75 -11.78 7.37
CA MET C 253 -38.42 -11.49 8.77
C MET C 253 -39.68 -11.49 9.63
N VAL C 254 -40.74 -10.86 9.15
CA VAL C 254 -42.00 -10.85 9.87
C VAL C 254 -42.56 -12.27 9.97
N LEU C 255 -42.56 -13.00 8.86
CA LEU C 255 -43.08 -14.37 8.88
C LEU C 255 -42.22 -15.29 9.74
N ALA C 256 -40.89 -15.15 9.70
CA ALA C 256 -40.04 -15.96 10.56
C ALA C 256 -40.28 -15.65 12.04
N TYR C 257 -40.38 -14.36 12.38
CA TYR C 257 -40.70 -14.01 13.77
C TYR C 257 -41.94 -14.73 14.27
N LEU C 258 -42.97 -14.81 13.43
CA LEU C 258 -44.24 -15.45 13.74
C LEU C 258 -44.22 -16.97 13.53
N ASP C 259 -43.08 -17.56 13.16
CA ASP C 259 -42.97 -19.01 12.96
C ASP C 259 -43.84 -19.51 11.80
N ARG C 260 -44.11 -18.68 10.79
CA ARG C 260 -44.93 -19.12 9.66
C ARG C 260 -44.03 -19.74 8.58
N THR C 261 -43.54 -20.96 8.87
CA THR C 261 -42.60 -21.61 7.94
C THR C 261 -43.28 -22.00 6.63
N ASP C 262 -44.56 -22.35 6.67
CA ASP C 262 -45.30 -22.60 5.43
C ASP C 262 -45.29 -21.35 4.55
N ARG C 263 -45.53 -20.17 5.13
CA ARG C 263 -45.55 -18.96 4.31
C ARG C 263 -44.16 -18.64 3.76
N ILE C 264 -43.10 -18.94 4.53
CA ILE C 264 -41.75 -18.65 4.03
C ILE C 264 -41.49 -19.41 2.73
N ARG C 265 -41.85 -20.70 2.69
CA ARG C 265 -41.69 -21.46 1.45
C ARG C 265 -42.51 -20.85 0.33
N GLU C 266 -43.78 -20.51 0.60
CA GLU C 266 -44.63 -19.95 -0.44
C GLU C 266 -44.07 -18.61 -0.95
N VAL C 267 -43.64 -17.75 -0.03
CA VAL C 267 -43.09 -16.47 -0.49
C VAL C 267 -41.83 -16.71 -1.32
N ALA C 268 -40.96 -17.62 -0.86
CA ALA C 268 -39.72 -17.90 -1.56
C ALA C 268 -40.00 -18.48 -2.94
N GLU C 269 -40.85 -19.48 -3.01
CA GLU C 269 -41.08 -20.19 -4.27
C GLU C 269 -41.95 -19.40 -5.23
N GLN C 270 -42.93 -18.63 -4.72
CA GLN C 270 -43.91 -17.98 -5.58
C GLN C 270 -43.67 -16.48 -5.81
N SER C 271 -42.86 -15.82 -4.99
CA SER C 271 -42.61 -14.40 -5.20
C SER C 271 -41.13 -14.06 -5.38
N ILE C 272 -40.27 -14.48 -4.43
CA ILE C 272 -38.87 -14.03 -4.45
C ILE C 272 -38.16 -14.56 -5.68
N LEU C 273 -38.16 -15.88 -5.84
CA LEU C 273 -37.48 -16.45 -7.00
C LEU C 273 -38.09 -15.95 -8.30
N PRO C 274 -39.42 -15.87 -8.45
CA PRO C 274 -39.95 -15.22 -9.67
C PRO C 274 -39.49 -13.79 -9.88
N LYS C 275 -39.45 -12.95 -8.82
CA LYS C 275 -38.96 -11.58 -9.00
C LYS C 275 -37.48 -11.58 -9.36
N MET C 276 -36.68 -12.38 -8.67
CA MET C 276 -35.25 -12.45 -8.98
C MET C 276 -35.02 -12.86 -10.43
N GLY C 277 -35.81 -13.82 -10.92
CA GLY C 277 -35.67 -14.25 -12.30
C GLY C 277 -36.03 -13.17 -13.30
N ALA C 278 -37.03 -12.35 -12.99
CA ALA C 278 -37.43 -11.30 -13.91
C ALA C 278 -36.47 -10.13 -13.91
N GLN C 279 -35.66 -9.96 -12.86
CA GLN C 279 -34.78 -8.81 -12.74
C GLN C 279 -33.38 -9.06 -13.28
N ILE C 280 -33.03 -10.30 -13.58
CA ILE C 280 -31.70 -10.65 -14.08
C ILE C 280 -31.78 -10.75 -15.59
N ALA C 281 -30.92 -9.99 -16.28
CA ALA C 281 -30.83 -10.08 -17.74
C ALA C 281 -29.92 -11.23 -18.14
N ASP C 282 -29.76 -11.44 -19.46
CA ASP C 282 -29.00 -12.58 -19.96
C ASP C 282 -27.53 -12.52 -19.55
N ASP C 283 -26.96 -11.32 -19.40
CA ASP C 283 -25.57 -11.22 -18.96
C ASP C 283 -25.44 -11.21 -17.45
N GLY C 284 -26.52 -11.40 -16.72
CA GLY C 284 -26.44 -11.39 -15.28
C GLY C 284 -26.58 -10.01 -14.65
N SER C 285 -26.73 -8.96 -15.45
CA SER C 285 -26.90 -7.63 -14.91
C SER C 285 -28.35 -7.41 -14.47
N LEU C 286 -28.56 -6.35 -13.69
CA LEU C 286 -29.88 -5.99 -13.17
C LEU C 286 -30.31 -4.69 -13.84
N PRO C 287 -31.01 -4.77 -14.98
CA PRO C 287 -31.33 -3.56 -15.77
C PRO C 287 -32.11 -2.50 -15.01
N GLN C 288 -33.01 -2.90 -14.10
CA GLN C 288 -33.73 -1.93 -13.30
C GLN C 288 -32.75 -1.09 -12.47
N GLU C 289 -31.67 -1.72 -11.99
CA GLU C 289 -30.71 -0.97 -11.19
C GLU C 289 -29.71 -0.22 -12.05
N LEU C 290 -29.44 -0.68 -13.29
CA LEU C 290 -28.46 -0.02 -14.14
C LEU C 290 -28.91 1.37 -14.57
N LYS C 291 -30.21 1.63 -14.56
CA LYS C 291 -30.73 2.95 -14.93
C LYS C 291 -30.70 3.98 -13.79
N ARG C 292 -30.21 3.63 -12.61
CA ARG C 292 -30.13 4.57 -11.49
C ARG C 292 -28.84 5.39 -11.52
N THR C 293 -28.88 6.54 -10.84
CA THR C 293 -27.66 7.34 -10.73
C THR C 293 -26.64 6.69 -9.80
N LEU C 294 -27.06 5.77 -8.93
CA LEU C 294 -26.12 5.02 -8.10
C LEU C 294 -26.21 3.54 -8.45
N SER C 295 -25.87 3.21 -9.70
CA SER C 295 -26.20 1.92 -10.28
C SER C 295 -25.39 0.76 -9.70
N LEU C 296 -24.11 0.98 -9.35
CA LEU C 296 -23.39 -0.11 -8.72
C LEU C 296 -23.87 -0.32 -7.29
N HIS C 297 -24.24 0.77 -6.61
CA HIS C 297 -24.83 0.67 -5.29
C HIS C 297 -26.16 -0.09 -5.34
N TYR C 298 -27.04 0.26 -6.28
CA TYR C 298 -28.35 -0.36 -6.29
C TYR C 298 -28.30 -1.81 -6.79
N SER C 299 -27.34 -2.16 -7.65
CA SER C 299 -27.11 -3.56 -7.98
C SER C 299 -26.74 -4.34 -6.73
N THR C 300 -25.81 -3.80 -5.95
CA THR C 300 -25.43 -4.40 -4.68
C THR C 300 -26.60 -4.43 -3.71
N PHE C 301 -27.36 -3.34 -3.62
CA PHE C 301 -28.50 -3.27 -2.72
C PHE C 301 -29.57 -4.30 -3.07
N ALA C 302 -29.84 -4.49 -4.36
CA ALA C 302 -30.75 -5.55 -4.78
C ALA C 302 -30.29 -6.91 -4.26
N LEU C 303 -29.00 -7.23 -4.42
CA LEU C 303 -28.52 -8.54 -3.99
C LEU C 303 -28.47 -8.65 -2.48
N GLU C 304 -28.32 -7.53 -1.77
CA GLU C 304 -28.35 -7.59 -0.32
C GLU C 304 -29.73 -7.99 0.19
N ALA C 305 -30.79 -7.55 -0.48
CA ALA C 305 -32.13 -8.02 -0.10
C ALA C 305 -32.24 -9.53 -0.24
N LEU C 306 -31.77 -10.07 -1.37
CA LEU C 306 -31.78 -11.52 -1.57
C LEU C 306 -30.91 -12.22 -0.55
N MET C 307 -29.79 -11.62 -0.20
CA MET C 307 -28.90 -12.18 0.81
C MET C 307 -29.61 -12.33 2.16
N GLU C 308 -30.32 -11.27 2.62
CA GLU C 308 -31.03 -11.34 3.89
C GLU C 308 -32.24 -12.28 3.79
N ALA C 309 -32.93 -12.27 2.65
CA ALA C 309 -33.98 -13.26 2.43
C ALA C 309 -33.44 -14.68 2.52
N ASN C 310 -32.30 -14.96 1.84
CA ASN C 310 -31.75 -16.31 1.85
C ASN C 310 -31.30 -16.75 3.25
N GLN C 311 -30.81 -15.82 4.07
CA GLN C 311 -30.46 -16.19 5.43
C GLN C 311 -31.63 -16.85 6.13
N ILE C 312 -32.84 -16.39 5.83
CA ILE C 312 -34.03 -16.97 6.44
C ILE C 312 -34.47 -18.24 5.72
N THR C 313 -34.58 -18.18 4.39
CA THR C 313 -35.07 -19.35 3.66
C THR C 313 -34.14 -20.55 3.79
N SER C 314 -32.82 -20.32 3.82
CA SER C 314 -31.90 -21.45 3.90
C SER C 314 -31.94 -22.12 5.27
N GLN C 315 -32.52 -21.46 6.28
CA GLN C 315 -32.73 -22.11 7.56
C GLN C 315 -33.87 -23.13 7.50
N ILE C 316 -34.61 -23.18 6.41
CA ILE C 316 -35.53 -24.28 6.18
C ILE C 316 -35.23 -24.99 4.85
N GLY C 317 -34.00 -24.88 4.34
CA GLY C 317 -33.57 -25.67 3.23
C GLY C 317 -33.77 -25.11 1.84
N ILE C 318 -34.06 -23.82 1.70
CA ILE C 318 -34.27 -23.21 0.40
C ILE C 318 -33.12 -22.26 0.13
N ASN C 319 -32.25 -22.63 -0.81
CA ASN C 319 -31.08 -21.83 -1.16
C ASN C 319 -31.47 -20.90 -2.31
N LEU C 320 -31.63 -19.61 -2.01
CA LEU C 320 -32.04 -18.66 -3.06
C LEU C 320 -30.89 -18.30 -4.01
N TRP C 321 -29.65 -18.57 -3.61
CA TRP C 321 -28.53 -18.29 -4.52
C TRP C 321 -28.45 -19.31 -5.65
N SER C 322 -28.80 -20.57 -5.39
CA SER C 322 -28.58 -21.63 -6.37
C SER C 322 -29.86 -22.22 -6.95
N THR C 323 -31.04 -21.87 -6.42
CA THR C 323 -32.29 -22.39 -6.97
C THR C 323 -32.72 -21.57 -8.18
N PRO C 324 -32.82 -22.17 -9.37
CA PRO C 324 -33.20 -21.39 -10.55
C PRO C 324 -34.65 -20.95 -10.48
N ALA C 325 -34.93 -19.80 -11.10
CA ALA C 325 -36.30 -19.37 -11.30
C ALA C 325 -36.97 -20.19 -12.41
N SER C 326 -38.28 -19.97 -12.56
CA SER C 326 -39.07 -20.70 -13.55
C SER C 326 -38.63 -20.38 -14.97
N ASN C 327 -37.95 -19.25 -15.16
CA ASN C 327 -37.43 -18.84 -16.46
C ASN C 327 -35.98 -19.24 -16.66
N GLY C 328 -35.43 -20.05 -15.74
CA GLY C 328 -34.07 -20.53 -15.84
C GLY C 328 -33.01 -19.63 -15.22
N LYS C 329 -33.35 -18.38 -14.89
CA LYS C 329 -32.38 -17.48 -14.27
C LYS C 329 -32.11 -17.89 -12.83
N VAL C 330 -30.88 -17.70 -12.38
CA VAL C 330 -30.50 -18.05 -11.03
C VAL C 330 -29.69 -16.89 -10.45
N ALA C 331 -29.84 -16.66 -9.14
CA ALA C 331 -29.25 -15.48 -8.52
C ALA C 331 -27.73 -15.45 -8.62
N SER C 332 -27.08 -16.62 -8.65
CA SER C 332 -25.64 -16.70 -8.84
C SER C 332 -25.18 -15.94 -10.08
N GLN C 333 -26.04 -15.84 -11.10
CA GLN C 333 -25.68 -15.10 -12.31
C GLN C 333 -25.51 -13.61 -12.05
N ALA C 334 -26.26 -13.05 -11.09
CA ALA C 334 -26.12 -11.63 -10.76
C ALA C 334 -24.79 -11.35 -10.07
N VAL C 335 -24.36 -12.26 -9.18
CA VAL C 335 -23.06 -12.14 -8.55
C VAL C 335 -21.94 -12.24 -9.59
N ASP C 336 -22.10 -13.15 -10.56
CA ASP C 336 -21.09 -13.34 -11.60
C ASP C 336 -20.83 -12.03 -12.34
N TYR C 337 -21.90 -11.35 -12.77
CA TYR C 337 -21.75 -10.09 -13.48
C TYR C 337 -21.04 -9.04 -12.63
N LEU C 338 -21.37 -8.96 -11.32
CA LEU C 338 -20.87 -7.89 -10.45
C LEU C 338 -19.50 -8.19 -9.84
N TYR C 339 -19.09 -9.46 -9.77
CA TYR C 339 -17.84 -9.81 -9.11
C TYR C 339 -16.63 -9.02 -9.61
N PRO C 340 -16.34 -8.93 -10.92
CA PRO C 340 -15.15 -8.17 -11.34
C PRO C 340 -15.20 -6.72 -10.91
N PHE C 341 -16.40 -6.14 -10.87
CA PHE C 341 -16.54 -4.75 -10.43
C PHE C 341 -16.43 -4.63 -8.90
N TYR C 342 -16.63 -5.71 -8.17
CA TYR C 342 -16.26 -5.68 -6.75
C TYR C 342 -14.74 -5.77 -6.59
N LEU C 343 -14.07 -6.50 -7.49
CA LEU C 343 -12.61 -6.47 -7.52
C LEU C 343 -12.10 -5.09 -7.86
N ASN C 344 -12.69 -4.46 -8.87
CA ASN C 344 -12.23 -3.17 -9.38
C ASN C 344 -13.43 -2.27 -9.60
N PRO C 345 -13.91 -1.59 -8.56
CA PRO C 345 -15.07 -0.70 -8.74
C PRO C 345 -14.84 0.43 -9.74
N GLU C 346 -13.59 0.82 -10.02
CA GLU C 346 -13.37 1.90 -10.98
C GLU C 346 -13.78 1.51 -12.39
N ASP C 347 -13.86 0.20 -12.69
CA ASP C 347 -14.24 -0.25 -14.01
C ASP C 347 -15.75 -0.23 -14.25
N TRP C 348 -16.54 0.15 -13.26
CA TRP C 348 -17.99 0.18 -13.44
C TRP C 348 -18.35 1.24 -14.46
N LYS C 349 -19.13 0.83 -15.47
CA LYS C 349 -19.37 1.60 -16.67
C LYS C 349 -20.73 2.30 -16.66
N PHE C 350 -21.44 2.32 -15.55
CA PHE C 350 -22.73 2.99 -15.49
C PHE C 350 -22.72 4.07 -14.41
N LYS C 351 -23.75 4.93 -14.45
CA LYS C 351 -23.77 6.12 -13.60
C LYS C 351 -23.68 5.74 -12.13
N GLN C 352 -22.75 6.40 -11.42
CA GLN C 352 -22.45 6.14 -10.02
C GLN C 352 -21.89 7.47 -9.46
N ILE C 353 -22.81 8.35 -9.08
CA ILE C 353 -22.48 9.75 -8.75
C ILE C 353 -21.95 9.95 -7.34
N LYS C 354 -21.81 8.90 -6.56
CA LYS C 354 -21.07 8.88 -5.30
C LYS C 354 -20.17 7.64 -5.29
N PRO C 355 -19.10 7.66 -4.52
CA PRO C 355 -18.19 6.51 -4.53
C PRO C 355 -18.86 5.26 -3.97
N PHE C 356 -18.55 4.12 -4.57
CA PHE C 356 -19.07 2.84 -4.12
C PHE C 356 -18.17 2.28 -3.02
N ASP C 357 -18.78 1.86 -1.92
CA ASP C 357 -18.07 1.30 -0.77
C ASP C 357 -17.74 -0.16 -1.08
N GLN C 358 -16.48 -0.42 -1.47
CA GLN C 358 -16.08 -1.80 -1.77
C GLN C 358 -16.31 -2.73 -0.58
N SER C 359 -16.27 -2.19 0.64
CA SER C 359 -16.43 -3.02 1.82
C SER C 359 -17.79 -3.72 1.86
N ARG C 360 -18.83 -3.14 1.24
CA ARG C 360 -20.12 -3.82 1.23
C ARG C 360 -20.12 -5.13 0.44
N ALA C 361 -19.13 -5.32 -0.44
CA ALA C 361 -19.04 -6.59 -1.14
C ALA C 361 -18.62 -7.73 -0.22
N ALA C 362 -18.04 -7.42 0.94
CA ALA C 362 -17.42 -8.45 1.78
C ALA C 362 -18.44 -9.47 2.28
N ILE C 363 -19.45 -9.01 3.00
CA ILE C 363 -20.45 -9.93 3.53
C ILE C 363 -21.24 -10.56 2.39
N LEU C 364 -21.58 -9.77 1.38
CA LEU C 364 -22.35 -10.29 0.25
C LEU C 364 -21.63 -11.45 -0.42
N LEU C 365 -20.35 -11.28 -0.76
CA LEU C 365 -19.62 -12.36 -1.42
C LEU C 365 -19.41 -13.57 -0.50
N TYR C 366 -19.30 -13.36 0.82
CA TYR C 366 -19.17 -14.51 1.71
C TYR C 366 -20.46 -15.33 1.71
N GLU C 367 -21.60 -14.65 1.86
CA GLU C 367 -22.91 -15.31 1.87
C GLU C 367 -23.14 -16.10 0.60
N ALA C 368 -23.01 -15.42 -0.56
CA ALA C 368 -23.22 -16.07 -1.85
C ALA C 368 -22.15 -17.12 -2.13
N GLY C 369 -20.91 -16.83 -1.72
CA GLY C 369 -19.84 -17.80 -1.93
C GLY C 369 -20.03 -19.06 -1.12
N THR C 370 -20.40 -18.94 0.16
CA THR C 370 -20.64 -20.11 1.00
C THR C 370 -21.87 -20.89 0.55
N ALA C 371 -22.95 -20.18 0.19
CA ALA C 371 -24.15 -20.85 -0.27
C ALA C 371 -23.93 -21.58 -1.59
N LEU C 372 -23.01 -21.09 -2.42
CA LEU C 372 -22.75 -21.63 -3.75
C LEU C 372 -21.52 -22.52 -3.83
N GLY C 373 -20.77 -22.68 -2.74
CA GLY C 373 -19.53 -23.42 -2.82
C GLY C 373 -18.49 -22.76 -3.69
N ASN C 374 -18.52 -21.45 -3.81
CA ASN C 374 -17.58 -20.74 -4.68
C ASN C 374 -16.45 -20.23 -3.80
N GLN C 375 -15.30 -20.92 -3.88
CA GLN C 375 -14.15 -20.63 -3.04
C GLN C 375 -13.51 -19.30 -3.44
N LYS C 376 -13.61 -18.95 -4.72
CA LYS C 376 -13.08 -17.67 -5.17
C LYS C 376 -13.84 -16.52 -4.53
N TYR C 377 -15.18 -16.64 -4.47
CA TYR C 377 -15.99 -15.60 -3.83
C TYR C 377 -15.65 -15.48 -2.36
N VAL C 378 -15.51 -16.62 -1.68
CA VAL C 378 -15.20 -16.59 -0.26
C VAL C 378 -13.82 -16.00 -0.04
N ASP C 379 -12.86 -16.39 -0.90
CA ASP C 379 -11.50 -15.86 -0.81
C ASP C 379 -11.48 -14.35 -0.97
N THR C 380 -12.16 -13.83 -1.99
CA THR C 380 -12.24 -12.38 -2.20
C THR C 380 -12.93 -11.68 -1.02
N ALA C 381 -13.97 -12.31 -0.46
CA ALA C 381 -14.64 -11.73 0.70
C ALA C 381 -13.71 -11.57 1.89
N LYS C 382 -12.85 -12.57 2.13
CA LYS C 382 -11.90 -12.46 3.23
C LYS C 382 -10.79 -11.48 2.90
N ARG C 383 -10.46 -11.36 1.60
CA ARG C 383 -9.40 -10.47 1.15
C ARG C 383 -9.81 -9.01 1.30
N ILE C 384 -11.01 -8.66 0.83
CA ILE C 384 -11.56 -7.34 1.16
C ILE C 384 -11.71 -7.19 2.66
N GLY C 385 -12.38 -8.16 3.29
CA GLY C 385 -12.44 -8.22 4.74
C GLY C 385 -13.27 -7.16 5.42
N LEU C 386 -13.43 -7.32 6.73
CA LEU C 386 -14.02 -6.32 7.61
C LEU C 386 -13.01 -6.07 8.71
N LYS C 387 -13.00 -4.85 9.24
CA LYS C 387 -12.03 -4.54 10.26
C LYS C 387 -12.40 -5.25 11.55
N TYR C 388 -11.41 -5.89 12.18
CA TYR C 388 -11.67 -6.72 13.34
C TYR C 388 -12.43 -5.97 14.43
N SER C 389 -12.15 -4.68 14.61
CA SER C 389 -12.69 -3.94 15.74
C SER C 389 -13.86 -3.03 15.37
N THR C 390 -14.43 -3.18 14.18
CA THR C 390 -15.54 -2.33 13.78
C THR C 390 -16.72 -2.51 14.72
N SER C 391 -17.44 -1.43 14.97
CA SER C 391 -18.63 -1.44 15.80
C SER C 391 -19.92 -1.59 15.01
N ASP C 392 -19.84 -1.71 13.67
CA ASP C 392 -21.01 -1.92 12.81
C ASP C 392 -21.71 -3.22 13.17
N VAL C 393 -22.94 -3.13 13.67
CA VAL C 393 -23.58 -4.28 14.32
C VAL C 393 -23.87 -5.41 13.34
N GLU C 394 -24.03 -5.12 12.05
CA GLU C 394 -24.35 -6.18 11.11
C GLU C 394 -23.17 -7.13 10.92
N THR C 395 -21.95 -6.72 11.28
CA THR C 395 -20.79 -7.59 11.12
C THR C 395 -20.51 -8.46 12.32
N ILE C 396 -21.34 -8.42 13.36
CA ILE C 396 -21.09 -9.22 14.57
C ILE C 396 -20.89 -10.71 14.25
N PRO C 397 -21.73 -11.36 13.42
CA PRO C 397 -21.51 -12.79 13.13
C PRO C 397 -20.28 -13.09 12.28
N TYR C 398 -19.63 -12.11 11.69
CA TYR C 398 -18.61 -12.34 10.66
C TYR C 398 -17.19 -12.19 11.19
N LEU C 399 -16.89 -12.81 12.35
CA LEU C 399 -15.51 -12.96 12.76
C LEU C 399 -14.69 -13.62 11.65
N VAL C 400 -15.33 -14.49 10.87
CA VAL C 400 -14.66 -15.17 9.76
C VAL C 400 -14.10 -14.20 8.74
N LEU C 401 -14.61 -12.97 8.70
CA LEU C 401 -14.12 -11.93 7.80
C LEU C 401 -13.18 -10.95 8.49
N LYS C 402 -12.99 -11.10 9.81
CA LYS C 402 -12.17 -10.17 10.59
C LYS C 402 -10.92 -10.84 11.12
N SER D 23 -24.56 55.82 -6.63
CA SER D 23 -23.84 54.70 -6.04
C SER D 23 -24.59 54.08 -4.86
N ALA D 24 -24.78 52.76 -4.95
CA ALA D 24 -25.17 51.97 -3.80
C ALA D 24 -24.16 52.20 -2.67
N PRO D 25 -24.57 51.97 -1.42
CA PRO D 25 -23.58 51.93 -0.34
C PRO D 25 -22.60 50.79 -0.58
N LEU D 26 -21.41 50.90 0.02
CA LEU D 26 -20.46 49.80 -0.05
C LEU D 26 -21.07 48.54 0.56
N GLY D 27 -21.05 47.45 -0.20
CA GLY D 27 -21.51 46.19 0.32
C GLY D 27 -21.26 45.00 -0.59
N PRO D 28 -21.67 43.83 -0.13
CA PRO D 28 -21.34 42.56 -0.81
C PRO D 28 -22.36 42.17 -1.88
N PHE D 29 -22.28 42.87 -3.01
CA PHE D 29 -23.20 42.74 -4.13
C PHE D 29 -22.62 43.50 -5.32
N ASN D 30 -23.13 43.17 -6.51
CA ASN D 30 -22.79 43.91 -7.71
C ASN D 30 -23.55 45.22 -7.66
N ALA D 31 -22.85 46.30 -7.30
CA ALA D 31 -23.50 47.61 -7.16
C ALA D 31 -24.06 48.12 -8.49
N THR D 32 -23.40 47.82 -9.61
CA THR D 32 -23.88 48.29 -10.91
C THR D 32 -25.25 47.71 -11.24
N LEU D 33 -25.44 46.41 -11.00
CA LEU D 33 -26.73 45.78 -11.31
C LEU D 33 -27.82 46.26 -10.35
N LEU D 34 -27.47 46.45 -9.08
CA LEU D 34 -28.45 46.88 -8.07
C LEU D 34 -28.91 48.32 -8.32
N GLU D 35 -27.97 49.22 -8.62
CA GLU D 35 -28.37 50.58 -9.01
C GLU D 35 -29.21 50.53 -10.28
N GLN D 36 -28.80 49.70 -11.24
CA GLN D 36 -29.52 49.60 -12.51
C GLN D 36 -30.91 49.01 -12.31
N LEU D 37 -31.06 48.03 -11.42
CA LEU D 37 -32.39 47.53 -11.11
C LEU D 37 -33.23 48.63 -10.44
N LYS D 38 -32.63 49.36 -9.48
CA LYS D 38 -33.36 50.42 -8.80
C LYS D 38 -33.74 51.54 -9.77
N ASN D 39 -32.82 51.91 -10.66
CA ASN D 39 -33.11 52.95 -11.64
C ASN D 39 -34.27 52.55 -12.56
N ASP D 40 -34.17 51.38 -13.20
CA ASP D 40 -35.22 50.94 -14.12
C ASP D 40 -36.54 50.72 -13.38
N TYR D 41 -36.50 50.15 -12.16
CA TYR D 41 -37.72 49.98 -11.38
C TYR D 41 -38.37 51.31 -11.02
N GLN D 42 -37.57 52.30 -10.63
CA GLN D 42 -38.15 53.60 -10.26
C GLN D 42 -38.72 54.33 -11.46
N LYS D 43 -38.20 54.05 -12.65
CA LYS D 43 -38.69 54.59 -13.92
C LYS D 43 -39.96 53.91 -14.40
N GLY D 44 -40.42 52.86 -13.72
CA GLY D 44 -41.58 52.12 -14.15
C GLY D 44 -41.34 51.22 -15.34
N GLU D 45 -40.09 50.89 -15.63
CA GLU D 45 -39.78 50.04 -16.78
C GLU D 45 -40.39 48.64 -16.61
N LYS D 46 -41.03 48.17 -17.68
CA LYS D 46 -41.94 47.02 -17.59
C LYS D 46 -41.21 45.74 -17.18
N GLU D 47 -40.09 45.44 -17.85
CA GLU D 47 -39.34 44.22 -17.58
C GLU D 47 -38.86 44.16 -16.14
N VAL D 48 -38.35 45.27 -15.61
CA VAL D 48 -37.85 45.30 -14.24
C VAL D 48 -38.99 45.31 -13.23
N THR D 49 -40.05 46.09 -13.48
CA THR D 49 -41.17 46.14 -12.55
C THR D 49 -41.77 44.76 -12.35
N ARG D 50 -41.99 44.01 -13.43
CA ARG D 50 -42.49 42.64 -13.30
C ARG D 50 -41.51 41.77 -12.53
N TYR D 51 -40.22 41.85 -12.88
CA TYR D 51 -39.21 41.05 -12.21
C TYR D 51 -39.18 41.31 -10.71
N ILE D 52 -39.16 42.59 -10.32
CA ILE D 52 -39.10 42.96 -8.91
C ILE D 52 -40.38 42.53 -8.19
N GLU D 53 -41.51 42.51 -8.91
CA GLU D 53 -42.76 42.06 -8.30
C GLU D 53 -42.73 40.56 -7.97
N LEU D 54 -42.11 39.75 -8.83
CA LEU D 54 -41.86 38.34 -8.50
C LEU D 54 -40.96 38.22 -7.29
N GLN D 55 -39.86 38.99 -7.25
CA GLN D 55 -38.98 38.95 -6.08
C GLN D 55 -39.73 39.33 -4.83
N GLU D 56 -40.67 40.29 -4.94
CA GLU D 56 -41.47 40.67 -3.79
C GLU D 56 -42.37 39.51 -3.35
N LYS D 57 -42.91 38.77 -4.31
CA LYS D 57 -43.70 37.59 -3.98
C LYS D 57 -42.84 36.52 -3.30
N VAL D 58 -41.63 36.30 -3.82
CA VAL D 58 -40.72 35.35 -3.19
C VAL D 58 -40.39 35.79 -1.78
N ALA D 59 -40.17 37.09 -1.57
CA ALA D 59 -39.71 37.60 -0.29
C ALA D 59 -40.77 37.57 0.81
N GLU D 60 -42.03 37.31 0.47
CA GLU D 60 -43.09 37.35 1.48
C GLU D 60 -42.83 36.34 2.60
N LYS D 61 -42.26 35.18 2.30
CA LYS D 61 -42.00 34.21 3.35
C LYS D 61 -41.03 34.75 4.41
N TYR D 62 -40.12 35.66 4.03
CA TYR D 62 -39.18 36.24 4.97
C TYR D 62 -39.82 37.31 5.84
N ILE D 63 -40.86 37.98 5.35
CA ILE D 63 -41.62 38.90 6.19
C ILE D 63 -42.34 38.14 7.29
N LYS D 64 -42.83 36.93 6.98
CA LYS D 64 -43.55 36.09 7.92
C LYS D 64 -42.60 35.31 8.83
N MET D 65 -41.35 35.12 8.42
CA MET D 65 -40.43 34.22 9.09
C MET D 65 -40.08 34.68 10.50
N THR D 66 -40.21 33.80 11.48
CA THR D 66 -39.71 34.13 12.81
C THR D 66 -38.18 34.23 12.75
N PRO D 67 -37.57 35.32 13.24
CA PRO D 67 -36.11 35.43 13.20
C PRO D 67 -35.45 34.28 13.95
N LEU D 68 -34.36 33.77 13.39
CA LEU D 68 -33.58 32.68 13.98
C LEU D 68 -32.50 33.23 14.90
N SER D 69 -32.01 32.34 15.77
CA SER D 69 -30.95 32.72 16.70
C SER D 69 -29.98 31.57 16.86
N VAL D 70 -28.69 31.91 17.02
CA VAL D 70 -27.69 30.89 17.26
C VAL D 70 -27.94 30.17 18.58
N THR D 71 -28.72 30.76 19.50
CA THR D 71 -28.99 30.14 20.79
C THR D 71 -30.00 28.99 20.72
N ALA D 72 -30.61 28.74 19.55
CA ALA D 72 -31.67 27.72 19.45
C ALA D 72 -31.05 26.35 19.28
N LYS D 73 -30.25 25.98 20.27
CA LYS D 73 -29.58 24.69 20.31
C LYS D 73 -29.80 24.07 21.67
N LYS D 74 -29.72 22.74 21.69
CA LYS D 74 -29.78 21.87 22.86
C LYS D 74 -28.38 21.57 23.39
N LYS D 75 -27.48 21.07 22.54
CA LYS D 75 -26.11 20.76 22.92
C LYS D 75 -25.30 22.04 23.00
N LEU D 76 -24.77 22.37 24.19
CA LEU D 76 -24.01 23.60 24.35
C LEU D 76 -22.55 23.40 23.92
N PRO D 77 -21.87 24.48 23.55
CA PRO D 77 -20.43 24.37 23.24
C PRO D 77 -19.61 24.29 24.52
N PRO D 78 -18.30 24.01 24.42
CA PRO D 78 -17.48 23.89 25.65
C PRO D 78 -17.47 25.16 26.50
N SER D 79 -17.86 26.30 25.96
CA SER D 79 -17.95 27.51 26.76
C SER D 79 -19.17 27.53 27.67
N LYS D 80 -20.14 26.65 27.46
CA LYS D 80 -21.46 26.66 28.09
C LYS D 80 -22.30 27.86 27.67
N ASP D 81 -21.97 28.52 26.56
CA ASP D 81 -22.66 29.74 26.14
C ASP D 81 -23.48 29.45 24.88
N PRO D 82 -24.81 29.47 24.97
CA PRO D 82 -25.63 29.25 23.76
C PRO D 82 -25.41 30.27 22.68
N ARG D 83 -24.85 31.43 23.01
CA ARG D 83 -24.59 32.48 22.03
C ARG D 83 -23.29 32.24 21.23
N ASP D 84 -22.51 31.21 21.55
CA ASP D 84 -21.33 30.85 20.74
C ASP D 84 -21.75 29.97 19.58
N TYR D 85 -21.38 30.39 18.37
CA TYR D 85 -21.62 29.59 17.18
C TYR D 85 -20.81 28.30 17.25
N MET D 86 -21.47 27.17 16.98
CA MET D 86 -20.79 25.87 16.95
C MET D 86 -21.35 24.97 15.87
N THR D 87 -20.45 24.42 15.05
CA THR D 87 -20.78 23.45 14.02
C THR D 87 -19.73 22.35 14.01
N LEU D 88 -20.05 21.28 13.31
CA LEU D 88 -19.14 20.17 13.09
C LEU D 88 -18.47 20.33 11.73
N SER D 89 -17.16 20.17 11.70
CA SER D 89 -16.45 20.21 10.43
C SER D 89 -16.97 19.07 9.56
N PRO D 90 -17.46 19.36 8.34
CA PRO D 90 -18.40 18.42 7.69
C PRO D 90 -17.78 17.12 7.21
N TYR D 91 -16.47 17.07 7.01
CA TYR D 91 -15.83 15.89 6.44
C TYR D 91 -15.23 14.97 7.48
N TRP D 92 -15.58 15.17 8.76
CA TRP D 92 -15.02 14.40 9.86
C TRP D 92 -16.09 13.48 10.45
N TRP D 93 -15.78 12.19 10.56
CA TRP D 93 -16.71 11.14 10.89
C TRP D 93 -16.21 10.32 12.08
N PRO D 94 -17.12 9.69 12.82
CA PRO D 94 -16.68 8.75 13.86
C PRO D 94 -15.83 7.63 13.26
N ASP D 95 -14.86 7.19 14.04
CA ASP D 95 -13.98 6.08 13.64
C ASP D 95 -14.60 4.79 14.13
N SER D 96 -15.14 3.99 13.21
CA SER D 96 -15.86 2.78 13.58
C SER D 96 -15.00 1.79 14.35
N THR D 97 -13.68 1.85 14.19
CA THR D 97 -12.75 0.96 14.88
C THR D 97 -12.40 1.43 16.30
N LYS D 98 -12.99 2.51 16.78
CA LYS D 98 -12.83 2.96 18.16
C LYS D 98 -14.12 2.71 18.92
N ILE D 99 -13.99 2.32 20.19
CA ILE D 99 -15.16 1.93 20.97
C ILE D 99 -16.12 3.12 21.10
N ASP D 100 -15.59 4.33 21.30
CA ASP D 100 -16.45 5.50 21.31
C ASP D 100 -16.32 6.31 20.01
N GLY D 101 -15.61 5.79 19.01
CA GLY D 101 -15.51 6.46 17.73
C GLY D 101 -14.57 7.64 17.69
N LEU D 102 -13.87 7.96 18.78
CA LEU D 102 -12.96 9.09 18.94
C LEU D 102 -11.51 8.64 18.76
N PRO D 103 -10.69 9.48 18.12
CA PRO D 103 -11.03 10.76 17.48
C PRO D 103 -11.64 10.59 16.09
N TYR D 104 -12.46 11.56 15.67
CA TYR D 104 -13.01 11.54 14.32
C TYR D 104 -11.91 11.51 13.27
N ILE D 105 -12.26 11.00 12.09
CA ILE D 105 -11.33 10.89 10.99
C ILE D 105 -11.91 11.58 9.77
N ARG D 106 -11.02 11.97 8.86
CA ARG D 106 -11.39 12.83 7.74
C ARG D 106 -11.69 12.00 6.49
N LYS D 107 -12.82 12.31 5.84
CA LYS D 107 -13.19 11.77 4.54
C LYS D 107 -13.46 12.97 3.63
N ASP D 108 -12.43 13.41 2.91
CA ASP D 108 -12.55 14.63 2.12
C ASP D 108 -13.68 14.53 1.12
N GLY D 109 -14.60 15.51 1.17
CA GLY D 109 -15.68 15.57 0.22
C GLY D 109 -16.90 14.74 0.56
N GLU D 110 -16.85 13.97 1.65
CA GLU D 110 -17.98 13.17 2.08
C GLU D 110 -18.57 13.82 3.33
N ARG D 111 -19.73 14.44 3.18
CA ARG D 111 -20.33 15.21 4.26
C ARG D 111 -20.93 14.29 5.32
N ASN D 112 -20.48 14.41 6.55
CA ASN D 112 -21.04 13.64 7.64
C ASN D 112 -22.41 14.19 8.01
N PRO D 113 -23.48 13.40 7.90
CA PRO D 113 -24.83 13.91 8.20
C PRO D 113 -25.01 14.42 9.62
N GLU D 114 -24.10 14.06 10.53
CA GLU D 114 -24.10 14.64 11.86
C GLU D 114 -24.01 16.17 11.86
N VAL D 115 -23.59 16.80 10.74
CA VAL D 115 -23.53 18.25 10.71
C VAL D 115 -24.89 18.85 11.01
N TYR D 116 -25.98 18.15 10.64
CA TYR D 116 -27.32 18.69 10.84
C TYR D 116 -27.80 18.63 12.27
N GLU D 117 -27.01 18.09 13.19
CA GLU D 117 -27.30 18.16 14.62
C GLU D 117 -26.96 19.51 15.24
N TYR D 118 -26.26 20.38 14.52
CA TYR D 118 -25.89 21.71 15.00
C TYR D 118 -26.79 22.72 14.31
N PRO D 119 -27.80 23.27 14.99
CA PRO D 119 -28.83 24.03 14.27
C PRO D 119 -28.29 25.24 13.52
N GLU D 120 -27.21 25.87 13.98
CA GLU D 120 -26.75 27.08 13.29
C GLU D 120 -26.11 26.81 11.94
N ARG D 121 -25.79 25.56 11.59
CA ARG D 121 -25.23 25.31 10.27
C ARG D 121 -26.20 25.78 9.19
N GLU D 122 -27.44 25.31 9.26
CA GLU D 122 -28.48 25.68 8.30
C GLU D 122 -29.20 26.96 8.67
N ASN D 123 -29.28 27.29 9.96
CA ASN D 123 -29.97 28.52 10.37
C ASN D 123 -29.15 29.77 10.02
N ALA D 124 -27.82 29.71 10.09
CA ALA D 124 -27.08 30.88 9.63
C ALA D 124 -27.32 31.09 8.14
N ASN D 125 -27.48 29.99 7.42
CA ASN D 125 -27.80 30.05 6.01
C ASN D 125 -29.19 30.64 5.77
N ARG D 126 -30.20 30.18 6.53
CA ARG D 126 -31.55 30.74 6.35
C ARG D 126 -31.63 32.20 6.78
N PHE D 127 -31.03 32.57 7.92
CA PHE D 127 -30.98 33.97 8.30
C PHE D 127 -30.31 34.81 7.22
N GLY D 128 -29.13 34.38 6.76
CA GLY D 128 -28.40 35.14 5.76
C GLY D 128 -29.21 35.37 4.50
N ASP D 129 -29.93 34.34 4.03
CA ASP D 129 -30.80 34.50 2.87
C ASP D 129 -31.89 35.52 3.15
N ALA D 130 -32.57 35.38 4.30
CA ALA D 130 -33.67 36.30 4.64
C ALA D 130 -33.21 37.75 4.65
N ALA D 131 -32.14 38.03 5.41
CA ALA D 131 -31.70 39.41 5.57
C ALA D 131 -31.21 39.98 4.25
N TYR D 132 -30.53 39.15 3.45
CA TYR D 132 -29.99 39.60 2.17
C TYR D 132 -31.13 39.97 1.22
N CYS D 133 -32.11 39.08 1.07
CA CYS D 133 -33.27 39.35 0.22
C CYS D 133 -34.00 40.62 0.67
N LEU D 134 -34.30 40.74 1.96
CA LEU D 134 -35.09 41.88 2.44
C LEU D 134 -34.31 43.19 2.28
N GLY D 135 -33.03 43.20 2.60
CA GLY D 135 -32.24 44.42 2.46
C GLY D 135 -32.14 44.88 1.01
N VAL D 136 -31.85 43.94 0.11
CA VAL D 136 -31.75 44.30 -1.31
C VAL D 136 -33.08 44.85 -1.82
N LEU D 137 -34.19 44.23 -1.40
CA LEU D 137 -35.51 44.69 -1.83
C LEU D 137 -35.86 46.03 -1.23
N TYR D 138 -35.40 46.32 -0.01
CA TYR D 138 -35.61 47.67 0.47
C TYR D 138 -34.84 48.68 -0.38
N TYR D 139 -33.61 48.33 -0.77
CA TYR D 139 -32.83 49.26 -1.60
C TYR D 139 -33.49 49.48 -2.95
N ILE D 140 -34.05 48.44 -3.55
CA ILE D 140 -34.59 48.59 -4.90
C ILE D 140 -35.92 49.33 -4.88
N THR D 141 -36.80 48.98 -3.94
CA THR D 141 -38.15 49.51 -3.96
C THR D 141 -38.34 50.71 -3.06
N GLY D 142 -37.56 50.81 -1.98
CA GLY D 142 -37.78 51.81 -0.94
C GLY D 142 -38.91 51.51 0.02
N LYS D 143 -39.54 50.35 -0.07
CA LYS D 143 -40.69 50.02 0.77
C LYS D 143 -40.22 49.69 2.19
N GLU D 144 -40.76 50.41 3.18
CA GLU D 144 -40.34 50.27 4.56
C GLU D 144 -40.55 48.86 5.12
N VAL D 145 -41.57 48.15 4.63
CA VAL D 145 -41.84 46.81 5.15
C VAL D 145 -40.62 45.90 5.04
N TYR D 146 -39.78 46.10 4.01
CA TYR D 146 -38.59 45.26 3.86
C TYR D 146 -37.52 45.64 4.87
N ALA D 147 -37.33 46.94 5.11
CA ALA D 147 -36.36 47.37 6.12
C ALA D 147 -36.79 46.92 7.50
N LYS D 148 -38.10 46.99 7.77
CA LYS D 148 -38.63 46.57 9.06
C LYS D 148 -38.34 45.10 9.32
N ALA D 149 -38.62 44.25 8.33
CA ALA D 149 -38.36 42.82 8.44
C ALA D 149 -36.86 42.53 8.47
N CYS D 150 -36.08 43.17 7.60
CA CYS D 150 -34.63 42.98 7.61
C CYS D 150 -34.07 43.28 9.00
N ALA D 151 -34.49 44.40 9.58
CA ALA D 151 -34.00 44.84 10.88
C ALA D 151 -34.31 43.84 11.97
N ASN D 152 -35.50 43.23 11.91
CA ASN D 152 -35.86 42.28 12.95
C ASN D 152 -34.97 41.05 12.88
N HIS D 153 -34.66 40.59 11.67
CA HIS D 153 -33.73 39.49 11.52
C HIS D 153 -32.33 39.89 12.00
N LEU D 154 -31.88 41.09 11.61
CA LEU D 154 -30.54 41.54 11.99
C LEU D 154 -30.37 41.64 13.50
N ARG D 155 -31.33 42.28 14.18
CA ARG D 155 -31.25 42.48 15.63
C ARG D 155 -31.14 41.15 16.36
N THR D 156 -31.95 40.18 15.95
CA THR D 156 -32.03 38.90 16.63
C THR D 156 -30.77 38.07 16.44
N TRP D 157 -30.23 38.05 15.23
CA TRP D 157 -29.06 37.22 14.98
C TRP D 157 -27.81 37.83 15.58
N PHE D 158 -27.66 39.16 15.49
CA PHE D 158 -26.41 39.82 15.82
C PHE D 158 -26.41 40.47 17.20
N THR D 159 -27.36 41.39 17.48
CA THR D 159 -27.19 42.33 18.58
C THR D 159 -28.04 42.05 19.82
N ASP D 160 -29.06 41.21 19.74
CA ASP D 160 -29.93 41.01 20.91
C ASP D 160 -29.12 40.52 22.11
N PRO D 161 -29.28 41.15 23.28
CA PRO D 161 -28.44 40.79 24.46
C PRO D 161 -28.69 39.38 24.99
N LYS D 162 -29.75 38.70 24.55
CA LYS D 162 -29.96 37.30 24.86
C LYS D 162 -29.84 36.39 23.64
N LEU D 163 -30.37 36.81 22.48
CA LEU D 163 -30.47 35.92 21.33
C LEU D 163 -29.32 36.08 20.33
N GLY D 164 -28.62 37.21 20.36
CA GLY D 164 -27.59 37.47 19.36
C GLY D 164 -26.32 36.68 19.60
N MET D 165 -25.61 36.37 18.53
CA MET D 165 -24.41 35.55 18.63
C MET D 165 -23.24 36.35 19.20
N ASN D 166 -22.37 35.66 19.95
CA ASN D 166 -21.11 36.27 20.35
C ASN D 166 -20.26 36.53 19.12
N PRO D 167 -19.56 37.67 19.05
CA PRO D 167 -18.79 37.97 17.82
C PRO D 167 -17.46 37.21 17.77
N ASN D 168 -17.56 35.88 17.64
CA ASN D 168 -16.39 35.01 17.50
C ASN D 168 -16.76 33.77 16.69
N MET D 169 -15.75 33.04 16.24
CA MET D 169 -16.02 31.74 15.63
C MET D 169 -15.17 30.66 16.27
N THR D 170 -15.02 30.73 17.59
CA THR D 170 -14.17 29.80 18.32
C THR D 170 -14.58 28.35 18.10
N TYR D 171 -15.88 28.06 18.09
CA TYR D 171 -16.32 26.68 18.03
C TYR D 171 -16.86 26.29 16.67
N ALA D 172 -16.57 27.10 15.66
CA ALA D 172 -16.98 26.79 14.31
C ALA D 172 -16.15 25.63 13.73
N GLN D 173 -16.85 24.67 13.12
CA GLN D 173 -16.26 23.42 12.58
C GLN D 173 -15.34 22.74 13.59
N ALA D 174 -15.82 22.62 14.83
CA ALA D 174 -15.16 21.75 15.79
C ALA D 174 -15.22 20.30 15.32
N VAL D 175 -14.33 19.47 15.87
CA VAL D 175 -14.38 18.02 15.59
C VAL D 175 -14.06 17.23 16.86
N PRO D 176 -14.93 16.29 17.24
CA PRO D 176 -14.71 15.48 18.44
C PRO D 176 -13.39 14.73 18.41
N GLY D 177 -12.66 14.80 19.53
CA GLY D 177 -11.40 14.13 19.71
C GLY D 177 -10.17 14.89 19.23
N MET D 178 -10.35 15.95 18.44
CA MET D 178 -9.20 16.68 17.95
C MET D 178 -8.51 17.45 19.08
N LYS D 179 -7.17 17.41 19.10
CA LYS D 179 -6.43 18.02 20.19
C LYS D 179 -6.19 19.50 19.96
N LYS D 180 -5.80 19.88 18.76
CA LYS D 180 -5.46 21.26 18.42
C LYS D 180 -6.68 22.05 17.96
N MET D 181 -6.75 23.31 18.36
CA MET D 181 -7.78 24.21 17.84
C MET D 181 -7.44 24.60 16.40
N ARG D 182 -8.46 24.82 15.60
CA ARG D 182 -8.31 25.30 14.23
C ARG D 182 -9.20 26.49 13.95
N GLY D 183 -8.77 27.25 12.95
CA GLY D 183 -9.51 28.36 12.39
C GLY D 183 -10.23 28.08 11.10
N SER D 184 -10.20 26.82 10.62
CA SER D 184 -10.83 26.46 9.34
C SER D 184 -12.33 26.71 9.36
N GLY D 185 -12.96 26.66 10.54
CA GLY D 185 -14.40 26.90 10.65
C GLY D 185 -14.82 28.32 10.39
N PHE D 186 -13.86 29.26 10.35
CA PHE D 186 -14.22 30.66 10.10
C PHE D 186 -14.98 30.83 8.79
N ILE D 187 -14.73 29.94 7.82
CA ILE D 187 -15.36 30.01 6.51
C ILE D 187 -16.89 29.99 6.60
N ASP D 188 -17.45 29.42 7.67
CA ASP D 188 -18.90 29.47 7.94
C ASP D 188 -19.42 30.90 8.06
N SER D 189 -18.54 31.87 8.34
CA SER D 189 -18.97 33.24 8.54
C SER D 189 -19.58 33.85 7.31
N ARG D 190 -19.26 33.32 6.11
CA ARG D 190 -19.69 33.95 4.89
C ARG D 190 -21.21 33.98 4.75
N ARG D 191 -21.91 33.04 5.37
CA ARG D 191 -23.37 33.08 5.35
C ARG D 191 -23.88 34.36 5.98
N PHE D 192 -23.47 34.61 7.23
CA PHE D 192 -24.06 35.76 7.91
C PHE D 192 -23.31 37.06 7.64
N SER D 193 -22.09 37.01 7.07
CA SER D 193 -21.37 38.25 6.79
C SER D 193 -21.93 38.99 5.58
N ARG D 194 -22.52 38.28 4.62
CA ARG D 194 -23.26 38.96 3.56
C ARG D 194 -24.44 39.73 4.15
N ALA D 195 -25.08 39.16 5.17
CA ALA D 195 -26.19 39.84 5.82
C ALA D 195 -25.71 41.07 6.58
N LEU D 196 -24.54 40.98 7.22
CA LEU D 196 -23.96 42.14 7.87
C LEU D 196 -23.78 43.29 6.88
N GLY D 197 -23.22 43.00 5.70
CA GLY D 197 -22.98 44.05 4.72
C GLY D 197 -24.26 44.69 4.21
N VAL D 198 -25.31 43.88 4.01
CA VAL D 198 -26.56 44.41 3.48
C VAL D 198 -27.27 45.31 4.49
N ALA D 199 -26.96 45.20 5.79
CA ALA D 199 -27.55 46.12 6.76
C ALA D 199 -27.27 47.58 6.39
N LYS D 200 -26.13 47.83 5.75
CA LYS D 200 -25.85 49.17 5.26
C LYS D 200 -26.97 49.68 4.35
N LEU D 201 -27.64 48.77 3.62
CA LEU D 201 -28.69 49.21 2.71
C LEU D 201 -29.92 49.73 3.43
N ILE D 202 -30.13 49.34 4.70
CA ILE D 202 -31.34 49.78 5.39
C ILE D 202 -31.11 50.93 6.33
N GLU D 203 -29.89 51.48 6.38
CA GLU D 203 -29.66 52.71 7.12
C GLU D 203 -30.43 53.85 6.49
N GLY D 204 -31.02 54.69 7.32
CA GLY D 204 -31.87 55.75 6.83
C GLY D 204 -33.34 55.42 6.79
N SER D 205 -33.70 54.13 6.87
CA SER D 205 -35.10 53.74 7.03
C SER D 205 -35.61 54.14 8.41
N LYS D 206 -36.94 54.14 8.54
CA LYS D 206 -37.50 54.44 9.86
C LYS D 206 -37.26 53.30 10.83
N SER D 207 -37.16 52.07 10.32
CA SER D 207 -37.11 50.91 11.21
C SER D 207 -35.73 50.68 11.83
N TRP D 208 -34.66 51.08 11.14
CA TRP D 208 -33.29 50.89 11.62
C TRP D 208 -32.85 52.17 12.33
N THR D 209 -32.95 52.19 13.67
CA THR D 209 -32.69 53.40 14.43
C THR D 209 -31.19 53.65 14.59
N PRO D 210 -30.79 54.87 15.00
CA PRO D 210 -29.36 55.09 15.30
C PRO D 210 -28.83 54.15 16.34
N SER D 211 -29.68 53.78 17.31
CA SER D 211 -29.29 52.83 18.34
C SER D 211 -29.05 51.43 17.77
N ASP D 212 -29.89 50.99 16.82
CA ASP D 212 -29.67 49.69 16.16
C ASP D 212 -28.33 49.67 15.44
N LYS D 213 -28.06 50.73 14.66
CA LYS D 213 -26.81 50.83 13.92
C LYS D 213 -25.61 50.87 14.86
N LYS D 214 -25.72 51.62 15.98
CA LYS D 214 -24.63 51.68 16.94
C LYS D 214 -24.31 50.29 17.47
N LYS D 215 -25.34 49.51 17.84
CA LYS D 215 -25.13 48.16 18.35
C LYS D 215 -24.49 47.25 17.31
N LEU D 216 -24.93 47.36 16.05
CA LEU D 216 -24.35 46.51 15.00
C LEU D 216 -22.95 46.97 14.63
N ASP D 217 -22.69 48.28 14.66
CA ASP D 217 -21.32 48.77 14.52
C ASP D 217 -20.42 48.20 15.62
N ASP D 218 -20.88 48.21 16.86
CA ASP D 218 -20.05 47.68 17.94
C ASP D 218 -19.88 46.17 17.80
N TRP D 219 -20.94 45.45 17.39
CA TRP D 219 -20.78 44.03 17.13
C TRP D 219 -19.76 43.76 16.03
N ALA D 220 -19.88 44.45 14.88
CA ALA D 220 -18.94 44.24 13.77
C ALA D 220 -17.52 44.63 14.16
N THR D 221 -17.36 45.68 14.98
CA THR D 221 -16.05 46.06 15.51
C THR D 221 -15.44 44.94 16.34
N ALA D 222 -16.23 44.31 17.22
CA ALA D 222 -15.73 43.18 17.99
C ALA D 222 -15.45 41.96 17.12
N PHE D 223 -16.30 41.72 16.12
CA PHE D 223 -16.06 40.58 15.25
C PHE D 223 -14.80 40.78 14.41
N CYS D 224 -14.60 42.01 13.92
CA CYS D 224 -13.40 42.32 13.17
C CYS D 224 -12.16 42.17 14.04
N TYR D 225 -12.24 42.63 15.29
CA TYR D 225 -11.12 42.45 16.22
C TYR D 225 -10.80 40.96 16.42
N TRP D 226 -11.83 40.14 16.69
CA TRP D 226 -11.62 38.71 16.86
C TRP D 226 -11.00 38.09 15.61
N MET D 227 -11.55 38.42 14.42
CA MET D 227 -11.05 37.97 13.12
C MET D 227 -9.57 38.20 12.94
N GLU D 228 -9.12 39.38 13.34
CA GLU D 228 -7.76 39.84 13.07
C GLU D 228 -6.77 39.45 14.14
N ASN D 229 -7.20 39.30 15.39
CA ASN D 229 -6.28 39.12 16.50
C ASN D 229 -6.36 37.77 17.22
N SER D 230 -7.50 37.08 17.18
CA SER D 230 -7.51 35.74 17.76
C SER D 230 -6.53 34.85 17.00
N THR D 231 -6.00 33.84 17.69
CA THR D 231 -5.12 32.89 17.01
C THR D 231 -5.82 32.22 15.83
N GLN D 232 -7.06 31.80 16.02
CA GLN D 232 -7.78 31.13 14.92
C GLN D 232 -7.93 32.06 13.73
N GLY D 233 -8.27 33.32 13.99
CA GLY D 233 -8.39 34.28 12.90
C GLY D 233 -7.08 34.48 12.16
N GLN D 234 -5.98 34.60 12.90
CA GLN D 234 -4.66 34.78 12.28
C GLN D 234 -4.31 33.63 11.37
N ARG D 235 -4.44 32.39 11.88
CA ARG D 235 -4.10 31.22 11.08
C ARG D 235 -4.93 31.14 9.81
N GLU D 236 -6.23 31.40 9.92
CA GLU D 236 -7.07 31.37 8.73
C GLU D 236 -6.67 32.46 7.76
N SER D 237 -6.21 33.61 8.26
CA SER D 237 -5.76 34.67 7.36
C SER D 237 -4.54 34.24 6.54
N HIS D 238 -3.79 33.24 7.01
CA HIS D 238 -2.60 32.77 6.30
C HIS D 238 -2.82 31.43 5.59
N ALA D 239 -4.05 30.93 5.53
CA ALA D 239 -4.27 29.62 4.92
C ALA D 239 -3.89 29.66 3.44
N ALA D 240 -3.26 28.57 2.97
CA ALA D 240 -2.68 28.54 1.63
C ALA D 240 -3.67 28.17 0.53
N ASN D 241 -4.94 27.94 0.85
CA ASN D 241 -5.91 27.61 -0.19
C ASN D 241 -7.12 28.53 -0.12
N ASN D 242 -8.26 28.04 -0.62
CA ASN D 242 -9.45 28.88 -0.69
C ASN D 242 -9.89 29.39 0.67
N HIS D 243 -9.44 28.78 1.78
CA HIS D 243 -9.78 29.32 3.09
C HIS D 243 -9.25 30.73 3.27
N GLY D 244 -8.03 31.00 2.77
CA GLY D 244 -7.48 32.33 2.86
C GLY D 244 -8.21 33.32 1.98
N LEU D 245 -8.60 32.89 0.77
CA LEU D 245 -9.38 33.77 -0.09
C LEU D 245 -10.75 34.07 0.52
N TRP D 246 -11.42 33.05 1.07
CA TRP D 246 -12.70 33.30 1.72
C TRP D 246 -12.53 34.15 2.98
N TYR D 247 -11.44 33.93 3.74
CA TYR D 247 -11.20 34.75 4.92
C TYR D 247 -11.18 36.22 4.55
N GLU D 248 -10.50 36.57 3.46
CA GLU D 248 -10.45 37.98 3.07
C GLU D 248 -11.74 38.46 2.45
N ALA D 249 -12.50 37.60 1.75
CA ALA D 249 -13.83 38.01 1.32
C ALA D 249 -14.71 38.38 2.52
N ILE D 250 -14.70 37.54 3.57
CA ILE D 250 -15.45 37.84 4.80
C ILE D 250 -14.93 39.13 5.45
N HIS D 251 -13.61 39.24 5.56
CA HIS D 251 -12.95 40.43 6.10
C HIS D 251 -13.41 41.70 5.37
N LEU D 252 -13.45 41.65 4.04
CA LEU D 252 -13.85 42.83 3.28
C LEU D 252 -15.31 43.18 3.56
N MET D 253 -16.16 42.16 3.74
CA MET D 253 -17.56 42.41 4.07
C MET D 253 -17.68 43.16 5.39
N VAL D 254 -16.90 42.73 6.40
CA VAL D 254 -16.91 43.43 7.69
C VAL D 254 -16.35 44.83 7.55
N LEU D 255 -15.21 44.96 6.84
CA LEU D 255 -14.58 46.27 6.66
C LEU D 255 -15.47 47.21 5.85
N ALA D 256 -16.13 46.70 4.80
CA ALA D 256 -17.05 47.56 4.05
C ALA D 256 -18.21 48.00 4.94
N TYR D 257 -18.74 47.08 5.75
CA TYR D 257 -19.77 47.48 6.69
C TYR D 257 -19.28 48.62 7.60
N LEU D 258 -18.03 48.54 8.08
CA LEU D 258 -17.47 49.54 8.97
C LEU D 258 -16.94 50.78 8.24
N ASP D 259 -17.04 50.82 6.91
CA ASP D 259 -16.63 51.97 6.08
C ASP D 259 -15.14 52.24 6.12
N ARG D 260 -14.33 51.20 6.34
CA ARG D 260 -12.88 51.35 6.38
C ARG D 260 -12.33 51.11 4.98
N THR D 261 -12.52 52.12 4.12
CA THR D 261 -12.07 52.00 2.74
C THR D 261 -10.56 51.86 2.66
N ASP D 262 -9.84 52.47 3.61
CA ASP D 262 -8.39 52.29 3.70
C ASP D 262 -8.02 50.82 3.93
N ARG D 263 -8.75 50.13 4.82
CA ARG D 263 -8.45 48.73 5.09
C ARG D 263 -8.82 47.84 3.90
N ILE D 264 -9.91 48.17 3.19
CA ILE D 264 -10.28 47.40 2.01
C ILE D 264 -9.15 47.44 0.99
N ARG D 265 -8.63 48.65 0.73
CA ARG D 265 -7.50 48.80 -0.18
C ARG D 265 -6.30 48.01 0.30
N GLU D 266 -5.98 48.09 1.60
CA GLU D 266 -4.82 47.38 2.13
C GLU D 266 -4.97 45.87 1.96
N VAL D 267 -6.16 45.34 2.32
CA VAL D 267 -6.36 43.89 2.23
C VAL D 267 -6.21 43.41 0.79
N ALA D 268 -6.78 44.15 -0.15
CA ALA D 268 -6.74 43.76 -1.55
C ALA D 268 -5.30 43.70 -2.08
N GLU D 269 -4.53 44.77 -1.90
CA GLU D 269 -3.18 44.79 -2.46
C GLU D 269 -2.16 44.00 -1.65
N GLN D 270 -2.31 43.92 -0.32
CA GLN D 270 -1.31 43.29 0.53
C GLN D 270 -1.66 41.86 0.94
N SER D 271 -2.91 41.43 0.80
CA SER D 271 -3.27 40.05 1.16
C SER D 271 -3.86 39.27 0.00
N ILE D 272 -4.92 39.77 -0.64
CA ILE D 272 -5.62 38.98 -1.66
C ILE D 272 -4.74 38.77 -2.89
N LEU D 273 -4.19 39.85 -3.45
CA LEU D 273 -3.35 39.70 -4.64
C LEU D 273 -2.12 38.85 -4.39
N PRO D 274 -1.38 39.00 -3.29
CA PRO D 274 -0.31 38.02 -3.00
C PRO D 274 -0.83 36.59 -2.90
N LYS D 275 -2.02 36.41 -2.32
CA LYS D 275 -2.59 35.07 -2.19
C LYS D 275 -2.85 34.45 -3.55
N MET D 276 -3.46 35.22 -4.45
CA MET D 276 -3.64 34.77 -5.82
C MET D 276 -2.31 34.52 -6.51
N GLY D 277 -1.31 35.36 -6.23
CA GLY D 277 0.00 35.15 -6.82
C GLY D 277 0.61 33.83 -6.39
N ALA D 278 0.38 33.43 -5.15
CA ALA D 278 0.93 32.16 -4.68
C ALA D 278 0.12 30.96 -5.13
N GLN D 279 -1.19 31.12 -5.36
CA GLN D 279 -2.07 29.98 -5.56
C GLN D 279 -2.36 29.64 -7.02
N ILE D 280 -1.99 30.50 -7.97
CA ILE D 280 -2.18 30.25 -9.39
C ILE D 280 -0.88 29.71 -9.98
N ALA D 281 -0.96 28.53 -10.62
CA ALA D 281 0.17 27.92 -11.29
C ALA D 281 0.33 28.49 -12.70
N ASP D 282 1.37 28.04 -13.41
CA ASP D 282 1.66 28.57 -14.74
C ASP D 282 0.55 28.29 -15.74
N ASP D 283 -0.15 27.17 -15.60
CA ASP D 283 -1.22 26.82 -16.52
C ASP D 283 -2.56 27.41 -16.12
N GLY D 284 -2.61 28.23 -15.06
CA GLY D 284 -3.85 28.82 -14.60
C GLY D 284 -4.63 27.96 -13.64
N SER D 285 -4.12 26.78 -13.29
CA SER D 285 -4.77 25.90 -12.34
C SER D 285 -4.47 26.34 -10.90
N LEU D 286 -5.30 25.84 -9.97
CA LEU D 286 -5.12 26.10 -8.54
C LEU D 286 -4.70 24.80 -7.87
N PRO D 287 -3.40 24.53 -7.80
CA PRO D 287 -2.94 23.23 -7.27
C PRO D 287 -3.47 22.89 -5.89
N GLN D 288 -3.66 23.91 -5.04
CA GLN D 288 -4.23 23.66 -3.71
C GLN D 288 -5.60 23.01 -3.80
N GLU D 289 -6.39 23.37 -4.81
CA GLU D 289 -7.70 22.79 -5.01
C GLU D 289 -7.66 21.49 -5.80
N LEU D 290 -6.62 21.29 -6.63
CA LEU D 290 -6.54 20.07 -7.45
C LEU D 290 -6.30 18.81 -6.62
N LYS D 291 -5.76 18.93 -5.42
CA LYS D 291 -5.52 17.76 -4.59
C LYS D 291 -6.75 17.36 -3.77
N ARG D 292 -7.87 18.06 -3.92
CA ARG D 292 -9.09 17.72 -3.19
C ARG D 292 -9.91 16.71 -3.97
N THR D 293 -10.77 15.98 -3.24
CA THR D 293 -11.64 14.99 -3.90
C THR D 293 -12.76 15.65 -4.69
N LEU D 294 -13.04 16.94 -4.43
CA LEU D 294 -13.97 17.71 -5.23
C LEU D 294 -13.24 18.89 -5.88
N SER D 295 -12.28 18.57 -6.76
CA SER D 295 -11.29 19.54 -7.22
C SER D 295 -11.87 20.59 -8.16
N LEU D 296 -12.84 20.23 -8.99
CA LEU D 296 -13.47 21.23 -9.84
C LEU D 296 -14.41 22.13 -9.01
N HIS D 297 -15.05 21.57 -7.99
CA HIS D 297 -15.86 22.37 -7.08
C HIS D 297 -15.03 23.38 -6.31
N TYR D 298 -13.91 22.93 -5.73
CA TYR D 298 -13.12 23.82 -4.91
C TYR D 298 -12.31 24.82 -5.73
N SER D 299 -11.95 24.50 -6.98
CA SER D 299 -11.41 25.51 -7.88
C SER D 299 -12.43 26.64 -8.07
N THR D 300 -13.68 26.26 -8.33
CA THR D 300 -14.76 27.22 -8.45
C THR D 300 -14.99 27.98 -7.14
N PHE D 301 -15.01 27.26 -6.02
CA PHE D 301 -15.24 27.90 -4.72
C PHE D 301 -14.16 28.94 -4.44
N ALA D 302 -12.91 28.63 -4.79
CA ALA D 302 -11.82 29.59 -4.65
C ALA D 302 -12.09 30.87 -5.43
N LEU D 303 -12.51 30.74 -6.69
CA LEU D 303 -12.77 31.91 -7.52
C LEU D 303 -14.05 32.62 -7.11
N GLU D 304 -15.03 31.91 -6.51
CA GLU D 304 -16.20 32.60 -5.97
C GLU D 304 -15.85 33.50 -4.79
N ALA D 305 -14.88 33.10 -3.96
CA ALA D 305 -14.38 33.99 -2.91
C ALA D 305 -13.81 35.27 -3.52
N LEU D 306 -12.97 35.11 -4.55
CA LEU D 306 -12.42 36.27 -5.23
C LEU D 306 -13.51 37.11 -5.87
N MET D 307 -14.52 36.46 -6.44
CA MET D 307 -15.63 37.18 -7.05
C MET D 307 -16.32 38.07 -6.02
N GLU D 308 -16.61 37.54 -4.84
CA GLU D 308 -17.29 38.34 -3.83
C GLU D 308 -16.37 39.43 -3.30
N ALA D 309 -15.09 39.10 -3.10
CA ALA D 309 -14.11 40.10 -2.72
C ALA D 309 -14.06 41.22 -3.75
N ASN D 310 -14.02 40.86 -5.04
CA ASN D 310 -13.93 41.86 -6.10
C ASN D 310 -15.15 42.78 -6.16
N GLN D 311 -16.35 42.26 -5.85
CA GLN D 311 -17.52 43.15 -5.84
C GLN D 311 -17.31 44.36 -4.92
N ILE D 312 -16.61 44.15 -3.81
CA ILE D 312 -16.36 45.21 -2.83
C ILE D 312 -15.17 46.07 -3.25
N THR D 313 -14.05 45.42 -3.59
CA THR D 313 -12.84 46.14 -3.98
C THR D 313 -13.06 46.97 -5.24
N SER D 314 -13.86 46.45 -6.18
CA SER D 314 -14.12 47.24 -7.38
C SER D 314 -14.99 48.44 -7.10
N GLN D 315 -15.70 48.45 -5.97
CA GLN D 315 -16.42 49.66 -5.59
C GLN D 315 -15.47 50.78 -5.14
N ILE D 316 -14.19 50.49 -4.94
CA ILE D 316 -13.22 51.55 -4.69
C ILE D 316 -12.10 51.55 -5.72
N GLY D 317 -12.36 51.02 -6.91
CA GLY D 317 -11.48 51.15 -8.05
C GLY D 317 -10.43 50.07 -8.21
N ILE D 318 -10.57 48.95 -7.50
CA ILE D 318 -9.59 47.86 -7.54
C ILE D 318 -10.28 46.64 -8.14
N ASN D 319 -9.86 46.29 -9.36
CA ASN D 319 -10.41 45.17 -10.10
C ASN D 319 -9.50 43.98 -9.84
N LEU D 320 -9.98 43.01 -9.05
CA LEU D 320 -9.15 41.85 -8.70
C LEU D 320 -9.05 40.84 -9.83
N TRP D 321 -9.96 40.90 -10.80
CA TRP D 321 -9.88 39.95 -11.91
C TRP D 321 -8.73 40.30 -12.83
N SER D 322 -8.44 41.59 -13.00
CA SER D 322 -7.48 42.07 -13.98
C SER D 322 -6.22 42.67 -13.38
N THR D 323 -6.15 42.88 -12.07
CA THR D 323 -4.92 43.40 -11.47
C THR D 323 -3.95 42.25 -11.24
N PRO D 324 -2.76 42.28 -11.84
CA PRO D 324 -1.80 41.19 -11.62
C PRO D 324 -1.25 41.24 -10.21
N ALA D 325 -0.81 40.08 -9.74
CA ALA D 325 -0.01 40.06 -8.51
C ALA D 325 1.38 40.60 -8.82
N SER D 326 2.18 40.77 -7.76
CA SER D 326 3.52 41.30 -7.96
C SER D 326 4.42 40.38 -8.77
N ASN D 327 4.11 39.09 -8.84
CA ASN D 327 4.87 38.13 -9.64
C ASN D 327 4.29 37.93 -11.04
N GLY D 328 3.33 38.76 -11.44
CA GLY D 328 2.73 38.67 -12.76
C GLY D 328 1.51 37.77 -12.87
N LYS D 329 1.24 36.93 -11.88
CA LYS D 329 0.04 36.11 -11.95
C LYS D 329 -1.19 36.97 -11.77
N VAL D 330 -2.25 36.66 -12.53
CA VAL D 330 -3.48 37.42 -12.50
C VAL D 330 -4.66 36.46 -12.50
N ALA D 331 -5.73 36.83 -11.80
CA ALA D 331 -6.84 35.89 -11.58
C ALA D 331 -7.49 35.45 -12.89
N SER D 332 -7.50 36.33 -13.89
CA SER D 332 -8.06 36.01 -15.21
C SER D 332 -7.48 34.72 -15.79
N GLN D 333 -6.23 34.41 -15.45
CA GLN D 333 -5.62 33.17 -15.91
C GLN D 333 -6.30 31.95 -15.31
N ALA D 334 -6.80 32.06 -14.08
CA ALA D 334 -7.48 30.95 -13.43
C ALA D 334 -8.84 30.68 -14.06
N VAL D 335 -9.59 31.73 -14.41
CA VAL D 335 -10.84 31.52 -15.13
C VAL D 335 -10.58 30.87 -16.48
N ASP D 336 -9.54 31.32 -17.20
CA ASP D 336 -9.23 30.77 -18.52
C ASP D 336 -8.96 29.28 -18.45
N TYR D 337 -8.14 28.86 -17.47
CA TYR D 337 -7.87 27.44 -17.31
C TYR D 337 -9.15 26.64 -17.08
N LEU D 338 -10.07 27.16 -16.26
CA LEU D 338 -11.29 26.43 -15.92
C LEU D 338 -12.39 26.58 -16.95
N TYR D 339 -12.32 27.60 -17.80
CA TYR D 339 -13.39 27.87 -18.76
C TYR D 339 -13.77 26.66 -19.60
N PRO D 340 -12.84 25.92 -20.22
CA PRO D 340 -13.28 24.77 -21.03
C PRO D 340 -14.03 23.75 -20.22
N PHE D 341 -13.68 23.59 -18.94
CA PHE D 341 -14.39 22.66 -18.07
C PHE D 341 -15.73 23.20 -17.60
N TYR D 342 -15.94 24.52 -17.63
CA TYR D 342 -17.31 24.99 -17.42
C TYR D 342 -18.17 24.69 -18.63
N LEU D 343 -17.59 24.73 -19.83
CA LEU D 343 -18.29 24.30 -21.03
C LEU D 343 -18.63 22.82 -20.96
N ASN D 344 -17.66 21.99 -20.55
CA ASN D 344 -17.82 20.54 -20.54
C ASN D 344 -17.21 19.97 -19.28
N PRO D 345 -17.96 19.92 -18.18
CA PRO D 345 -17.41 19.40 -16.91
C PRO D 345 -16.92 17.97 -17.01
N GLU D 346 -17.43 17.18 -17.96
CA GLU D 346 -17.02 15.78 -18.08
C GLU D 346 -15.56 15.62 -18.47
N ASP D 347 -14.94 16.65 -19.04
CA ASP D 347 -13.55 16.57 -19.44
C ASP D 347 -12.58 16.82 -18.28
N TRP D 348 -13.08 17.08 -17.07
CA TRP D 348 -12.22 17.36 -15.93
C TRP D 348 -11.36 16.14 -15.57
N LYS D 349 -10.06 16.36 -15.44
CA LYS D 349 -9.05 15.31 -15.33
C LYS D 349 -8.56 15.08 -13.91
N PHE D 350 -9.17 15.71 -12.92
CA PHE D 350 -8.79 15.50 -11.53
C PHE D 350 -9.98 15.00 -10.75
N LYS D 351 -9.72 14.56 -9.52
CA LYS D 351 -10.75 13.92 -8.71
C LYS D 351 -11.95 14.85 -8.47
N GLN D 352 -13.15 14.33 -8.74
CA GLN D 352 -14.41 15.05 -8.58
C GLN D 352 -15.47 13.97 -8.31
N ILE D 353 -15.54 13.55 -7.03
CA ILE D 353 -16.31 12.38 -6.61
C ILE D 353 -17.79 12.61 -6.47
N LYS D 354 -18.28 13.82 -6.74
CA LYS D 354 -19.69 14.10 -6.95
C LYS D 354 -19.79 14.96 -8.19
N PRO D 355 -20.94 14.94 -8.88
CA PRO D 355 -21.05 15.72 -10.11
C PRO D 355 -20.98 17.20 -9.80
N PHE D 356 -20.32 17.94 -10.69
CA PHE D 356 -20.18 19.39 -10.56
C PHE D 356 -21.36 20.10 -11.20
N ASP D 357 -21.93 21.06 -10.47
CA ASP D 357 -23.07 21.85 -10.92
C ASP D 357 -22.59 22.98 -11.83
N GLN D 358 -22.72 22.78 -13.14
CA GLN D 358 -22.31 23.77 -14.14
C GLN D 358 -22.99 25.12 -13.93
N SER D 359 -24.19 25.14 -13.36
CA SER D 359 -24.96 26.38 -13.26
C SER D 359 -24.25 27.43 -12.41
N ARG D 360 -23.42 27.02 -11.45
CA ARG D 360 -22.76 28.02 -10.61
C ARG D 360 -21.72 28.82 -11.37
N ALA D 361 -21.32 28.36 -12.55
CA ALA D 361 -20.43 29.14 -13.39
C ALA D 361 -21.12 30.37 -13.97
N ALA D 362 -22.46 30.43 -13.89
CA ALA D 362 -23.21 31.50 -14.55
C ALA D 362 -22.84 32.85 -13.97
N ILE D 363 -23.06 33.04 -12.66
CA ILE D 363 -22.74 34.31 -12.04
C ILE D 363 -21.23 34.55 -12.06
N LEU D 364 -20.46 33.50 -11.78
CA LEU D 364 -19.00 33.63 -11.77
C LEU D 364 -18.47 34.10 -13.13
N LEU D 365 -18.87 33.45 -14.22
CA LEU D 365 -18.40 33.87 -15.53
C LEU D 365 -18.97 35.22 -15.93
N TYR D 366 -20.17 35.56 -15.47
CA TYR D 366 -20.68 36.90 -15.74
C TYR D 366 -19.83 37.95 -15.02
N GLU D 367 -19.56 37.73 -13.75
CA GLU D 367 -18.75 38.68 -12.98
C GLU D 367 -17.34 38.80 -13.58
N ALA D 368 -16.65 37.68 -13.78
CA ALA D 368 -15.31 37.76 -14.36
C ALA D 368 -15.37 38.31 -15.77
N GLY D 369 -16.41 37.96 -16.53
CA GLY D 369 -16.50 38.40 -17.91
C GLY D 369 -16.70 39.91 -18.03
N THR D 370 -17.63 40.47 -17.27
CA THR D 370 -17.83 41.91 -17.32
C THR D 370 -16.60 42.65 -16.78
N ALA D 371 -15.99 42.12 -15.72
CA ALA D 371 -14.79 42.75 -15.15
C ALA D 371 -13.58 42.69 -16.10
N LEU D 372 -13.50 41.69 -16.97
CA LEU D 372 -12.36 41.54 -17.86
C LEU D 372 -12.65 42.03 -19.27
N GLY D 373 -13.88 42.45 -19.55
CA GLY D 373 -14.27 42.78 -20.91
C GLY D 373 -14.23 41.58 -21.84
N ASN D 374 -14.39 40.37 -21.30
CA ASN D 374 -14.30 39.14 -22.10
C ASN D 374 -15.72 38.78 -22.49
N GLN D 375 -16.07 39.07 -23.75
CA GLN D 375 -17.45 38.93 -24.21
C GLN D 375 -17.89 37.46 -24.28
N LYS D 376 -16.98 36.52 -24.54
CA LYS D 376 -17.34 35.11 -24.57
C LYS D 376 -17.74 34.60 -23.18
N TYR D 377 -17.07 35.08 -22.13
CA TYR D 377 -17.46 34.68 -20.78
C TYR D 377 -18.89 35.12 -20.50
N VAL D 378 -19.24 36.33 -20.88
CA VAL D 378 -20.60 36.83 -20.64
C VAL D 378 -21.61 36.04 -21.47
N ASP D 379 -21.27 35.74 -22.73
CA ASP D 379 -22.17 34.94 -23.57
C ASP D 379 -22.41 33.56 -22.97
N THR D 380 -21.34 32.88 -22.56
CA THR D 380 -21.52 31.59 -21.91
C THR D 380 -22.34 31.75 -20.63
N ALA D 381 -22.07 32.83 -19.88
CA ALA D 381 -22.82 33.06 -18.64
C ALA D 381 -24.31 33.21 -18.93
N LYS D 382 -24.67 33.90 -20.01
CA LYS D 382 -26.08 33.99 -20.34
C LYS D 382 -26.60 32.69 -20.91
N ARG D 383 -25.76 31.94 -21.63
CA ARG D 383 -26.25 30.71 -22.23
C ARG D 383 -26.53 29.66 -21.15
N ILE D 384 -25.60 29.50 -20.19
CA ILE D 384 -25.90 28.71 -19.00
C ILE D 384 -27.11 29.28 -18.28
N GLY D 385 -27.06 30.58 -17.98
CA GLY D 385 -28.21 31.29 -17.47
C GLY D 385 -28.62 30.94 -16.05
N LEU D 386 -29.59 31.69 -15.54
CA LEU D 386 -30.26 31.38 -14.29
C LEU D 386 -31.75 31.30 -14.56
N LYS D 387 -32.45 30.49 -13.75
CA LYS D 387 -33.88 30.35 -13.94
C LYS D 387 -34.60 31.63 -13.52
N TYR D 388 -35.44 32.15 -14.42
CA TYR D 388 -36.08 33.43 -14.18
C TYR D 388 -36.85 33.44 -12.87
N SER D 389 -37.50 32.34 -12.51
CA SER D 389 -38.38 32.31 -11.36
C SER D 389 -37.72 31.72 -10.11
N THR D 390 -36.41 31.52 -10.13
CA THR D 390 -35.76 30.91 -8.98
C THR D 390 -35.93 31.78 -7.74
N SER D 391 -36.03 31.12 -6.59
CA SER D 391 -36.11 31.80 -5.31
C SER D 391 -34.76 31.95 -4.64
N ASP D 392 -33.68 31.49 -5.27
CA ASP D 392 -32.34 31.63 -4.70
C ASP D 392 -32.00 33.11 -4.54
N VAL D 393 -31.83 33.58 -3.29
CA VAL D 393 -31.77 35.03 -3.02
C VAL D 393 -30.51 35.64 -3.62
N GLU D 394 -29.47 34.85 -3.78
CA GLU D 394 -28.19 35.29 -4.33
C GLU D 394 -28.28 35.66 -5.81
N THR D 395 -29.32 35.21 -6.51
CA THR D 395 -29.50 35.56 -7.92
C THR D 395 -30.36 36.81 -8.12
N ILE D 396 -30.79 37.47 -7.03
CA ILE D 396 -31.67 38.63 -7.17
C ILE D 396 -31.09 39.71 -8.09
N PRO D 397 -29.81 40.08 -7.99
CA PRO D 397 -29.30 41.12 -8.89
C PRO D 397 -29.19 40.70 -10.35
N TYR D 398 -29.27 39.42 -10.68
CA TYR D 398 -28.84 38.97 -12.01
C TYR D 398 -30.01 38.70 -12.97
N LEU D 399 -30.95 39.65 -13.04
CA LEU D 399 -31.93 39.63 -14.14
C LEU D 399 -31.24 39.57 -15.50
N VAL D 400 -30.02 40.12 -15.60
CA VAL D 400 -29.25 40.03 -16.83
C VAL D 400 -28.97 38.57 -17.20
N LEU D 401 -29.05 37.64 -16.25
CA LEU D 401 -28.83 36.23 -16.57
C LEU D 401 -30.12 35.44 -16.68
N LYS D 402 -31.26 36.05 -16.42
CA LYS D 402 -32.52 35.35 -16.39
C LYS D 402 -33.43 35.79 -17.54
C1 LGU E . 8.79 -9.32 -15.81
C2 LGU E . 9.85 -10.19 -15.08
O2 LGU E . 9.35 -10.87 -13.94
C3 LGU E . 10.38 -11.27 -16.01
O3 LGU E . 9.45 -12.32 -16.25
C4 LGU E . 10.80 -10.61 -17.34
O4 LGU E . 12.00 -9.89 -17.14
C5 LGU E . 9.71 -9.69 -17.89
O5 LGU E . 9.39 -8.71 -16.92
C6 LGU E . 10.17 -8.90 -19.14
O6B LGU E . 10.37 -7.69 -18.97
O6A LGU E . 10.30 -9.58 -20.19
O1 LGU E . 7.67 -10.03 -16.25
C1 LGU E . 13.12 -10.63 -17.63
C2 LGU E . 14.27 -9.67 -18.02
O2 LGU E . 13.90 -8.63 -18.89
C3 LGU E . 14.81 -8.97 -16.76
O3 LGU E . 13.75 -8.24 -16.13
C4 LGU E . 15.23 -10.03 -15.73
O4 LGU E . 16.29 -10.78 -16.26
C5 LGU E . 14.01 -10.89 -15.45
O5 LGU E . 13.57 -11.55 -16.65
C6 LGU E . 14.25 -12.01 -14.41
O6B LGU E . 13.98 -13.16 -14.75
O6A LGU E . 14.70 -11.64 -13.30
C1 MAW E . 17.49 -10.64 -15.49
C2 MAW E . 18.35 -11.91 -15.71
O2 MAW E . 18.11 -12.43 -16.99
C3 MAW E . 19.85 -11.58 -15.57
O3 MAW E . 20.57 -12.78 -15.85
C4 MAW E . 20.17 -10.45 -16.52
C5 MAW E . 19.19 -9.58 -16.77
O5 MAW E . 18.15 -9.44 -15.90
C6 MAW E . 19.24 -8.43 -17.79
O6A MAW E . 18.37 -7.54 -17.59
O6B MAW E . 20.07 -8.47 -18.71
C1 LGU F . 40.37 -5.41 9.46
C2 LGU F . 40.01 -6.80 8.92
O2 LGU F . 40.85 -7.19 7.86
C3 LGU F . 40.29 -7.87 9.97
O3 LGU F . 41.67 -7.82 10.28
C4 LGU F . 39.51 -7.58 11.24
O4 LGU F . 38.14 -7.67 10.99
C5 LGU F . 39.98 -6.18 11.70
O5 LGU F . 39.71 -5.21 10.69
C6 LGU F . 39.29 -5.65 12.99
O6B LGU F . 38.16 -5.16 12.85
O6A LGU F . 39.95 -5.77 14.05
O1 LGU F . 41.74 -5.19 9.54
C1 LGU F . 37.64 -9.01 11.23
C2 LGU F . 36.22 -8.88 11.85
O2 LGU F . 36.18 -8.10 13.01
C3 LGU F . 35.29 -8.25 10.82
O3 LGU F . 35.68 -6.93 10.44
C4 LGU F . 35.35 -9.07 9.52
O4 LGU F . 34.82 -10.34 9.76
C5 LGU F . 36.80 -9.17 9.06
O5 LGU F . 37.59 -9.79 10.06
C6 LGU F . 36.94 -10.01 7.78
O6B LGU F . 37.70 -10.98 7.83
O6A LGU F . 36.25 -9.65 6.79
C1 LGU F . 33.63 -10.53 8.98
C2 LGU F . 33.41 -12.05 8.81
O2 LGU F . 33.90 -12.83 9.89
C3 LGU F . 31.93 -12.37 8.62
O3 LGU F . 31.70 -13.76 8.49
C4 LGU F . 31.14 -11.95 9.86
O4 LGU F . 29.86 -11.67 9.38
C5 LGU F . 31.87 -10.80 10.56
O5 LGU F . 32.51 -9.94 9.62
C6 LGU F . 31.14 -9.94 11.64
O6B LGU F . 31.40 -8.74 11.65
O6A LGU F . 30.38 -10.53 12.44
C1 LGU G . -40.71 7.24 -10.74
C2 LGU G . -40.32 7.80 -9.37
O2 LGU G . -40.67 9.16 -9.27
C3 LGU G . -41.03 7.08 -8.22
O3 LGU G . -42.38 7.51 -8.04
C4 LGU G . -40.98 5.56 -8.41
O4 LGU G . -39.68 5.13 -8.05
C5 LGU G . -41.24 5.14 -9.86
O5 LGU G . -40.42 5.87 -10.76
C6 LGU G . -40.83 3.67 -10.11
O6B LGU G . -39.74 3.50 -10.66
O6A LGU G . -41.63 2.78 -9.70
O1 LGU G . -42.03 7.52 -11.13
C1 LGU G . -39.59 4.78 -6.66
C2 LGU G . -38.51 3.67 -6.50
O2 LGU G . -38.65 2.64 -7.43
C3 LGU G . -37.09 4.23 -6.66
O3 LGU G . -36.81 4.61 -8.01
C4 LGU G . -36.87 5.46 -5.80
O4 LGU G . -36.90 5.09 -4.44
C5 LGU G . -37.97 6.47 -6.15
O5 LGU G . -39.26 5.92 -5.88
C6 LGU G . -37.87 7.81 -5.37
O6B LGU G . -38.91 8.28 -4.93
O6A LGU G . -36.71 8.30 -5.26
C1 LGU G . -35.64 5.38 -3.80
C2 LGU G . -35.93 5.63 -2.30
O2 LGU G . -37.11 4.98 -1.83
C3 LGU G . -34.76 5.19 -1.41
O3 LGU G . -35.09 5.32 -0.03
C4 LGU G . -34.41 3.72 -1.63
O4 LGU G . -33.02 3.61 -1.50
C5 LGU G . -34.94 3.28 -3.00
O5 LGU G . -34.72 4.30 -3.95
C6 LGU G . -34.48 1.93 -3.62
O6B LGU G . -34.43 1.88 -4.86
O6A LGU G . -34.21 0.99 -2.82
C1 LGU H . -8.56 22.22 6.25
C2 LGU H . -9.08 22.91 4.97
O2 LGU H . -8.09 23.56 4.22
C3 LGU H . -9.68 21.88 4.01
O3 LGU H . -8.70 20.93 3.57
C4 LGU H . -10.78 21.13 4.76
O4 LGU H . -11.77 22.05 5.18
C5 LGU H . -10.13 20.45 5.97
O5 LGU H . -9.57 21.41 6.84
C6 LGU H . -11.21 19.64 6.74
O6B LGU H . -11.30 19.74 7.96
O6A LGU H . -11.93 18.92 6.00
C1 MAW H . -13.01 21.84 4.49
C2 MAW H . -14.16 22.42 5.32
O2 MAW H . -13.72 23.56 6.01
C3 MAW H . -15.32 22.81 4.39
O3 MAW H . -16.33 23.35 5.21
C4 MAW H . -14.77 23.78 3.39
C5 MAW H . -13.50 23.62 3.00
O5 MAW H . -12.86 22.45 3.22
C6 MAW H . -12.75 24.50 2.01
O6A MAW H . -13.22 25.62 1.76
O6B MAW H . -11.71 24.01 1.54
C1 GOL I . 13.15 -14.82 27.71
O1 GOL I . 13.56 -14.85 26.34
C2 GOL I . 12.91 -16.21 28.30
O2 GOL I . 14.02 -17.08 27.97
C3 GOL I . 12.71 -16.03 29.82
O3 GOL I . 12.28 -17.24 30.45
C1 GOL J . -18.43 45.15 -10.60
C1 GOL J . -19.82 46.44 -7.85
O1 GOL J . -18.96 44.07 -9.88
O1 GOL J . -18.65 45.96 -7.25
C2 GOL J . -19.16 46.46 -10.33
C2 GOL J . -19.65 46.52 -9.35
O2 GOL J . -20.48 46.21 -9.87
O2 GOL J . -20.92 46.68 -9.94
C3 GOL J . -18.38 47.34 -9.34
C3 GOL J . -18.70 47.64 -9.75
O3 GOL J . -19.04 48.57 -9.11
O3 GOL J . -19.06 48.81 -9.03
#